data_6BYZ
#
_entry.id   6BYZ
#
_cell.length_a   264.486
_cell.length_b   264.486
_cell.length_c   91.094
_cell.angle_alpha   90.000
_cell.angle_beta   90.000
_cell.angle_gamma   120.000
#
_symmetry.space_group_name_H-M   'P 65'
#
loop_
_entity.id
_entity.type
_entity.pdbx_description
1 polymer 'Insulin-degrading enzyme'
2 polymer ALA-ALA-ALA
3 non-polymer "[(8R,9S,10S)-9-(2',3'-dimethyl[1,1'-biphenyl]-4-yl)-6-{[2-(trifluoromethyl)phenyl]sulfonyl}-1,6-diazabicyclo[6.2.0]decan-10-yl]methanol"
4 non-polymer '4-(2-HYDROXYETHYL)-1-PIPERAZINE ETHANESULFONIC ACID'
5 water water
#
loop_
_entity_poly.entity_id
_entity_poly.type
_entity_poly.pdbx_seq_one_letter_code
_entity_poly.pdbx_strand_id
1 'polypeptide(L)'
;MRYRLAWLLHPALPSTFRSVLGARLPPPERLCGFQKKTYSKMNNPAIKRIGNHITKSPEDKREYRGLELANGIKVLLISD
PTTDKSSAALDVHIGSLSDPPNIAGLSHFLQHMLFLGTKKYPKENEYSQFLSEHAGSSNAFTSGEHTNYYFDVSHEHLEG
ALDRFAQFFLSPLFDESAKDREVNAVDSEHEKNVMNDAWRLFQLEKATGNPKHPFSKFGTGNKYTLETRPNQEGIDVRQE
LLKFHSAYYSSNLMAVVVLGRESLDDLTNLVVKLFSEVENKNVPLPEFPEHPFQEEHLKQLYKIVPIKDIRNLYVTFPIP
DLQKYYKSNPGHYLGHLIGHEGPGSLLSELKSKGWVNTLVGGQKEGARGFMFFIINVDLTEEGLLHVEDIILHMFQYIQK
LRAEGPQEWVFQELKDLNAVAFRFKDKERPRGYTSKIAGILHYYPLEEVLTAEYLLEEFRPDLIEMVLDKLRPENVRVAI
VSKSFEGKTDRTEEWYGTQYKQEAIPDEVIKKWQNADLNGKFKLPTKNEFIPTNFEILPLEKEATPYPALIKDTAMSKLW
FKQDDKFFLPKANLNFEFFSPFAYVDPLHSNMAYLYLELLKDSLNEYAYAAELAGLSYDLQNTIYGMYLSVKGYNDKQPI
LLKKIIEKMATFEIDEKRFEIIKEAYMRSLNNFRAEQPHQHAMYYLRLLMTEVAWTKDELKEALDDVTLPRLKAFIPQLL
SRLHIEALLHGNITKQAALGIMQMVEDTLIEHAHTKPLLPSQLVRYREVQLPDRGWFVYQQRNEVHNNSGIEIYYQTDMQ
STSENMFLELFAQIISEPAFNTLRTKEQLGYIVFSGPRRANGIQGLRFIIQSEKPPHYLESRVEAFLITMEKSIEDMTEE
AFQKHIQALAIRRLDKPKKLSAESAKYWGEIISQQYNFDRDNTEVAYLKTLTKEDIIKFYKEMLAVDAPRRHKVSVHVLA
REMDSNPVVGEFPAQNDINLSQAPALPQPEVIQNMTEFKRGLPLFPLVKPHINFMAAKL
;
A,B
2 'polypeptide(L)' AAA D,E
#
loop_
_chem_comp.id
_chem_comp.type
_chem_comp.name
_chem_comp.formula
EPE non-polymer '4-(2-HYDROXYETHYL)-1-PIPERAZINE ETHANESULFONIC ACID' 'C8 H18 N2 O4 S'
J18 non-polymer [(8R,9S,10S)-9-(2',3'-dimethyl[1,1'-biphenyl]-4-yl)-6-{[2-(trifluoromethyl)phenyl]sulfonyl}-1,6-diazabicyclo[6.2.0]decan-10-yl]methanol 'C30 H33 F3 N2 O3 S'
#
# COMPACT_ATOMS: atom_id res chain seq x y z
N ASN A 43 27.67 -24.96 -16.42
CA ASN A 43 27.99 -24.82 -15.01
C ASN A 43 26.74 -24.68 -14.15
N ASN A 44 25.85 -23.77 -14.54
CA ASN A 44 24.69 -23.42 -13.70
C ASN A 44 23.69 -24.57 -13.62
N PRO A 45 23.29 -24.99 -12.40
CA PRO A 45 22.32 -26.09 -12.28
C PRO A 45 20.88 -25.66 -12.45
N ALA A 46 20.58 -24.37 -12.27
CA ALA A 46 19.20 -23.88 -12.41
C ALA A 46 18.74 -23.81 -13.85
N ILE A 47 19.66 -23.90 -14.80
CA ILE A 47 19.37 -23.76 -16.21
C ILE A 47 19.64 -25.08 -16.90
N LYS A 48 18.65 -25.58 -17.65
CA LYS A 48 18.87 -26.81 -18.41
C LYS A 48 19.67 -26.55 -19.68
N ARG A 49 19.49 -25.39 -20.32
CA ARG A 49 20.29 -25.08 -21.50
C ARG A 49 20.07 -23.64 -21.90
N ILE A 50 21.01 -23.12 -22.68
CA ILE A 50 20.92 -21.80 -23.29
C ILE A 50 20.85 -22.03 -24.78
N GLY A 51 19.99 -21.32 -25.44
CA GLY A 51 19.88 -21.54 -26.85
C GLY A 51 20.95 -20.83 -27.62
N ASN A 52 20.98 -21.12 -28.91
CA ASN A 52 21.95 -20.50 -29.79
C ASN A 52 21.41 -19.13 -30.19
N HIS A 53 22.15 -18.43 -31.04
CA HIS A 53 21.68 -17.16 -31.57
C HIS A 53 20.21 -17.24 -31.95
N ILE A 54 19.41 -16.32 -31.40
CA ILE A 54 17.98 -16.25 -31.70
C ILE A 54 17.79 -15.39 -32.95
N THR A 55 17.46 -16.04 -34.06
CA THR A 55 17.36 -15.38 -35.36
C THR A 55 16.36 -14.24 -35.35
N LYS A 56 16.82 -13.06 -35.77
CA LYS A 56 15.98 -11.87 -35.74
C LYS A 56 16.16 -11.07 -37.02
N SER A 57 15.29 -10.08 -37.21
CA SER A 57 15.46 -9.19 -38.35
C SER A 57 16.71 -8.33 -38.17
N PRO A 58 17.45 -8.07 -39.25
CA PRO A 58 18.62 -7.19 -39.14
C PRO A 58 18.28 -5.76 -38.80
N GLU A 59 17.00 -5.40 -38.84
CA GLU A 59 16.54 -4.08 -38.43
C GLU A 59 16.16 -4.03 -36.96
N ASP A 60 16.06 -5.19 -36.32
CA ASP A 60 15.68 -5.27 -34.92
C ASP A 60 16.91 -4.97 -34.08
N LYS A 61 16.84 -3.90 -33.30
CA LYS A 61 17.98 -3.53 -32.48
C LYS A 61 17.91 -4.14 -31.09
N ARG A 62 16.81 -4.80 -30.77
CA ARG A 62 16.66 -5.48 -29.49
C ARG A 62 17.58 -6.71 -29.44
N GLU A 63 17.87 -7.17 -28.23
CA GLU A 63 18.79 -8.28 -28.01
C GLU A 63 18.05 -9.44 -27.35
N TYR A 64 18.31 -10.67 -27.81
CA TYR A 64 17.52 -11.82 -27.41
C TYR A 64 18.39 -12.96 -26.89
N ARG A 65 17.94 -13.58 -25.81
CA ARG A 65 18.47 -14.85 -25.35
C ARG A 65 17.32 -15.79 -25.01
N GLY A 66 17.45 -17.05 -25.41
CA GLY A 66 16.47 -18.07 -25.10
C GLY A 66 17.11 -19.13 -24.22
N LEU A 67 16.31 -19.74 -23.36
CA LEU A 67 16.84 -20.80 -22.52
C LEU A 67 15.69 -21.62 -21.95
N GLU A 68 16.03 -22.81 -21.45
CA GLU A 68 15.10 -23.70 -20.77
C GLU A 68 15.57 -23.86 -19.33
N LEU A 69 14.66 -23.62 -18.38
CA LEU A 69 15.03 -23.74 -16.99
C LEU A 69 15.12 -25.20 -16.58
N ALA A 70 15.71 -25.45 -15.42
CA ALA A 70 15.84 -26.82 -14.93
C ALA A 70 14.48 -27.48 -14.76
N ASN A 71 13.49 -26.70 -14.32
CA ASN A 71 12.14 -27.24 -14.17
C ASN A 71 11.37 -27.34 -15.48
N GLY A 72 11.97 -26.96 -16.61
CA GLY A 72 11.31 -27.12 -17.89
C GLY A 72 10.66 -25.88 -18.47
N ILE A 73 10.66 -24.75 -17.75
CA ILE A 73 10.08 -23.54 -18.32
C ILE A 73 10.92 -23.08 -19.49
N LYS A 74 10.26 -22.85 -20.63
CA LYS A 74 10.91 -22.27 -21.79
C LYS A 74 10.84 -20.75 -21.63
N VAL A 75 11.96 -20.07 -21.88
CA VAL A 75 12.11 -18.66 -21.57
C VAL A 75 12.76 -17.92 -22.74
N LEU A 76 12.22 -16.75 -23.07
CA LEU A 76 12.90 -15.81 -23.97
C LEU A 76 13.11 -14.49 -23.24
N LEU A 77 14.32 -13.97 -23.27
CA LEU A 77 14.67 -12.71 -22.66
C LEU A 77 14.89 -11.66 -23.75
N ILE A 78 14.26 -10.51 -23.62
CA ILE A 78 14.39 -9.42 -24.58
C ILE A 78 14.96 -8.20 -23.86
N SER A 79 16.13 -7.75 -24.31
CA SER A 79 16.80 -6.58 -23.73
C SER A 79 16.70 -5.41 -24.71
N ASP A 80 16.01 -4.35 -24.26
CA ASP A 80 15.82 -3.14 -25.07
C ASP A 80 16.17 -1.96 -24.17
N PRO A 81 17.40 -1.47 -24.24
CA PRO A 81 17.82 -0.37 -23.34
C PRO A 81 17.05 0.93 -23.56
N THR A 82 16.38 1.09 -24.70
CA THR A 82 15.61 2.30 -24.98
C THR A 82 14.19 2.28 -24.41
N THR A 83 13.63 1.09 -24.16
CA THR A 83 12.20 0.96 -23.89
C THR A 83 11.78 1.76 -22.67
N ASP A 84 10.63 2.42 -22.79
CA ASP A 84 10.08 3.16 -21.66
C ASP A 84 9.30 2.26 -20.72
N LYS A 85 8.62 1.25 -21.25
CA LYS A 85 7.85 0.31 -20.44
C LYS A 85 8.48 -1.06 -20.55
N SER A 86 8.68 -1.73 -19.43
CA SER A 86 9.09 -3.12 -19.42
C SER A 86 7.86 -4.03 -19.39
N SER A 87 8.08 -5.32 -19.62
CA SER A 87 6.95 -6.23 -19.81
C SER A 87 7.36 -7.66 -19.55
N ALA A 88 6.40 -8.46 -19.07
CA ALA A 88 6.60 -9.89 -18.96
C ALA A 88 5.28 -10.61 -19.22
N ALA A 89 5.38 -11.86 -19.67
CA ALA A 89 4.20 -12.67 -19.90
C ALA A 89 4.53 -14.13 -19.61
N LEU A 90 3.53 -14.87 -19.12
CA LEU A 90 3.65 -16.29 -18.89
C LEU A 90 2.47 -16.98 -19.55
N ASP A 91 2.76 -18.08 -20.24
CA ASP A 91 1.74 -18.87 -20.95
C ASP A 91 1.79 -20.29 -20.44
N VAL A 92 0.64 -20.80 -20.00
CA VAL A 92 0.48 -22.17 -19.55
C VAL A 92 -0.24 -22.92 -20.66
N HIS A 93 0.32 -24.07 -21.04
CA HIS A 93 -0.32 -24.85 -22.10
C HIS A 93 -1.52 -25.65 -21.59
N ILE A 94 -2.37 -25.03 -20.77
CA ILE A 94 -3.62 -25.65 -20.32
C ILE A 94 -4.74 -24.64 -20.52
N GLY A 95 -5.92 -25.14 -20.86
CA GLY A 95 -7.06 -24.27 -21.12
C GLY A 95 -8.40 -24.99 -21.01
N SER A 96 -9.43 -24.35 -21.56
CA SER A 96 -10.81 -24.76 -21.29
C SER A 96 -11.06 -26.20 -21.67
N LEU A 97 -10.33 -26.71 -22.66
CA LEU A 97 -10.49 -28.11 -23.03
C LEU A 97 -10.19 -29.04 -21.86
N SER A 98 -9.42 -28.57 -20.88
CA SER A 98 -9.08 -29.34 -19.70
C SER A 98 -9.98 -29.03 -18.52
N ASP A 99 -11.10 -28.36 -18.74
CA ASP A 99 -12.02 -28.07 -17.65
C ASP A 99 -12.65 -29.37 -17.16
N PRO A 100 -12.82 -29.53 -15.85
CA PRO A 100 -13.62 -30.64 -15.37
C PRO A 100 -15.01 -30.58 -15.99
N PRO A 101 -15.54 -31.71 -16.46
CA PRO A 101 -16.86 -31.67 -17.09
C PRO A 101 -17.96 -31.19 -16.16
N ASN A 102 -17.82 -31.40 -14.84
CA ASN A 102 -18.83 -30.95 -13.89
C ASN A 102 -18.66 -29.51 -13.46
N ILE A 103 -17.54 -28.86 -13.77
CA ILE A 103 -17.36 -27.44 -13.46
C ILE A 103 -16.94 -26.68 -14.69
N ALA A 104 -17.89 -26.34 -15.56
CA ALA A 104 -17.57 -25.69 -16.82
C ALA A 104 -17.01 -24.30 -16.59
N GLY A 105 -15.95 -23.98 -17.32
CA GLY A 105 -15.30 -22.68 -17.24
C GLY A 105 -14.36 -22.50 -16.09
N LEU A 106 -13.94 -23.59 -15.43
CA LEU A 106 -13.10 -23.46 -14.24
C LEU A 106 -11.75 -22.82 -14.56
N SER A 107 -11.15 -23.17 -15.71
CA SER A 107 -9.83 -22.60 -16.01
C SER A 107 -9.92 -21.11 -16.31
N HIS A 108 -11.02 -20.68 -16.96
CA HIS A 108 -11.22 -19.25 -17.15
C HIS A 108 -11.44 -18.55 -15.82
N PHE A 109 -12.17 -19.20 -14.90
CA PHE A 109 -12.37 -18.63 -13.58
C PHE A 109 -11.06 -18.54 -12.81
N LEU A 110 -10.24 -19.59 -12.88
CA LEU A 110 -8.94 -19.58 -12.20
C LEU A 110 -8.08 -18.41 -12.69
N GLN A 111 -8.16 -18.09 -13.99
CA GLN A 111 -7.43 -16.94 -14.52
C GLN A 111 -7.81 -15.66 -13.78
N HIS A 112 -9.12 -15.41 -13.60
CA HIS A 112 -9.56 -14.22 -12.88
C HIS A 112 -9.04 -14.20 -11.45
N MET A 113 -8.89 -15.37 -10.83
CA MET A 113 -8.61 -15.42 -9.39
C MET A 113 -7.15 -15.16 -9.06
N LEU A 114 -6.22 -15.42 -10.00
CA LEU A 114 -4.81 -15.27 -9.66
C LEU A 114 -4.44 -13.82 -9.37
N PHE A 115 -5.17 -12.86 -9.96
CA PHE A 115 -4.92 -11.45 -9.70
C PHE A 115 -5.32 -11.03 -8.28
N LEU A 116 -6.17 -11.80 -7.61
CA LEU A 116 -6.82 -11.36 -6.39
C LEU A 116 -6.09 -11.76 -5.11
N GLY A 117 -4.86 -12.21 -5.18
CA GLY A 117 -4.01 -12.36 -4.00
C GLY A 117 -3.21 -13.65 -3.86
N THR A 118 -2.04 -13.54 -3.22
CA THR A 118 -1.12 -14.65 -3.02
C THR A 118 -0.55 -14.60 -1.60
N LYS A 119 0.17 -15.68 -1.25
CA LYS A 119 0.74 -15.80 0.09
C LYS A 119 1.73 -14.66 0.39
N LYS A 120 2.65 -14.38 -0.54
CA LYS A 120 3.61 -13.28 -0.34
C LYS A 120 2.95 -11.91 -0.42
N TYR A 121 1.94 -11.74 -1.27
CA TYR A 121 1.27 -10.44 -1.46
C TYR A 121 -0.23 -10.66 -1.32
N PRO A 122 -0.73 -10.71 -0.08
CA PRO A 122 -2.12 -11.12 0.17
C PRO A 122 -3.20 -10.08 -0.19
N LYS A 123 -2.88 -8.79 -0.24
CA LYS A 123 -3.91 -7.77 -0.48
C LYS A 123 -4.63 -8.05 -1.80
N GLU A 124 -5.97 -8.06 -1.80
CA GLU A 124 -6.69 -8.52 -2.98
C GLU A 124 -6.23 -7.78 -4.24
N ASN A 125 -5.92 -6.48 -4.12
CA ASN A 125 -5.57 -5.65 -5.28
C ASN A 125 -4.12 -5.15 -5.27
N GLU A 126 -3.21 -5.80 -4.53
CA GLU A 126 -1.82 -5.36 -4.52
C GLU A 126 -1.22 -5.36 -5.93
N TYR A 127 -1.59 -6.33 -6.75
CA TYR A 127 -1.03 -6.42 -8.08
C TYR A 127 -1.54 -5.26 -8.95
N SER A 128 -2.86 -5.09 -9.04
CA SER A 128 -3.42 -3.96 -9.80
C SER A 128 -2.82 -2.66 -9.30
N GLN A 129 -2.83 -2.46 -7.98
CA GLN A 129 -2.40 -1.18 -7.44
C GLN A 129 -0.93 -0.91 -7.75
N PHE A 130 -0.09 -1.94 -7.66
CA PHE A 130 1.33 -1.74 -7.94
C PHE A 130 1.54 -1.30 -9.38
N LEU A 131 0.85 -1.94 -10.32
CA LEU A 131 1.00 -1.54 -11.72
C LEU A 131 0.47 -0.12 -11.94
N SER A 132 -0.68 0.21 -11.35
CA SER A 132 -1.28 1.51 -11.63
C SER A 132 -0.35 2.64 -11.21
N GLU A 133 0.29 2.51 -10.05
CA GLU A 133 1.15 3.57 -9.53
C GLU A 133 2.53 3.55 -10.14
N HIS A 134 2.77 2.67 -11.11
CA HIS A 134 4.05 2.59 -11.82
C HIS A 134 3.83 2.49 -13.31
N ALA A 135 2.74 3.09 -13.80
CA ALA A 135 2.45 3.22 -15.23
C ALA A 135 2.23 1.87 -15.93
N GLY A 136 1.70 0.89 -15.20
CA GLY A 136 1.51 -0.44 -15.72
C GLY A 136 0.05 -0.80 -16.01
N SER A 137 -0.09 -1.93 -16.68
CA SER A 137 -1.38 -2.54 -16.96
C SER A 137 -1.18 -4.04 -17.05
N SER A 138 -2.28 -4.77 -16.99
CA SER A 138 -2.19 -6.23 -17.04
C SER A 138 -3.47 -6.77 -17.65
N ASN A 139 -3.40 -8.02 -18.09
CA ASN A 139 -4.61 -8.74 -18.50
C ASN A 139 -4.24 -10.20 -18.76
N ALA A 140 -5.25 -10.98 -19.09
CA ALA A 140 -5.08 -12.40 -19.35
C ALA A 140 -6.24 -12.87 -20.21
N PHE A 141 -6.03 -14.01 -20.87
CA PHE A 141 -7.09 -14.65 -21.65
C PHE A 141 -6.92 -16.16 -21.55
N THR A 142 -8.00 -16.88 -21.80
CA THR A 142 -8.02 -18.34 -21.76
C THR A 142 -8.51 -18.84 -23.11
N SER A 143 -7.71 -19.69 -23.76
CA SER A 143 -8.14 -20.39 -24.96
C SER A 143 -8.39 -21.85 -24.61
N GLY A 144 -8.71 -22.66 -25.61
CA GLY A 144 -8.95 -24.07 -25.34
C GLY A 144 -7.73 -24.78 -24.77
N GLU A 145 -6.53 -24.35 -25.20
CA GLU A 145 -5.30 -25.02 -24.81
C GLU A 145 -4.29 -24.14 -24.09
N HIS A 146 -4.61 -22.88 -23.79
CA HIS A 146 -3.62 -21.98 -23.21
C HIS A 146 -4.28 -21.03 -22.23
N THR A 147 -3.50 -20.61 -21.24
CA THR A 147 -3.86 -19.46 -20.42
C THR A 147 -2.67 -18.52 -20.40
N ASN A 148 -2.88 -17.29 -20.88
CA ASN A 148 -1.83 -16.32 -21.15
C ASN A 148 -2.00 -15.13 -20.21
N TYR A 149 -0.96 -14.82 -19.43
CA TYR A 149 -0.94 -13.71 -18.48
C TYR A 149 0.17 -12.74 -18.86
N TYR A 150 -0.13 -11.44 -18.83
CA TYR A 150 0.87 -10.47 -19.26
C TYR A 150 0.67 -9.12 -18.59
N PHE A 151 1.74 -8.35 -18.50
CA PHE A 151 1.70 -6.99 -17.96
C PHE A 151 2.81 -6.15 -18.58
N ASP A 152 2.66 -4.83 -18.46
CA ASP A 152 3.73 -3.87 -18.70
C ASP A 152 3.79 -2.88 -17.53
N VAL A 153 4.94 -2.22 -17.40
CA VAL A 153 5.17 -1.31 -16.28
C VAL A 153 6.35 -0.41 -16.63
N SER A 154 6.48 0.71 -15.91
CA SER A 154 7.64 1.57 -16.05
C SER A 154 8.92 0.74 -16.00
N HIS A 155 9.88 1.06 -16.87
CA HIS A 155 11.06 0.22 -17.00
C HIS A 155 11.87 0.13 -15.71
N GLU A 156 11.71 1.11 -14.81
CA GLU A 156 12.44 1.09 -13.55
C GLU A 156 11.86 0.11 -12.55
N HIS A 157 10.62 -0.34 -12.74
CA HIS A 157 9.96 -1.19 -11.76
C HIS A 157 9.63 -2.57 -12.30
N LEU A 158 10.45 -3.07 -13.23
CA LEU A 158 10.22 -4.41 -13.77
C LEU A 158 10.24 -5.46 -12.67
N GLU A 159 11.27 -5.42 -11.83
CA GLU A 159 11.46 -6.47 -10.83
C GLU A 159 10.32 -6.47 -9.81
N GLY A 160 9.89 -5.29 -9.37
CA GLY A 160 8.77 -5.23 -8.46
C GLY A 160 7.51 -5.82 -9.07
N ALA A 161 7.24 -5.50 -10.34
CA ALA A 161 6.10 -6.09 -11.02
C ALA A 161 6.28 -7.60 -11.19
N LEU A 162 7.47 -8.03 -11.62
CA LEU A 162 7.66 -9.44 -11.93
C LEU A 162 7.55 -10.30 -10.67
N ASP A 163 8.03 -9.80 -9.53
CA ASP A 163 7.96 -10.57 -8.29
C ASP A 163 6.51 -10.83 -7.89
N ARG A 164 5.70 -9.77 -7.85
CA ARG A 164 4.28 -9.93 -7.57
C ARG A 164 3.64 -10.88 -8.56
N PHE A 165 4.06 -10.80 -9.82
CA PHE A 165 3.50 -11.59 -10.90
C PHE A 165 3.86 -13.06 -10.76
N ALA A 166 5.10 -13.36 -10.35
CA ALA A 166 5.50 -14.75 -10.25
C ALA A 166 4.66 -15.48 -9.21
N GLN A 167 4.17 -14.78 -8.20
CA GLN A 167 3.47 -15.49 -7.14
C GLN A 167 2.15 -16.07 -7.63
N PHE A 168 1.62 -15.59 -8.76
CA PHE A 168 0.43 -16.19 -9.33
C PHE A 168 0.61 -17.69 -9.51
N PHE A 169 1.84 -18.13 -9.76
CA PHE A 169 2.12 -19.50 -10.14
C PHE A 169 2.86 -20.26 -9.05
N LEU A 170 2.75 -19.80 -7.81
CA LEU A 170 3.45 -20.41 -6.69
C LEU A 170 2.53 -20.64 -5.50
N SER A 171 1.91 -19.58 -4.98
CA SER A 171 1.02 -19.71 -3.83
C SER A 171 -0.12 -18.70 -3.93
N PRO A 172 -1.10 -18.95 -4.80
CA PRO A 172 -2.28 -18.09 -4.87
C PRO A 172 -3.27 -18.41 -3.76
N LEU A 173 -3.95 -17.37 -3.27
CA LEU A 173 -4.82 -17.51 -2.10
C LEU A 173 -6.16 -18.18 -2.43
N PHE A 174 -6.80 -17.77 -3.52
CA PHE A 174 -8.18 -18.19 -3.82
C PHE A 174 -9.08 -17.90 -2.62
N ASP A 175 -9.03 -16.65 -2.15
CA ASP A 175 -9.83 -16.25 -1.00
C ASP A 175 -11.31 -16.53 -1.25
N GLU A 176 -12.01 -17.02 -0.21
CA GLU A 176 -13.42 -17.36 -0.36
C GLU A 176 -14.27 -16.12 -0.62
N SER A 177 -13.96 -14.98 0.02
CA SER A 177 -14.71 -13.77 -0.26
C SER A 177 -14.49 -13.30 -1.70
N ALA A 178 -13.25 -13.43 -2.19
CA ALA A 178 -13.01 -13.07 -3.59
C ALA A 178 -13.73 -14.03 -4.52
N LYS A 179 -13.72 -15.32 -4.20
CA LYS A 179 -14.39 -16.30 -5.05
C LYS A 179 -15.87 -15.97 -5.20
N ASP A 180 -16.54 -15.60 -4.11
CA ASP A 180 -17.96 -15.28 -4.19
C ASP A 180 -18.20 -14.03 -5.05
N ARG A 181 -17.36 -13.01 -4.90
CA ARG A 181 -17.56 -11.77 -5.63
C ARG A 181 -17.23 -11.95 -7.12
N GLU A 182 -16.10 -12.57 -7.42
CA GLU A 182 -15.64 -12.62 -8.81
C GLU A 182 -16.51 -13.49 -9.70
N VAL A 183 -17.28 -14.42 -9.12
CA VAL A 183 -18.20 -15.20 -9.93
C VAL A 183 -19.14 -14.30 -10.71
N ASN A 184 -19.48 -13.13 -10.15
CA ASN A 184 -20.39 -12.22 -10.83
C ASN A 184 -19.74 -11.59 -12.05
N ALA A 185 -18.46 -11.21 -11.93
CA ALA A 185 -17.75 -10.68 -13.10
C ALA A 185 -17.79 -11.67 -14.26
N VAL A 186 -17.66 -12.97 -13.96
CA VAL A 186 -17.74 -13.98 -15.01
C VAL A 186 -19.15 -14.07 -15.59
N ASP A 187 -20.17 -13.98 -14.73
CA ASP A 187 -21.53 -14.06 -15.24
C ASP A 187 -21.88 -12.90 -16.16
N SER A 188 -21.52 -11.68 -15.77
CA SER A 188 -21.87 -10.55 -16.63
C SER A 188 -21.08 -10.60 -17.94
N GLU A 189 -19.85 -11.13 -17.92
CA GLU A 189 -19.12 -11.30 -19.17
C GLU A 189 -19.88 -12.24 -20.09
N HIS A 190 -20.36 -13.37 -19.57
CA HIS A 190 -21.17 -14.27 -20.38
C HIS A 190 -22.44 -13.57 -20.85
N GLU A 191 -23.12 -12.89 -19.93
CA GLU A 191 -24.36 -12.21 -20.32
C GLU A 191 -24.12 -11.30 -21.51
N LYS A 192 -23.05 -10.51 -21.45
CA LYS A 192 -22.68 -9.64 -22.56
C LYS A 192 -22.60 -10.43 -23.87
N ASN A 193 -22.13 -11.68 -23.82
CA ASN A 193 -21.94 -12.48 -25.02
C ASN A 193 -23.19 -13.18 -25.51
N VAL A 194 -24.26 -13.22 -24.72
CA VAL A 194 -25.39 -14.10 -25.02
C VAL A 194 -26.10 -13.69 -26.31
N MET A 195 -26.31 -12.38 -26.51
CA MET A 195 -26.99 -11.88 -27.71
C MET A 195 -26.02 -11.46 -28.79
N ASN A 196 -24.79 -11.96 -28.76
CA ASN A 196 -23.78 -11.67 -29.77
C ASN A 196 -23.74 -12.81 -30.78
N ASP A 197 -23.94 -12.47 -32.06
CA ASP A 197 -24.11 -13.53 -33.06
C ASP A 197 -22.84 -14.38 -33.23
N ALA A 198 -21.66 -13.79 -33.06
CA ALA A 198 -20.43 -14.56 -33.19
C ALA A 198 -20.29 -15.61 -32.11
N TRP A 199 -20.49 -15.22 -30.84
CA TRP A 199 -20.36 -16.18 -29.75
C TRP A 199 -21.35 -17.31 -29.88
N ARG A 200 -22.58 -16.98 -30.32
CA ARG A 200 -23.61 -18.00 -30.50
C ARG A 200 -23.20 -19.01 -31.56
N LEU A 201 -22.67 -18.52 -32.68
CA LEU A 201 -22.14 -19.42 -33.71
C LEU A 201 -20.94 -20.20 -33.17
N PHE A 202 -20.04 -19.53 -32.44
CA PHE A 202 -18.88 -20.21 -31.87
C PHE A 202 -19.30 -21.42 -31.04
N GLN A 203 -20.24 -21.25 -30.11
CA GLN A 203 -20.66 -22.37 -29.28
C GLN A 203 -21.59 -23.32 -30.02
N LEU A 204 -22.33 -22.84 -31.02
CA LEU A 204 -23.20 -23.74 -31.77
C LEU A 204 -22.38 -24.79 -32.51
N GLU A 205 -21.20 -24.40 -33.00
CA GLU A 205 -20.35 -25.38 -33.66
C GLU A 205 -19.94 -26.48 -32.69
N LYS A 206 -19.46 -26.09 -31.51
CA LYS A 206 -19.06 -27.08 -30.52
C LYS A 206 -20.23 -27.99 -30.15
N ALA A 207 -21.45 -27.46 -30.18
CA ALA A 207 -22.62 -28.21 -29.77
C ALA A 207 -23.08 -29.23 -30.81
N THR A 208 -22.69 -29.06 -32.07
CA THR A 208 -23.14 -29.94 -33.15
C THR A 208 -22.09 -30.96 -33.56
N GLY A 209 -20.99 -31.08 -32.81
CA GLY A 209 -20.03 -32.14 -33.00
C GLY A 209 -20.19 -33.23 -31.97
N ASN A 210 -19.24 -34.17 -32.00
CA ASN A 210 -19.21 -35.27 -31.05
C ASN A 210 -19.37 -34.77 -29.62
N PRO A 211 -20.47 -35.06 -28.94
CA PRO A 211 -20.66 -34.52 -27.59
C PRO A 211 -19.70 -35.10 -26.60
N LYS A 212 -19.12 -36.28 -26.89
CA LYS A 212 -18.13 -36.91 -26.03
C LYS A 212 -16.76 -36.26 -26.13
N HIS A 213 -16.56 -35.39 -27.11
CA HIS A 213 -15.30 -34.71 -27.40
C HIS A 213 -15.19 -33.44 -26.57
N PRO A 214 -14.02 -33.15 -26.00
CA PRO A 214 -13.85 -31.92 -25.22
C PRO A 214 -14.17 -30.65 -26.00
N PHE A 215 -14.20 -30.71 -27.33
CA PHE A 215 -14.51 -29.54 -28.13
C PHE A 215 -15.88 -28.97 -27.79
N SER A 216 -16.79 -29.81 -27.27
CA SER A 216 -18.16 -29.40 -26.93
C SER A 216 -18.26 -28.57 -25.66
N LYS A 217 -17.20 -28.50 -24.85
CA LYS A 217 -17.27 -27.87 -23.54
C LYS A 217 -17.65 -26.39 -23.68
N PHE A 218 -18.47 -25.91 -22.75
CA PHE A 218 -18.73 -24.48 -22.62
C PHE A 218 -17.54 -23.84 -21.91
N GLY A 219 -16.88 -22.89 -22.57
CA GLY A 219 -15.61 -22.42 -22.07
C GLY A 219 -15.69 -21.29 -21.08
N THR A 220 -16.64 -20.37 -21.27
CA THR A 220 -16.67 -19.14 -20.47
C THR A 220 -17.04 -19.42 -19.02
N GLY A 221 -18.06 -20.22 -18.79
CA GLY A 221 -18.64 -20.32 -17.47
C GLY A 221 -19.55 -19.15 -17.15
N ASN A 222 -20.37 -19.34 -16.11
CA ASN A 222 -21.25 -18.28 -15.64
C ASN A 222 -21.63 -18.59 -14.20
N LYS A 223 -22.53 -17.78 -13.62
CA LYS A 223 -22.91 -17.98 -12.23
C LYS A 223 -23.48 -19.38 -12.00
N TYR A 224 -24.18 -19.92 -12.99
CA TYR A 224 -24.76 -21.26 -12.83
C TYR A 224 -23.69 -22.33 -12.75
N THR A 225 -22.74 -22.33 -13.69
CA THR A 225 -21.74 -23.39 -13.73
C THR A 225 -20.68 -23.24 -12.65
N LEU A 226 -20.44 -22.02 -12.16
CA LEU A 226 -19.35 -21.78 -11.23
C LEU A 226 -19.79 -21.66 -9.77
N GLU A 227 -21.08 -21.49 -9.51
CA GLU A 227 -21.54 -21.33 -8.12
C GLU A 227 -22.81 -22.12 -7.85
N THR A 228 -23.93 -21.69 -8.43
CA THR A 228 -25.22 -22.26 -8.05
C THR A 228 -25.25 -23.76 -8.25
N ARG A 229 -24.72 -24.26 -9.38
CA ARG A 229 -24.77 -25.69 -9.65
C ARG A 229 -23.77 -26.47 -8.81
N PRO A 230 -22.50 -26.03 -8.73
CA PRO A 230 -21.57 -26.72 -7.83
C PRO A 230 -22.02 -26.70 -6.37
N ASN A 231 -22.81 -25.69 -5.97
CA ASN A 231 -23.31 -25.66 -4.60
C ASN A 231 -24.30 -26.78 -4.35
N GLN A 232 -25.16 -27.07 -5.32
CA GLN A 232 -26.15 -28.12 -5.15
C GLN A 232 -25.57 -29.51 -5.37
N GLU A 233 -24.31 -29.60 -5.80
CA GLU A 233 -23.63 -30.89 -5.92
C GLU A 233 -22.53 -31.05 -4.88
N GLY A 234 -22.49 -30.16 -3.89
CA GLY A 234 -21.55 -30.32 -2.79
C GLY A 234 -20.09 -30.07 -3.12
N ILE A 235 -19.82 -29.37 -4.20
CA ILE A 235 -18.44 -29.06 -4.59
C ILE A 235 -17.96 -27.82 -3.82
N ASP A 236 -16.74 -27.90 -3.31
CA ASP A 236 -16.08 -26.73 -2.71
C ASP A 236 -15.20 -26.13 -3.81
N VAL A 237 -15.63 -25.01 -4.38
CA VAL A 237 -14.93 -24.49 -5.55
C VAL A 237 -13.51 -24.08 -5.19
N ARG A 238 -13.29 -23.52 -4.00
CA ARG A 238 -11.93 -23.16 -3.65
C ARG A 238 -11.04 -24.40 -3.68
N GLN A 239 -11.60 -25.57 -3.33
CA GLN A 239 -10.84 -26.81 -3.42
C GLN A 239 -10.52 -27.15 -4.86
N GLU A 240 -11.52 -27.03 -5.74
CA GLU A 240 -11.31 -27.41 -7.13
C GLU A 240 -10.35 -26.46 -7.83
N LEU A 241 -10.38 -25.18 -7.46
CA LEU A 241 -9.37 -24.23 -7.93
C LEU A 241 -7.98 -24.65 -7.49
N LEU A 242 -7.80 -24.98 -6.21
CA LEU A 242 -6.46 -25.42 -5.77
C LEU A 242 -6.10 -26.76 -6.39
N LYS A 243 -7.06 -27.68 -6.47
CA LYS A 243 -6.81 -28.95 -7.14
C LYS A 243 -6.31 -28.72 -8.56
N PHE A 244 -7.04 -27.90 -9.32
CA PHE A 244 -6.72 -27.67 -10.73
C PHE A 244 -5.40 -26.93 -10.89
N HIS A 245 -5.19 -25.87 -10.12
CA HIS A 245 -3.94 -25.11 -10.16
C HIS A 245 -2.75 -26.03 -9.88
N SER A 246 -2.86 -26.84 -8.81
CA SER A 246 -1.77 -27.74 -8.44
C SER A 246 -1.54 -28.81 -9.49
N ALA A 247 -2.62 -29.29 -10.11
CA ALA A 247 -2.50 -30.38 -11.07
C ALA A 247 -1.84 -29.95 -12.36
N TYR A 248 -2.24 -28.78 -12.88
CA TYR A 248 -1.90 -28.40 -14.24
C TYR A 248 -0.93 -27.24 -14.35
N TYR A 249 -0.89 -26.34 -13.37
CA TYR A 249 0.05 -25.22 -13.42
C TYR A 249 1.43 -25.74 -13.04
N SER A 250 1.98 -26.54 -13.95
CA SER A 250 3.28 -27.17 -13.76
C SER A 250 4.32 -26.51 -14.66
N SER A 251 5.55 -26.42 -14.15
CA SER A 251 6.61 -25.71 -14.86
C SER A 251 6.87 -26.31 -16.25
N ASN A 252 6.67 -27.63 -16.43
CA ASN A 252 6.95 -28.24 -17.72
C ASN A 252 5.99 -27.78 -18.80
N LEU A 253 4.88 -27.15 -18.43
CA LEU A 253 3.90 -26.64 -19.39
C LEU A 253 3.91 -25.12 -19.52
N MET A 254 4.96 -24.46 -19.04
CA MET A 254 5.01 -23.01 -18.99
C MET A 254 6.10 -22.42 -19.87
N ALA A 255 5.78 -21.28 -20.48
CA ALA A 255 6.74 -20.45 -21.20
C ALA A 255 6.65 -19.02 -20.66
N VAL A 256 7.81 -18.39 -20.50
CA VAL A 256 7.92 -17.05 -19.95
C VAL A 256 8.73 -16.18 -20.90
N VAL A 257 8.31 -14.92 -21.03
CA VAL A 257 9.05 -13.92 -21.79
C VAL A 257 9.13 -12.65 -20.96
N VAL A 258 10.33 -12.09 -20.87
CA VAL A 258 10.56 -10.87 -20.10
C VAL A 258 11.37 -9.91 -20.95
N LEU A 259 10.94 -8.65 -20.98
CA LEU A 259 11.58 -7.62 -21.79
C LEU A 259 11.79 -6.38 -20.93
N GLY A 260 13.04 -5.92 -20.87
CA GLY A 260 13.36 -4.72 -20.10
C GLY A 260 14.71 -4.14 -20.50
N ARG A 261 15.05 -3.01 -19.88
CA ARG A 261 16.32 -2.35 -20.19
C ARG A 261 17.53 -3.13 -19.68
N GLU A 262 17.35 -4.00 -18.69
CA GLU A 262 18.47 -4.74 -18.12
C GLU A 262 19.19 -5.55 -19.19
N SER A 263 20.46 -5.85 -18.91
CA SER A 263 21.26 -6.68 -19.79
C SER A 263 20.65 -8.07 -19.92
N LEU A 264 21.11 -8.81 -20.92
CA LEU A 264 20.63 -10.17 -21.06
C LEU A 264 21.07 -11.03 -19.87
N ASP A 265 22.28 -10.79 -19.37
CA ASP A 265 22.74 -11.51 -18.18
C ASP A 265 21.90 -11.15 -16.96
N ASP A 266 21.58 -9.86 -16.80
CA ASP A 266 20.78 -9.46 -15.64
C ASP A 266 19.39 -10.07 -15.71
N LEU A 267 18.75 -10.03 -16.88
CA LEU A 267 17.43 -10.65 -17.01
C LEU A 267 17.49 -12.15 -16.74
N THR A 268 18.59 -12.80 -17.14
CA THR A 268 18.72 -14.23 -16.90
C THR A 268 18.70 -14.53 -15.41
N ASN A 269 19.53 -13.83 -14.63
CA ASN A 269 19.52 -14.02 -13.19
C ASN A 269 18.14 -13.76 -12.62
N LEU A 270 17.49 -12.71 -13.10
CA LEU A 270 16.19 -12.34 -12.56
C LEU A 270 15.16 -13.43 -12.76
N VAL A 271 15.17 -14.07 -13.93
CA VAL A 271 14.13 -15.05 -14.20
C VAL A 271 14.37 -16.34 -13.43
N VAL A 272 15.63 -16.78 -13.31
CA VAL A 272 15.87 -17.97 -12.50
C VAL A 272 15.55 -17.68 -11.04
N LYS A 273 15.86 -16.47 -10.58
CA LYS A 273 15.54 -16.07 -9.21
C LYS A 273 14.06 -16.28 -8.92
N LEU A 274 13.19 -15.82 -9.81
CA LEU A 274 11.76 -15.82 -9.53
C LEU A 274 11.04 -17.08 -9.99
N PHE A 275 11.51 -17.77 -11.03
CA PHE A 275 10.74 -18.88 -11.59
C PHE A 275 11.34 -20.26 -11.41
N SER A 276 12.54 -20.39 -10.87
CA SER A 276 13.06 -21.72 -10.56
C SER A 276 12.23 -22.39 -9.48
N GLU A 277 11.60 -21.59 -8.61
CA GLU A 277 10.80 -22.14 -7.52
C GLU A 277 9.61 -22.94 -8.03
N VAL A 278 9.06 -22.57 -9.20
CA VAL A 278 7.87 -23.25 -9.73
C VAL A 278 8.13 -24.73 -9.83
N GLU A 279 7.17 -25.52 -9.35
CA GLU A 279 7.37 -26.96 -9.20
C GLU A 279 7.04 -27.68 -10.50
N ASN A 280 7.79 -28.75 -10.78
CA ASN A 280 7.62 -29.53 -12.00
C ASN A 280 6.89 -30.82 -11.66
N LYS A 281 5.65 -30.97 -12.16
CA LYS A 281 4.87 -32.18 -11.97
C LYS A 281 4.75 -33.03 -13.23
N ASN A 282 5.60 -32.78 -14.23
CA ASN A 282 5.66 -33.56 -15.46
C ASN A 282 4.28 -33.93 -15.99
N VAL A 283 3.43 -32.92 -16.09
CA VAL A 283 2.08 -33.16 -16.61
C VAL A 283 2.16 -33.49 -18.09
N PRO A 284 1.55 -34.58 -18.54
CA PRO A 284 1.51 -34.83 -19.99
C PRO A 284 0.66 -33.79 -20.69
N LEU A 285 1.12 -33.36 -21.85
CA LEU A 285 0.44 -32.33 -22.61
C LEU A 285 -0.80 -32.90 -23.28
N PRO A 286 -1.97 -32.31 -23.08
CA PRO A 286 -3.20 -32.85 -23.67
C PRO A 286 -3.13 -32.86 -25.19
N GLU A 287 -3.68 -33.92 -25.78
CA GLU A 287 -3.78 -34.07 -27.23
C GLU A 287 -5.16 -34.58 -27.60
N PHE A 288 -5.63 -34.18 -28.78
CA PHE A 288 -6.98 -34.48 -29.25
C PHE A 288 -6.90 -35.00 -30.68
N PRO A 289 -6.40 -36.23 -30.84
CA PRO A 289 -6.17 -36.76 -32.19
C PRO A 289 -7.45 -37.09 -32.95
N GLU A 290 -8.53 -37.40 -32.25
CA GLU A 290 -9.79 -37.75 -32.88
C GLU A 290 -10.57 -36.46 -33.14
N HIS A 291 -10.98 -36.26 -34.39
CA HIS A 291 -11.62 -35.00 -34.76
C HIS A 291 -12.99 -34.88 -34.09
N PRO A 292 -13.40 -33.67 -33.70
CA PRO A 292 -14.74 -33.50 -33.13
C PRO A 292 -15.86 -33.83 -34.12
N PHE A 293 -15.59 -33.71 -35.42
CA PHE A 293 -16.58 -33.98 -36.45
C PHE A 293 -16.25 -35.32 -37.08
N GLN A 294 -17.06 -36.32 -36.76
CA GLN A 294 -16.94 -37.67 -37.30
C GLN A 294 -17.91 -37.80 -38.48
N GLU A 295 -18.08 -39.03 -38.97
CA GLU A 295 -18.85 -39.19 -40.20
C GLU A 295 -20.29 -38.73 -40.02
N GLU A 296 -20.90 -39.03 -38.87
CA GLU A 296 -22.28 -38.65 -38.65
C GLU A 296 -22.47 -37.14 -38.64
N HIS A 297 -21.39 -36.38 -38.51
CA HIS A 297 -21.47 -34.93 -38.48
C HIS A 297 -21.17 -34.29 -39.83
N LEU A 298 -21.02 -35.09 -40.88
CA LEU A 298 -20.70 -34.55 -42.20
C LEU A 298 -21.91 -34.66 -43.13
N LYS A 299 -21.80 -33.98 -44.26
CA LYS A 299 -22.93 -33.80 -45.18
C LYS A 299 -24.15 -33.27 -44.44
N GLN A 300 -23.91 -32.33 -43.53
CA GLN A 300 -24.93 -31.76 -42.65
C GLN A 300 -25.18 -30.29 -42.97
N LEU A 301 -26.44 -29.88 -42.88
CA LEU A 301 -26.85 -28.49 -43.10
C LEU A 301 -27.51 -27.96 -41.84
N TYR A 302 -27.21 -26.70 -41.50
CA TYR A 302 -27.78 -26.08 -40.32
C TYR A 302 -28.39 -24.74 -40.69
N LYS A 303 -29.64 -24.53 -40.33
CA LYS A 303 -30.34 -23.28 -40.59
C LYS A 303 -30.50 -22.56 -39.25
N ILE A 304 -29.96 -21.35 -39.15
CA ILE A 304 -29.74 -20.68 -37.88
C ILE A 304 -30.37 -19.30 -37.91
N VAL A 305 -31.02 -18.93 -36.81
CA VAL A 305 -31.67 -17.63 -36.67
C VAL A 305 -30.70 -16.67 -35.97
N PRO A 306 -30.35 -15.56 -36.58
CA PRO A 306 -29.47 -14.59 -35.93
C PRO A 306 -30.25 -13.59 -35.09
N ILE A 307 -29.50 -12.85 -34.28
CA ILE A 307 -30.07 -11.71 -33.58
C ILE A 307 -30.05 -10.47 -34.46
N LYS A 308 -28.89 -10.11 -35.00
CA LYS A 308 -28.85 -9.06 -36.01
C LYS A 308 -29.44 -9.58 -37.32
N ASP A 309 -29.86 -8.65 -38.18
CA ASP A 309 -30.38 -9.00 -39.51
C ASP A 309 -29.20 -9.16 -40.46
N ILE A 310 -28.70 -10.39 -40.56
CA ILE A 310 -27.55 -10.72 -41.39
C ILE A 310 -27.85 -11.99 -42.17
N ARG A 311 -27.20 -12.12 -43.33
CA ARG A 311 -27.27 -13.30 -44.17
C ARG A 311 -25.87 -13.82 -44.40
N ASN A 312 -25.60 -15.04 -43.93
CA ASN A 312 -24.26 -15.58 -44.01
C ASN A 312 -24.28 -17.07 -44.31
N LEU A 313 -23.25 -17.51 -45.03
CA LEU A 313 -23.07 -18.90 -45.41
C LEU A 313 -21.70 -19.36 -44.93
N TYR A 314 -21.66 -20.43 -44.14
CA TYR A 314 -20.43 -20.99 -43.60
C TYR A 314 -20.27 -22.41 -44.13
N VAL A 315 -19.17 -22.64 -44.85
CA VAL A 315 -18.79 -23.97 -45.36
C VAL A 315 -17.51 -24.40 -44.66
N THR A 316 -17.53 -25.59 -44.06
CA THR A 316 -16.42 -26.08 -43.27
C THR A 316 -16.07 -27.51 -43.66
N PHE A 317 -14.77 -27.79 -43.66
CA PHE A 317 -14.23 -29.12 -43.85
C PHE A 317 -13.32 -29.48 -42.69
N PRO A 318 -13.50 -30.64 -42.07
CA PRO A 318 -12.50 -31.10 -41.10
C PRO A 318 -11.21 -31.50 -41.81
N ILE A 319 -10.10 -31.11 -41.21
CA ILE A 319 -8.77 -31.39 -41.76
C ILE A 319 -7.85 -31.83 -40.62
N PRO A 320 -6.75 -32.48 -40.95
CA PRO A 320 -5.75 -32.80 -39.93
C PRO A 320 -5.02 -31.56 -39.43
N ASP A 321 -4.33 -31.74 -38.30
CA ASP A 321 -3.55 -30.66 -37.71
C ASP A 321 -2.35 -30.37 -38.61
N LEU A 322 -2.32 -29.20 -39.22
CA LEU A 322 -1.26 -28.80 -40.11
C LEU A 322 -0.12 -28.04 -39.42
N GLN A 323 -0.24 -27.80 -38.11
CA GLN A 323 0.77 -27.02 -37.38
C GLN A 323 2.18 -27.57 -37.61
N LYS A 324 2.35 -28.90 -37.58
CA LYS A 324 3.70 -29.43 -37.69
C LYS A 324 4.35 -29.01 -39.00
N TYR A 325 3.54 -28.78 -40.03
CA TYR A 325 4.05 -28.39 -41.34
C TYR A 325 4.31 -26.89 -41.47
N TYR A 326 4.80 -26.23 -40.43
CA TYR A 326 4.82 -24.77 -40.48
C TYR A 326 5.83 -24.23 -41.49
N LYS A 327 6.90 -24.97 -41.76
CA LYS A 327 7.88 -24.48 -42.73
C LYS A 327 7.35 -24.52 -44.15
N SER A 328 6.32 -25.33 -44.37
CA SER A 328 5.67 -25.48 -45.66
C SER A 328 4.38 -24.66 -45.76
N ASN A 329 3.55 -24.71 -44.73
CA ASN A 329 2.30 -23.97 -44.63
C ASN A 329 1.32 -24.31 -45.76
N PRO A 330 0.99 -25.59 -45.93
CA PRO A 330 0.07 -25.95 -47.03
C PRO A 330 -1.28 -25.29 -46.92
N GLY A 331 -1.86 -25.26 -45.72
CA GLY A 331 -3.18 -24.68 -45.57
C GLY A 331 -3.25 -23.22 -45.94
N HIS A 332 -2.19 -22.48 -45.66
CA HIS A 332 -2.17 -21.05 -45.98
C HIS A 332 -2.04 -20.83 -47.48
N TYR A 333 -1.30 -21.69 -48.18
CA TYR A 333 -1.27 -21.63 -49.63
C TYR A 333 -2.69 -21.73 -50.19
N LEU A 334 -3.46 -22.71 -49.71
CA LEU A 334 -4.81 -22.88 -50.21
C LEU A 334 -5.71 -21.72 -49.78
N GLY A 335 -5.53 -21.21 -48.57
CA GLY A 335 -6.32 -20.06 -48.13
C GLY A 335 -6.05 -18.84 -48.98
N HIS A 336 -4.79 -18.66 -49.41
CA HIS A 336 -4.43 -17.54 -50.27
C HIS A 336 -5.16 -17.61 -51.61
N LEU A 337 -5.29 -18.81 -52.17
CA LEU A 337 -5.90 -18.95 -53.49
C LEU A 337 -7.43 -18.91 -53.40
N ILE A 338 -8.01 -19.74 -52.54
CA ILE A 338 -9.46 -19.76 -52.42
C ILE A 338 -9.98 -18.41 -51.96
N GLY A 339 -9.25 -17.77 -51.04
CA GLY A 339 -9.68 -16.47 -50.53
C GLY A 339 -9.32 -15.27 -51.37
N HIS A 340 -8.64 -15.45 -52.49
CA HIS A 340 -8.21 -14.34 -53.31
C HIS A 340 -9.41 -13.51 -53.77
N GLU A 341 -9.20 -12.20 -53.94
CA GLU A 341 -10.28 -11.30 -54.35
C GLU A 341 -9.99 -10.61 -55.67
N GLY A 342 -8.92 -11.01 -56.37
CA GLY A 342 -8.55 -10.37 -57.62
C GLY A 342 -9.22 -10.97 -58.84
N PRO A 343 -8.83 -10.49 -60.01
CA PRO A 343 -9.39 -11.01 -61.26
C PRO A 343 -9.27 -12.53 -61.34
N GLY A 344 -10.36 -13.17 -61.75
CA GLY A 344 -10.39 -14.61 -61.94
C GLY A 344 -10.72 -15.39 -60.69
N SER A 345 -10.88 -14.71 -59.56
CA SER A 345 -11.06 -15.34 -58.27
C SER A 345 -12.50 -15.84 -58.10
N LEU A 346 -12.67 -16.73 -57.12
CA LEU A 346 -13.99 -17.23 -56.77
C LEU A 346 -14.92 -16.10 -56.31
N LEU A 347 -14.42 -15.18 -55.49
CA LEU A 347 -15.25 -14.08 -55.04
C LEU A 347 -15.72 -13.24 -56.23
N SER A 348 -14.86 -13.07 -57.22
CA SER A 348 -15.20 -12.20 -58.33
C SER A 348 -16.45 -12.67 -59.05
N GLU A 349 -16.53 -13.98 -59.32
CA GLU A 349 -17.72 -14.49 -59.99
C GLU A 349 -18.95 -14.41 -59.08
N LEU A 350 -18.78 -14.75 -57.80
CA LEU A 350 -19.91 -14.69 -56.88
C LEU A 350 -20.42 -13.26 -56.70
N LYS A 351 -19.53 -12.26 -56.81
CA LYS A 351 -19.96 -10.87 -56.75
C LYS A 351 -20.72 -10.47 -58.01
N SER A 352 -20.21 -10.88 -59.17
CA SER A 352 -20.84 -10.54 -60.45
C SER A 352 -22.25 -11.10 -60.56
N LYS A 353 -22.45 -12.34 -60.11
CA LYS A 353 -23.78 -12.92 -60.06
C LYS A 353 -24.67 -12.26 -59.03
N GLY A 354 -24.15 -11.28 -58.28
CA GLY A 354 -24.95 -10.62 -57.26
C GLY A 354 -25.33 -11.51 -56.11
N TRP A 355 -24.52 -12.52 -55.82
CA TRP A 355 -24.84 -13.52 -54.80
C TRP A 355 -24.15 -13.26 -53.47
N VAL A 356 -22.89 -12.79 -53.48
CA VAL A 356 -22.17 -12.48 -52.27
C VAL A 356 -21.50 -11.11 -52.43
N ASN A 357 -21.07 -10.55 -51.31
CA ASN A 357 -20.32 -9.30 -51.29
C ASN A 357 -18.89 -9.46 -50.79
N THR A 358 -18.68 -10.35 -49.83
CA THR A 358 -17.37 -10.58 -49.24
C THR A 358 -17.18 -12.08 -49.05
N LEU A 359 -15.92 -12.52 -49.08
CA LEU A 359 -15.57 -13.92 -48.90
C LEU A 359 -14.24 -14.02 -48.17
N VAL A 360 -14.17 -14.87 -47.15
CA VAL A 360 -12.89 -15.20 -46.53
C VAL A 360 -12.77 -16.71 -46.44
N GLY A 361 -11.54 -17.20 -46.53
CA GLY A 361 -11.31 -18.63 -46.47
C GLY A 361 -9.91 -18.94 -46.01
N GLY A 362 -9.73 -20.18 -45.57
CA GLY A 362 -8.44 -20.65 -45.13
C GLY A 362 -8.59 -21.59 -43.97
N GLN A 363 -7.46 -21.91 -43.34
CA GLN A 363 -7.45 -22.84 -42.23
C GLN A 363 -7.83 -22.12 -40.94
N LYS A 364 -8.58 -22.82 -40.09
CA LYS A 364 -9.06 -22.33 -38.81
C LYS A 364 -8.56 -23.28 -37.73
N GLU A 365 -7.89 -22.75 -36.71
CA GLU A 365 -7.32 -23.64 -35.71
C GLU A 365 -8.43 -24.28 -34.88
N GLY A 366 -8.14 -25.48 -34.40
CA GLY A 366 -9.02 -26.17 -33.46
C GLY A 366 -8.26 -26.48 -32.19
N ALA A 367 -7.50 -27.57 -32.18
CA ALA A 367 -6.59 -27.86 -31.08
C ALA A 367 -5.57 -28.86 -31.60
N ARG A 368 -4.64 -29.25 -30.72
CA ARG A 368 -3.63 -30.22 -31.11
C ARG A 368 -4.29 -31.51 -31.55
N GLY A 369 -4.21 -31.80 -32.85
CA GLY A 369 -4.77 -33.02 -33.41
C GLY A 369 -5.92 -32.81 -34.36
N PHE A 370 -6.49 -31.61 -34.44
CA PHE A 370 -7.56 -31.37 -35.39
C PHE A 370 -7.59 -29.90 -35.78
N MET A 371 -8.07 -29.63 -36.99
CA MET A 371 -8.13 -28.30 -37.58
C MET A 371 -9.35 -28.26 -38.49
N PHE A 372 -9.65 -27.05 -38.98
CA PHE A 372 -10.75 -26.87 -39.91
C PHE A 372 -10.24 -26.09 -41.11
N PHE A 373 -10.92 -26.28 -42.23
CA PHE A 373 -10.81 -25.38 -43.37
C PHE A 373 -12.20 -24.78 -43.59
N ILE A 374 -12.27 -23.47 -43.75
CA ILE A 374 -13.56 -22.82 -43.82
C ILE A 374 -13.60 -21.84 -44.98
N ILE A 375 -14.80 -21.64 -45.53
CA ILE A 375 -15.10 -20.58 -46.49
C ILE A 375 -16.33 -19.84 -45.97
N ASN A 376 -16.22 -18.51 -45.85
CA ASN A 376 -17.26 -17.67 -45.27
C ASN A 376 -17.61 -16.60 -46.29
N VAL A 377 -18.87 -16.59 -46.73
CA VAL A 377 -19.39 -15.56 -47.60
C VAL A 377 -20.62 -14.98 -46.93
N ASP A 378 -20.82 -13.67 -47.10
CA ASP A 378 -22.10 -13.07 -46.81
C ASP A 378 -23.01 -13.21 -48.02
N LEU A 379 -24.32 -13.15 -47.78
CA LEU A 379 -25.29 -13.38 -48.83
C LEU A 379 -26.10 -12.12 -49.11
N THR A 380 -26.32 -11.86 -50.40
CA THR A 380 -27.34 -10.92 -50.80
C THR A 380 -28.70 -11.60 -50.68
N GLU A 381 -29.77 -10.81 -50.84
CA GLU A 381 -31.09 -11.41 -50.87
C GLU A 381 -31.16 -12.51 -51.93
N GLU A 382 -30.61 -12.25 -53.11
CA GLU A 382 -30.61 -13.25 -54.16
C GLU A 382 -29.75 -14.45 -53.78
N GLY A 383 -28.55 -14.19 -53.24
CA GLY A 383 -27.67 -15.28 -52.85
C GLY A 383 -28.31 -16.27 -51.90
N LEU A 384 -29.14 -15.78 -51.00
CA LEU A 384 -29.80 -16.67 -50.04
C LEU A 384 -30.60 -17.74 -50.77
N LEU A 385 -31.14 -17.41 -51.94
CA LEU A 385 -31.91 -18.34 -52.73
C LEU A 385 -31.05 -19.24 -53.60
N HIS A 386 -29.73 -19.04 -53.61
CA HIS A 386 -28.84 -19.77 -54.52
C HIS A 386 -27.67 -20.40 -53.78
N VAL A 387 -27.87 -20.76 -52.52
CA VAL A 387 -26.77 -21.33 -51.74
C VAL A 387 -26.24 -22.58 -52.42
N GLU A 388 -27.13 -23.39 -52.98
CA GLU A 388 -26.70 -24.61 -53.66
C GLU A 388 -25.76 -24.29 -54.81
N ASP A 389 -26.11 -23.29 -55.62
CA ASP A 389 -25.26 -22.91 -56.74
C ASP A 389 -23.96 -22.27 -56.25
N ILE A 390 -24.05 -21.47 -55.19
CA ILE A 390 -22.85 -20.83 -54.64
C ILE A 390 -21.84 -21.90 -54.21
N ILE A 391 -22.30 -22.92 -53.49
CA ILE A 391 -21.41 -23.99 -53.05
C ILE A 391 -20.84 -24.74 -54.24
N LEU A 392 -21.65 -24.94 -55.30
CA LEU A 392 -21.15 -25.56 -56.52
C LEU A 392 -20.00 -24.74 -57.11
N HIS A 393 -20.17 -23.43 -57.21
CA HIS A 393 -19.07 -22.60 -57.68
C HIS A 393 -17.82 -22.79 -56.83
N MET A 394 -18.01 -22.91 -55.52
CA MET A 394 -16.88 -23.17 -54.63
C MET A 394 -16.17 -24.46 -55.02
N PHE A 395 -16.94 -25.52 -55.25
CA PHE A 395 -16.30 -26.78 -55.62
C PHE A 395 -15.74 -26.75 -57.03
N GLN A 396 -16.32 -25.93 -57.91
CA GLN A 396 -15.74 -25.73 -59.23
C GLN A 396 -14.37 -25.07 -59.13
N TYR A 397 -14.25 -24.02 -58.30
CA TYR A 397 -12.95 -23.38 -58.12
C TYR A 397 -11.94 -24.33 -57.49
N ILE A 398 -12.34 -25.01 -56.43
CA ILE A 398 -11.46 -26.01 -55.84
C ILE A 398 -11.03 -27.02 -56.89
N GLN A 399 -11.95 -27.42 -57.76
CA GLN A 399 -11.60 -28.37 -58.81
C GLN A 399 -10.56 -27.77 -59.75
N LYS A 400 -10.63 -26.48 -60.02
CA LYS A 400 -9.61 -25.87 -60.86
C LYS A 400 -8.24 -26.00 -60.21
N LEU A 401 -8.16 -25.84 -58.89
CA LEU A 401 -6.86 -25.95 -58.23
C LEU A 401 -6.31 -27.37 -58.36
N ARG A 402 -7.16 -28.38 -58.21
CA ARG A 402 -6.72 -29.75 -58.47
C ARG A 402 -6.24 -29.88 -59.91
N ALA A 403 -6.97 -29.30 -60.86
CA ALA A 403 -6.61 -29.43 -62.27
C ALA A 403 -5.21 -28.88 -62.54
N GLU A 404 -4.92 -27.69 -62.01
CA GLU A 404 -3.65 -27.03 -62.33
C GLU A 404 -2.49 -27.54 -61.50
N GLY A 405 -2.74 -28.22 -60.38
CA GLY A 405 -1.69 -28.72 -59.53
C GLY A 405 -0.94 -27.61 -58.79
N PRO A 406 -0.14 -27.97 -57.80
CA PRO A 406 0.57 -26.96 -57.01
C PRO A 406 1.45 -26.06 -57.89
N GLN A 407 1.64 -24.82 -57.43
CA GLN A 407 2.29 -23.78 -58.23
C GLN A 407 3.47 -23.22 -57.46
N GLU A 408 4.69 -23.63 -57.80
CA GLU A 408 5.84 -23.18 -57.02
C GLU A 408 5.98 -21.66 -57.07
N TRP A 409 5.62 -21.03 -58.19
CA TRP A 409 5.71 -19.57 -58.28
C TRP A 409 4.79 -18.90 -57.26
N VAL A 410 3.62 -19.49 -57.02
CA VAL A 410 2.74 -18.98 -55.97
C VAL A 410 3.41 -19.11 -54.62
N PHE A 411 3.96 -20.29 -54.33
CA PHE A 411 4.68 -20.48 -53.08
C PHE A 411 5.80 -19.46 -52.96
N GLN A 412 6.57 -19.28 -54.04
CA GLN A 412 7.68 -18.33 -54.03
C GLN A 412 7.21 -16.92 -53.71
N GLU A 413 6.06 -16.52 -54.26
CA GLU A 413 5.55 -15.18 -54.01
C GLU A 413 5.17 -15.01 -52.54
N LEU A 414 4.44 -15.99 -51.99
CA LEU A 414 4.10 -15.94 -50.57
C LEU A 414 5.37 -15.86 -49.73
N LYS A 415 6.36 -16.68 -50.08
CA LYS A 415 7.62 -16.71 -49.34
C LYS A 415 8.30 -15.34 -49.35
N ASP A 416 8.41 -14.74 -50.54
CA ASP A 416 9.10 -13.46 -50.68
C ASP A 416 8.37 -12.36 -49.91
N LEU A 417 7.04 -12.37 -49.96
CA LEU A 417 6.28 -11.36 -49.23
C LEU A 417 6.47 -11.50 -47.72
N ASN A 418 6.37 -12.74 -47.20
CA ASN A 418 6.61 -12.94 -45.77
C ASN A 418 8.03 -12.55 -45.39
N ALA A 419 9.00 -12.78 -46.28
CA ALA A 419 10.38 -12.41 -45.98
C ALA A 419 10.52 -10.89 -45.85
N VAL A 420 9.93 -10.15 -46.79
CA VAL A 420 9.96 -8.70 -46.71
C VAL A 420 9.27 -8.24 -45.44
N ALA A 421 8.09 -8.81 -45.17
CA ALA A 421 7.33 -8.47 -43.98
C ALA A 421 8.17 -8.63 -42.71
N PHE A 422 8.87 -9.75 -42.58
CA PHE A 422 9.65 -9.98 -41.37
C PHE A 422 10.80 -8.99 -41.24
N ARG A 423 11.45 -8.67 -42.35
CA ARG A 423 12.60 -7.78 -42.32
C ARG A 423 12.20 -6.42 -41.83
N PHE A 424 11.10 -5.89 -42.35
CA PHE A 424 10.67 -4.53 -42.08
C PHE A 424 9.49 -4.47 -41.13
N LYS A 425 9.31 -5.51 -40.32
CA LYS A 425 8.25 -5.55 -39.34
C LYS A 425 8.37 -4.36 -38.39
N ASP A 426 7.23 -3.73 -38.10
CA ASP A 426 7.23 -2.62 -37.14
C ASP A 426 7.57 -3.13 -35.75
N LYS A 427 8.27 -2.30 -34.99
CA LYS A 427 8.59 -2.68 -33.61
C LYS A 427 7.30 -2.72 -32.79
N GLU A 428 7.08 -3.85 -32.11
CA GLU A 428 5.84 -4.11 -31.38
C GLU A 428 5.85 -3.42 -30.02
N ARG A 429 4.66 -3.05 -29.55
CA ARG A 429 4.53 -2.58 -28.18
C ARG A 429 4.89 -3.72 -27.24
N PRO A 430 5.70 -3.47 -26.20
CA PRO A 430 6.25 -4.58 -25.42
C PRO A 430 5.21 -5.57 -24.89
N ARG A 431 4.09 -5.07 -24.34
CA ARG A 431 3.14 -5.96 -23.67
C ARG A 431 2.57 -6.99 -24.64
N GLY A 432 2.15 -6.55 -25.82
CA GLY A 432 1.66 -7.50 -26.81
C GLY A 432 2.75 -8.41 -27.32
N TYR A 433 3.97 -7.91 -27.42
CA TYR A 433 5.07 -8.70 -27.95
C TYR A 433 5.37 -9.90 -27.04
N THR A 434 5.52 -9.67 -25.74
CA THR A 434 5.84 -10.76 -24.84
C THR A 434 4.71 -11.78 -24.79
N SER A 435 3.47 -11.31 -24.81
CA SER A 435 2.33 -12.23 -24.80
C SER A 435 2.32 -13.12 -26.04
N LYS A 436 2.50 -12.55 -27.23
CA LYS A 436 2.54 -13.35 -28.46
C LYS A 436 3.65 -14.41 -28.39
N ILE A 437 4.85 -14.00 -28.02
CA ILE A 437 5.99 -14.90 -28.02
C ILE A 437 5.81 -16.01 -26.98
N ALA A 438 5.25 -15.65 -25.81
CA ALA A 438 5.04 -16.64 -24.76
C ALA A 438 4.20 -17.81 -25.24
N GLY A 439 3.19 -17.53 -26.07
CA GLY A 439 2.36 -18.61 -26.59
C GLY A 439 3.13 -19.49 -27.56
N ILE A 440 3.84 -18.87 -28.51
CA ILE A 440 4.47 -19.67 -29.55
C ILE A 440 5.78 -20.30 -29.11
N LEU A 441 6.26 -19.98 -27.91
CA LEU A 441 7.38 -20.73 -27.38
C LEU A 441 7.02 -22.21 -27.21
N HIS A 442 5.72 -22.52 -27.14
CA HIS A 442 5.26 -23.89 -27.01
C HIS A 442 5.28 -24.67 -28.31
N TYR A 443 5.56 -24.03 -29.44
CA TYR A 443 5.40 -24.65 -30.76
C TYR A 443 6.64 -24.67 -31.62
N TYR A 444 7.69 -23.92 -31.27
CA TYR A 444 8.85 -23.77 -32.15
C TYR A 444 10.12 -23.79 -31.32
N PRO A 445 11.23 -24.21 -31.91
CA PRO A 445 12.52 -24.13 -31.20
C PRO A 445 12.83 -22.72 -30.73
N LEU A 446 13.57 -22.63 -29.63
CA LEU A 446 13.91 -21.31 -29.10
C LEU A 446 14.43 -20.41 -30.21
N GLU A 447 15.35 -20.93 -31.02
CA GLU A 447 16.04 -20.11 -32.00
C GLU A 447 15.11 -19.62 -33.10
N GLU A 448 13.96 -20.26 -33.28
CA GLU A 448 13.04 -19.92 -34.35
C GLU A 448 11.79 -19.16 -33.91
N VAL A 449 11.63 -18.85 -32.61
CA VAL A 449 10.38 -18.24 -32.14
C VAL A 449 10.03 -17.00 -32.96
N LEU A 450 11.03 -16.15 -33.23
CA LEU A 450 10.76 -14.89 -33.91
C LEU A 450 10.42 -15.08 -35.38
N THR A 451 11.00 -16.07 -36.04
CA THR A 451 10.80 -16.26 -37.48
C THR A 451 9.77 -17.34 -37.83
N ALA A 452 9.42 -18.21 -36.89
CA ALA A 452 8.67 -19.41 -37.24
C ALA A 452 7.42 -19.10 -38.03
N GLU A 453 6.71 -18.04 -37.65
CA GLU A 453 5.43 -17.73 -38.26
C GLU A 453 5.57 -16.82 -39.47
N TYR A 454 6.80 -16.42 -39.84
CA TYR A 454 7.01 -15.62 -41.03
C TYR A 454 7.68 -16.41 -42.14
N LEU A 455 8.90 -16.88 -41.91
CA LEU A 455 9.71 -17.36 -43.01
C LEU A 455 9.24 -18.74 -43.46
N LEU A 456 9.27 -18.95 -44.78
CA LEU A 456 8.88 -20.18 -45.44
C LEU A 456 10.10 -20.81 -46.09
N GLU A 457 10.21 -22.12 -45.98
CA GLU A 457 11.39 -22.85 -46.44
C GLU A 457 11.09 -23.91 -47.48
N GLU A 458 10.05 -24.72 -47.29
CA GLU A 458 9.85 -25.95 -48.05
C GLU A 458 8.67 -25.79 -49.00
N PHE A 459 8.91 -26.06 -50.28
CA PHE A 459 7.81 -26.20 -51.23
C PHE A 459 7.35 -27.65 -51.21
N ARG A 460 6.11 -27.89 -50.77
CA ARG A 460 5.64 -29.25 -50.51
C ARG A 460 4.33 -29.50 -51.25
N PRO A 461 4.42 -29.77 -52.54
CA PRO A 461 3.19 -30.06 -53.30
C PRO A 461 2.47 -31.30 -52.81
N ASP A 462 3.15 -32.22 -52.11
CA ASP A 462 2.48 -33.39 -51.55
C ASP A 462 1.48 -32.99 -50.48
N LEU A 463 1.86 -32.04 -49.63
CA LEU A 463 0.94 -31.57 -48.60
C LEU A 463 -0.19 -30.76 -49.20
N ILE A 464 0.09 -30.01 -50.26
CA ILE A 464 -0.95 -29.19 -50.87
C ILE A 464 -2.05 -30.07 -51.44
N GLU A 465 -1.67 -31.14 -52.16
CA GLU A 465 -2.68 -32.07 -52.64
C GLU A 465 -3.34 -32.82 -51.49
N MET A 466 -2.59 -33.06 -50.41
CA MET A 466 -3.15 -33.78 -49.28
C MET A 466 -4.29 -33.01 -48.64
N VAL A 467 -4.07 -31.73 -48.35
CA VAL A 467 -5.12 -30.89 -47.80
C VAL A 467 -6.22 -30.69 -48.83
N LEU A 468 -5.84 -30.50 -50.08
CA LEU A 468 -6.81 -30.30 -51.15
C LEU A 468 -7.75 -31.49 -51.29
N ASP A 469 -7.25 -32.72 -51.08
CA ASP A 469 -8.11 -33.91 -51.13
C ASP A 469 -9.18 -33.92 -50.04
N LYS A 470 -9.05 -33.11 -49.00
CA LYS A 470 -10.04 -33.07 -47.93
C LYS A 470 -11.17 -32.10 -48.21
N LEU A 471 -11.02 -31.20 -49.19
CA LEU A 471 -12.07 -30.24 -49.51
C LEU A 471 -12.98 -30.83 -50.59
N ARG A 472 -13.79 -31.79 -50.15
CA ARG A 472 -14.71 -32.51 -51.02
C ARG A 472 -16.11 -32.56 -50.42
N PRO A 473 -17.15 -32.72 -51.25
CA PRO A 473 -18.52 -32.64 -50.73
C PRO A 473 -18.84 -33.70 -49.68
N GLU A 474 -18.26 -34.90 -49.80
CA GLU A 474 -18.53 -35.95 -48.82
C GLU A 474 -18.03 -35.58 -47.43
N ASN A 475 -17.21 -34.55 -47.32
CA ASN A 475 -16.61 -34.14 -46.06
C ASN A 475 -17.12 -32.79 -45.57
N VAL A 476 -18.25 -32.29 -46.12
CA VAL A 476 -18.61 -30.88 -45.96
C VAL A 476 -19.65 -30.67 -44.86
N ARG A 477 -19.64 -29.46 -44.32
CA ARG A 477 -20.65 -28.98 -43.37
C ARG A 477 -21.06 -27.58 -43.79
N VAL A 478 -22.37 -27.34 -43.84
CA VAL A 478 -22.92 -26.09 -44.35
C VAL A 478 -23.84 -25.47 -43.30
N ALA A 479 -23.66 -24.18 -43.06
CA ALA A 479 -24.47 -23.42 -42.12
C ALA A 479 -24.96 -22.13 -42.79
N ILE A 480 -26.27 -21.89 -42.71
CA ILE A 480 -26.88 -20.68 -43.26
C ILE A 480 -27.47 -19.89 -42.10
N VAL A 481 -27.18 -18.59 -42.06
CA VAL A 481 -27.68 -17.71 -41.02
C VAL A 481 -28.59 -16.70 -41.70
N SER A 482 -29.89 -16.73 -41.36
CA SER A 482 -30.84 -15.78 -41.93
C SER A 482 -32.06 -15.69 -41.03
N LYS A 483 -32.65 -14.49 -40.99
CA LYS A 483 -33.88 -14.30 -40.24
C LYS A 483 -35.04 -15.02 -40.91
N SER A 484 -34.89 -15.40 -42.18
CA SER A 484 -35.93 -16.14 -42.87
C SER A 484 -36.22 -17.49 -42.22
N PHE A 485 -35.34 -17.98 -41.36
CA PHE A 485 -35.55 -19.23 -40.65
C PHE A 485 -36.34 -19.03 -39.36
N GLU A 486 -36.67 -17.78 -39.03
CA GLU A 486 -37.43 -17.50 -37.82
C GLU A 486 -38.77 -18.21 -37.88
N GLY A 487 -39.07 -18.98 -36.83
CA GLY A 487 -40.27 -19.78 -36.76
C GLY A 487 -40.16 -21.16 -37.38
N LYS A 488 -39.14 -21.42 -38.18
CA LYS A 488 -38.99 -22.69 -38.87
C LYS A 488 -37.98 -23.63 -38.21
N THR A 489 -37.43 -23.24 -37.05
CA THR A 489 -36.41 -24.05 -36.38
C THR A 489 -37.04 -24.98 -35.36
N ASP A 490 -36.43 -26.15 -35.18
CA ASP A 490 -36.92 -27.17 -34.26
C ASP A 490 -35.93 -27.52 -33.14
N ARG A 491 -34.79 -26.85 -33.05
CA ARG A 491 -33.82 -27.12 -32.00
C ARG A 491 -33.38 -25.83 -31.33
N THR A 492 -32.78 -25.98 -30.16
CA THR A 492 -32.29 -24.88 -29.36
C THR A 492 -30.95 -25.25 -28.74
N GLU A 493 -29.98 -24.33 -28.82
CA GLU A 493 -28.67 -24.56 -28.23
C GLU A 493 -28.69 -24.16 -26.76
N GLU A 494 -28.11 -25.02 -25.91
CA GLU A 494 -28.29 -24.93 -24.46
C GLU A 494 -27.77 -23.61 -23.88
N TRP A 495 -26.53 -23.24 -24.22
CA TRP A 495 -25.82 -22.20 -23.46
C TRP A 495 -26.24 -20.80 -23.88
N TYR A 496 -26.47 -20.58 -25.17
CA TYR A 496 -26.81 -19.25 -25.68
C TYR A 496 -28.25 -19.15 -26.15
N GLY A 497 -28.95 -20.27 -26.30
CA GLY A 497 -30.32 -20.27 -26.77
C GLY A 497 -30.47 -20.13 -28.26
N THR A 498 -29.42 -20.36 -29.03
CA THR A 498 -29.47 -20.21 -30.48
C THR A 498 -30.52 -21.16 -31.06
N GLN A 499 -31.35 -20.65 -31.95
CA GLN A 499 -32.42 -21.44 -32.54
C GLN A 499 -32.05 -21.86 -33.96
N TYR A 500 -32.14 -23.15 -34.24
CA TYR A 500 -31.63 -23.66 -35.50
C TYR A 500 -32.34 -24.95 -35.88
N LYS A 501 -32.07 -25.39 -37.11
CA LYS A 501 -32.62 -26.60 -37.67
C LYS A 501 -31.48 -27.37 -38.34
N GLN A 502 -31.54 -28.69 -38.25
CA GLN A 502 -30.50 -29.56 -38.82
C GLN A 502 -31.13 -30.52 -39.80
N GLU A 503 -30.61 -30.53 -41.03
CA GLU A 503 -31.04 -31.42 -42.09
C GLU A 503 -29.82 -32.13 -42.66
N ALA A 504 -30.01 -33.35 -43.14
CA ALA A 504 -28.97 -34.00 -43.92
C ALA A 504 -29.00 -33.47 -45.35
N ILE A 505 -27.83 -33.19 -45.89
CA ILE A 505 -27.81 -32.71 -47.27
C ILE A 505 -28.26 -33.84 -48.20
N PRO A 506 -29.20 -33.59 -49.10
CA PRO A 506 -29.68 -34.67 -49.97
C PRO A 506 -28.53 -35.27 -50.76
N ASP A 507 -28.57 -36.59 -50.93
CA ASP A 507 -27.49 -37.27 -51.63
C ASP A 507 -27.35 -36.79 -53.06
N GLU A 508 -28.46 -36.46 -53.72
CA GLU A 508 -28.38 -35.98 -55.09
C GLU A 508 -27.67 -34.62 -55.16
N VAL A 509 -27.80 -33.81 -54.10
CA VAL A 509 -27.11 -32.53 -54.02
C VAL A 509 -25.61 -32.73 -53.81
N ILE A 510 -25.23 -33.73 -53.00
CA ILE A 510 -23.81 -34.03 -52.85
C ILE A 510 -23.21 -34.41 -54.21
N LYS A 511 -23.94 -35.21 -54.99
CA LYS A 511 -23.41 -35.67 -56.27
C LYS A 511 -23.21 -34.51 -57.24
N LYS A 512 -24.16 -33.57 -57.31
CA LYS A 512 -23.98 -32.41 -58.17
C LYS A 512 -22.68 -31.69 -57.81
N TRP A 513 -22.43 -31.53 -56.50
CA TRP A 513 -21.18 -30.93 -56.05
C TRP A 513 -19.98 -31.79 -56.43
N GLN A 514 -20.06 -33.10 -56.22
CA GLN A 514 -18.94 -33.97 -56.57
C GLN A 514 -18.62 -33.91 -58.06
N ASN A 515 -19.62 -33.63 -58.89
CA ASN A 515 -19.43 -33.61 -60.33
C ASN A 515 -19.11 -32.23 -60.84
N ALA A 516 -18.60 -31.36 -59.97
CA ALA A 516 -18.31 -30.00 -60.37
C ALA A 516 -17.30 -30.00 -61.50
N ASP A 517 -17.71 -29.45 -62.64
CA ASP A 517 -16.89 -29.30 -63.82
C ASP A 517 -15.97 -28.10 -63.66
N LEU A 518 -15.20 -27.79 -64.69
CA LEU A 518 -14.40 -26.57 -64.68
C LEU A 518 -15.26 -25.43 -65.20
N ASN A 519 -15.23 -24.31 -64.48
CA ASN A 519 -15.92 -23.09 -64.87
C ASN A 519 -14.88 -22.15 -65.46
N GLY A 520 -15.10 -21.72 -66.70
CA GLY A 520 -14.10 -20.93 -67.35
C GLY A 520 -13.90 -19.53 -66.79
N LYS A 521 -14.71 -19.13 -65.83
CA LYS A 521 -14.55 -17.82 -65.24
C LYS A 521 -13.58 -17.83 -64.09
N PHE A 522 -13.00 -18.98 -63.79
CA PHE A 522 -12.05 -19.15 -62.70
C PHE A 522 -10.64 -19.32 -63.26
N LYS A 523 -9.75 -18.42 -62.86
CA LYS A 523 -8.35 -18.48 -63.28
C LYS A 523 -7.49 -18.22 -62.07
N LEU A 524 -6.32 -18.85 -62.02
CA LEU A 524 -5.40 -18.51 -60.95
C LEU A 524 -5.02 -17.04 -61.06
N PRO A 525 -4.57 -16.43 -59.97
CA PRO A 525 -4.09 -15.06 -60.07
C PRO A 525 -2.80 -14.99 -60.85
N THR A 526 -2.52 -13.81 -61.39
CA THR A 526 -1.28 -13.57 -62.11
C THR A 526 -0.23 -12.99 -61.16
N LYS A 527 0.96 -12.73 -61.70
CA LYS A 527 2.03 -12.15 -60.90
C LYS A 527 1.54 -10.87 -60.23
N ASN A 528 1.81 -10.76 -58.93
CA ASN A 528 1.43 -9.59 -58.17
C ASN A 528 2.42 -8.48 -58.43
N GLU A 529 2.01 -7.45 -59.16
CA GLU A 529 2.94 -6.42 -59.57
C GLU A 529 3.07 -5.29 -58.56
N PHE A 530 2.35 -5.37 -57.44
CA PHE A 530 2.52 -4.40 -56.38
C PHE A 530 3.62 -4.82 -55.41
N ILE A 531 4.18 -6.01 -55.58
CA ILE A 531 5.25 -6.45 -54.67
C ILE A 531 6.38 -5.43 -54.70
N PRO A 532 6.81 -4.90 -53.56
CA PRO A 532 7.81 -3.84 -53.56
C PRO A 532 9.20 -4.39 -53.81
N THR A 533 10.00 -3.56 -54.47
CA THR A 533 11.39 -3.90 -54.74
C THR A 533 12.35 -2.82 -54.29
N ASN A 534 11.90 -1.57 -54.12
CA ASN A 534 12.76 -0.46 -53.73
C ASN A 534 12.62 -0.20 -52.24
N PHE A 535 13.62 -0.61 -51.46
CA PHE A 535 13.59 -0.41 -50.02
C PHE A 535 14.61 0.63 -49.56
N GLU A 536 15.15 1.42 -50.47
CA GLU A 536 16.15 2.41 -50.12
C GLU A 536 15.58 3.42 -49.14
N ILE A 537 16.34 3.76 -48.12
CA ILE A 537 15.93 4.70 -47.09
C ILE A 537 16.59 6.04 -47.43
N LEU A 538 15.79 7.01 -47.88
CA LEU A 538 16.38 8.26 -48.35
C LEU A 538 17.12 8.96 -47.21
N PRO A 539 18.27 9.57 -47.49
CA PRO A 539 19.01 10.25 -46.43
C PRO A 539 18.22 11.43 -45.88
N LEU A 540 18.48 11.75 -44.61
CA LEU A 540 17.78 12.86 -43.98
C LEU A 540 18.19 14.19 -44.62
N GLU A 541 17.18 14.96 -45.04
CA GLU A 541 17.44 16.25 -45.64
C GLU A 541 18.01 17.22 -44.60
N LYS A 542 18.75 18.22 -45.09
CA LYS A 542 19.35 19.20 -44.19
C LYS A 542 18.29 19.97 -43.42
N GLU A 543 17.20 20.36 -44.10
CA GLU A 543 16.13 21.12 -43.49
C GLU A 543 15.07 20.24 -42.85
N ALA A 544 15.39 18.98 -42.54
CA ALA A 544 14.44 18.10 -41.87
C ALA A 544 14.14 18.63 -40.47
N THR A 545 12.96 18.28 -39.96
CA THR A 545 12.49 18.81 -38.70
C THR A 545 12.02 17.70 -37.77
N PRO A 546 12.05 17.94 -36.45
CA PRO A 546 11.58 16.92 -35.49
C PRO A 546 10.07 16.75 -35.48
N TYR A 547 9.31 17.77 -35.90
CA TYR A 547 7.86 17.70 -35.92
C TYR A 547 7.35 17.99 -37.33
N PRO A 548 6.08 17.69 -37.63
CA PRO A 548 5.54 18.04 -38.95
C PRO A 548 5.64 19.53 -39.23
N ALA A 549 6.06 19.86 -40.43
CA ALA A 549 6.20 21.24 -40.85
C ALA A 549 5.10 21.59 -41.84
N LEU A 550 4.57 22.80 -41.73
CA LEU A 550 3.59 23.31 -42.68
C LEU A 550 4.35 23.79 -43.91
N ILE A 551 4.27 23.02 -45.00
CA ILE A 551 5.05 23.30 -46.20
C ILE A 551 4.20 23.74 -47.37
N LYS A 552 2.88 23.81 -47.19
CA LYS A 552 1.98 24.35 -48.20
C LYS A 552 0.72 24.82 -47.47
N ASP A 553 0.28 26.05 -47.77
CA ASP A 553 -0.83 26.68 -47.07
C ASP A 553 -1.60 27.52 -48.10
N THR A 554 -2.26 26.83 -49.01
CA THR A 554 -3.05 27.48 -50.05
C THR A 554 -4.54 27.35 -49.73
N ALA A 555 -5.36 27.98 -50.55
CA ALA A 555 -6.81 27.88 -50.38
C ALA A 555 -7.28 26.45 -50.54
N MET A 556 -6.64 25.70 -51.44
CA MET A 556 -7.06 24.34 -51.75
C MET A 556 -6.56 23.33 -50.71
N SER A 557 -5.35 23.52 -50.18
CA SER A 557 -4.75 22.48 -49.35
C SER A 557 -3.73 23.04 -48.35
N LYS A 558 -3.66 22.36 -47.20
CA LYS A 558 -2.66 22.56 -46.16
C LYS A 558 -1.90 21.25 -46.02
N LEU A 559 -0.58 21.30 -46.26
CA LEU A 559 0.25 20.11 -46.29
C LEU A 559 1.23 20.14 -45.12
N TRP A 560 1.10 19.17 -44.22
CA TRP A 560 2.03 18.97 -43.12
C TRP A 560 2.95 17.81 -43.47
N PHE A 561 4.25 17.99 -43.25
CA PHE A 561 5.21 17.02 -43.75
C PHE A 561 6.30 16.77 -42.72
N LYS A 562 6.69 15.51 -42.59
CA LYS A 562 7.87 15.17 -41.81
C LYS A 562 8.52 13.91 -42.38
N GLN A 563 9.80 14.02 -42.70
CA GLN A 563 10.61 12.87 -43.07
C GLN A 563 10.97 12.10 -41.81
N ASP A 564 10.83 10.78 -41.87
CA ASP A 564 11.06 9.94 -40.70
C ASP A 564 12.51 10.04 -40.23
N ASP A 565 12.68 10.32 -38.94
CA ASP A 565 13.99 10.42 -38.29
C ASP A 565 14.14 9.43 -37.14
N LYS A 566 13.32 8.38 -37.12
CA LYS A 566 13.36 7.41 -36.03
C LYS A 566 13.48 5.97 -36.51
N PHE A 567 12.51 5.51 -37.29
CA PHE A 567 12.32 4.08 -37.57
C PHE A 567 13.10 3.59 -38.78
N PHE A 568 13.26 4.41 -39.82
CA PHE A 568 14.08 4.07 -40.98
C PHE A 568 13.67 2.73 -41.59
N LEU A 569 12.38 2.59 -41.83
CA LEU A 569 11.88 1.49 -42.60
C LEU A 569 11.30 2.03 -43.91
N PRO A 570 11.29 1.25 -44.96
CA PRO A 570 10.86 1.79 -46.27
C PRO A 570 9.35 1.88 -46.40
N LYS A 571 8.75 2.74 -45.56
CA LYS A 571 7.29 2.88 -45.49
C LYS A 571 6.92 4.33 -45.29
N ALA A 572 5.66 4.65 -45.58
CA ALA A 572 5.17 6.01 -45.39
C ALA A 572 3.67 6.01 -45.11
N ASN A 573 3.21 7.02 -44.40
CA ASN A 573 1.79 7.24 -44.14
C ASN A 573 1.33 8.52 -44.83
N LEU A 574 0.28 8.43 -45.63
CA LEU A 574 -0.27 9.54 -46.39
C LEU A 574 -1.71 9.76 -45.94
N ASN A 575 -1.93 10.81 -45.15
CA ASN A 575 -3.25 11.11 -44.59
C ASN A 575 -3.81 12.38 -45.22
N PHE A 576 -5.07 12.29 -45.65
CA PHE A 576 -5.78 13.41 -46.26
C PHE A 576 -7.14 13.58 -45.59
N GLU A 577 -7.48 14.81 -45.23
CA GLU A 577 -8.84 15.13 -44.81
C GLU A 577 -9.44 16.03 -45.90
N PHE A 578 -10.57 15.60 -46.46
CA PHE A 578 -11.29 16.35 -47.46
C PHE A 578 -12.49 17.02 -46.79
N PHE A 579 -12.56 18.34 -46.87
CA PHE A 579 -13.66 19.08 -46.26
C PHE A 579 -14.65 19.46 -47.35
N SER A 580 -15.93 19.15 -47.12
CA SER A 580 -17.01 19.65 -47.93
C SER A 580 -18.19 19.81 -47.00
N PRO A 581 -18.91 20.94 -47.07
CA PRO A 581 -20.14 21.06 -46.29
C PRO A 581 -21.21 20.07 -46.73
N PHE A 582 -21.20 19.64 -47.98
CA PHE A 582 -22.26 18.79 -48.49
C PHE A 582 -22.15 17.34 -48.03
N ALA A 583 -21.15 16.97 -47.23
CA ALA A 583 -21.07 15.61 -46.74
C ALA A 583 -21.98 15.36 -45.55
N TYR A 584 -22.42 16.41 -44.87
CA TYR A 584 -23.19 16.23 -43.65
C TYR A 584 -24.30 17.27 -43.52
N VAL A 585 -24.65 17.95 -44.61
CA VAL A 585 -25.61 19.04 -44.55
C VAL A 585 -26.93 18.57 -43.96
N ASP A 586 -27.42 17.41 -44.37
CA ASP A 586 -28.63 16.83 -43.81
C ASP A 586 -28.51 15.31 -43.87
N PRO A 587 -29.46 14.59 -43.26
CA PRO A 587 -29.38 13.11 -43.29
C PRO A 587 -29.24 12.53 -44.68
N LEU A 588 -30.00 13.02 -45.66
CA LEU A 588 -29.93 12.45 -47.00
C LEU A 588 -28.51 12.52 -47.56
N HIS A 589 -27.85 13.67 -47.41
CA HIS A 589 -26.53 13.81 -47.98
C HIS A 589 -25.52 12.95 -47.25
N SER A 590 -25.67 12.82 -45.93
CA SER A 590 -24.80 11.93 -45.21
C SER A 590 -24.91 10.50 -45.73
N ASN A 591 -26.15 10.03 -45.96
CA ASN A 591 -26.32 8.70 -46.54
C ASN A 591 -25.58 8.59 -47.87
N MET A 592 -25.65 9.63 -48.69
CA MET A 592 -25.07 9.49 -50.01
C MET A 592 -23.56 9.55 -49.97
N ALA A 593 -23.00 10.37 -49.08
CA ALA A 593 -21.56 10.37 -48.88
C ALA A 593 -21.08 8.98 -48.53
N TYR A 594 -21.80 8.30 -47.65
CA TYR A 594 -21.45 6.93 -47.27
C TYR A 594 -21.50 5.99 -48.47
N LEU A 595 -22.66 5.93 -49.14
CA LEU A 595 -22.83 4.98 -50.23
C LEU A 595 -21.82 5.22 -51.35
N TYR A 596 -21.49 6.50 -51.59
CA TYR A 596 -20.50 6.84 -52.60
C TYR A 596 -19.18 6.14 -52.32
N LEU A 597 -18.64 6.33 -51.11
CA LEU A 597 -17.37 5.71 -50.77
C LEU A 597 -17.48 4.18 -50.69
N GLU A 598 -18.61 3.64 -50.23
CA GLU A 598 -18.77 2.19 -50.23
C GLU A 598 -18.75 1.64 -51.66
N LEU A 599 -19.48 2.29 -52.57
CA LEU A 599 -19.47 1.85 -53.96
C LEU A 599 -18.09 2.00 -54.58
N LEU A 600 -17.36 3.06 -54.22
CA LEU A 600 -16.05 3.29 -54.78
C LEU A 600 -15.06 2.23 -54.30
N LYS A 601 -15.06 1.95 -53.00
CA LYS A 601 -14.24 0.88 -52.46
C LYS A 601 -14.61 -0.47 -53.08
N ASP A 602 -15.90 -0.71 -53.29
CA ASP A 602 -16.32 -1.94 -53.96
C ASP A 602 -15.73 -2.06 -55.35
N SER A 603 -15.69 -0.95 -56.10
CA SER A 603 -15.18 -0.97 -57.46
C SER A 603 -13.66 -1.16 -57.50
N LEU A 604 -12.93 -0.63 -56.54
CA LEU A 604 -11.48 -0.78 -56.49
C LEU A 604 -11.01 -2.09 -55.89
N ASN A 605 -11.91 -2.90 -55.32
CA ASN A 605 -11.49 -4.00 -54.46
C ASN A 605 -10.60 -4.99 -55.21
N GLU A 606 -11.03 -5.44 -56.40
CA GLU A 606 -10.22 -6.38 -57.17
C GLU A 606 -8.82 -5.85 -57.40
N TYR A 607 -8.72 -4.56 -57.74
CA TYR A 607 -7.43 -3.96 -58.04
C TYR A 607 -6.60 -3.78 -56.78
N ALA A 608 -7.22 -3.29 -55.71
CA ALA A 608 -6.45 -2.96 -54.52
C ALA A 608 -6.07 -4.19 -53.71
N TYR A 609 -6.70 -5.34 -53.96
CA TYR A 609 -6.39 -6.52 -53.17
C TYR A 609 -4.92 -6.88 -53.33
N ALA A 610 -4.42 -6.87 -54.57
CA ALA A 610 -3.01 -7.14 -54.80
C ALA A 610 -2.13 -6.22 -53.96
N ALA A 611 -2.47 -4.93 -53.94
CA ALA A 611 -1.68 -3.99 -53.16
C ALA A 611 -1.70 -4.36 -51.68
N GLU A 612 -2.83 -4.83 -51.17
CA GLU A 612 -2.88 -5.15 -49.74
C GLU A 612 -2.00 -6.36 -49.42
N LEU A 613 -2.10 -7.42 -50.22
CA LEU A 613 -1.17 -8.54 -50.05
C LEU A 613 0.28 -8.08 -50.07
N ALA A 614 0.56 -6.98 -50.77
CA ALA A 614 1.92 -6.51 -50.94
C ALA A 614 2.31 -5.43 -49.94
N GLY A 615 1.58 -5.33 -48.84
CA GLY A 615 1.93 -4.38 -47.80
C GLY A 615 1.57 -2.94 -48.12
N LEU A 616 0.54 -2.73 -48.93
CA LEU A 616 0.13 -1.39 -49.32
C LEU A 616 -1.40 -1.36 -49.19
N SER A 617 -1.90 -0.73 -48.14
CA SER A 617 -3.32 -0.72 -47.85
C SER A 617 -3.86 0.70 -47.76
N TYR A 618 -5.17 0.85 -47.95
CA TYR A 618 -5.77 2.16 -47.86
C TYR A 618 -7.09 2.11 -47.11
N ASP A 619 -7.47 3.25 -46.58
CA ASP A 619 -8.67 3.42 -45.77
C ASP A 619 -9.41 4.67 -46.26
N LEU A 620 -10.70 4.51 -46.55
CA LEU A 620 -11.48 5.57 -47.18
C LEU A 620 -12.89 5.54 -46.59
N GLN A 621 -13.27 6.60 -45.89
CA GLN A 621 -14.60 6.68 -45.29
C GLN A 621 -15.04 8.13 -45.12
N ASN A 622 -16.36 8.31 -45.05
CA ASN A 622 -16.95 9.62 -44.90
C ASN A 622 -16.92 10.07 -43.44
N THR A 623 -16.79 11.39 -43.25
CA THR A 623 -16.81 11.99 -41.93
C THR A 623 -17.91 13.04 -41.88
N ILE A 624 -18.12 13.57 -40.68
CA ILE A 624 -19.10 14.64 -40.55
C ILE A 624 -18.62 15.93 -41.18
N TYR A 625 -17.39 15.95 -41.64
CA TYR A 625 -16.81 17.12 -42.24
C TYR A 625 -16.48 16.92 -43.72
N GLY A 626 -16.66 15.71 -44.25
CA GLY A 626 -16.26 15.40 -45.61
C GLY A 626 -15.81 13.95 -45.75
N MET A 627 -14.61 13.75 -46.31
CA MET A 627 -14.03 12.44 -46.52
C MET A 627 -12.65 12.32 -45.88
N TYR A 628 -12.29 11.10 -45.50
CA TYR A 628 -10.99 10.77 -44.92
C TYR A 628 -10.32 9.68 -45.75
N LEU A 629 -9.05 9.89 -46.08
CA LEU A 629 -8.31 8.93 -46.88
C LEU A 629 -6.92 8.71 -46.29
N SER A 630 -6.56 7.46 -46.05
CA SER A 630 -5.23 7.14 -45.56
C SER A 630 -4.63 6.04 -46.43
N VAL A 631 -3.37 6.24 -46.83
CA VAL A 631 -2.60 5.23 -47.56
C VAL A 631 -1.35 4.94 -46.75
N LYS A 632 -1.21 3.69 -46.30
CA LYS A 632 -0.12 3.26 -45.44
C LYS A 632 0.61 2.07 -46.08
N GLY A 633 1.92 1.96 -45.83
CA GLY A 633 2.65 0.78 -46.29
C GLY A 633 3.99 1.14 -46.89
N TYR A 634 4.51 0.20 -47.70
CA TYR A 634 5.78 0.43 -48.38
C TYR A 634 5.62 1.59 -49.36
N ASN A 635 6.54 2.54 -49.30
CA ASN A 635 6.41 3.76 -50.09
C ASN A 635 6.66 3.56 -51.58
N ASP A 636 7.21 2.41 -51.99
CA ASP A 636 7.63 2.19 -53.37
C ASP A 636 6.50 2.44 -54.36
N LYS A 637 5.46 1.61 -54.32
CA LYS A 637 4.38 1.71 -55.29
C LYS A 637 3.21 2.54 -54.75
N GLN A 638 3.44 3.30 -53.68
CA GLN A 638 2.36 4.04 -53.05
C GLN A 638 1.74 5.09 -53.97
N PRO A 639 2.52 5.92 -54.68
CA PRO A 639 1.87 6.92 -55.55
C PRO A 639 0.97 6.30 -56.60
N ILE A 640 1.25 5.06 -57.00
CA ILE A 640 0.42 4.39 -58.00
C ILE A 640 -0.96 4.09 -57.42
N LEU A 641 -1.02 3.55 -56.21
CA LEU A 641 -2.32 3.25 -55.64
C LEU A 641 -3.08 4.54 -55.33
N LEU A 642 -2.38 5.54 -54.78
CA LEU A 642 -3.03 6.81 -54.47
C LEU A 642 -3.61 7.43 -55.72
N LYS A 643 -2.83 7.50 -56.81
CA LYS A 643 -3.33 8.09 -58.04
C LYS A 643 -4.57 7.36 -58.54
N LYS A 644 -4.58 6.02 -58.46
CA LYS A 644 -5.74 5.27 -58.94
C LYS A 644 -6.97 5.58 -58.09
N ILE A 645 -6.78 5.74 -56.78
CA ILE A 645 -7.91 6.06 -55.90
C ILE A 645 -8.53 7.41 -56.30
N ILE A 646 -7.71 8.46 -56.33
CA ILE A 646 -8.23 9.80 -56.62
C ILE A 646 -8.86 9.84 -58.01
N GLU A 647 -8.18 9.27 -59.02
CA GLU A 647 -8.79 9.20 -60.34
C GLU A 647 -10.17 8.54 -60.30
N LYS A 648 -10.29 7.43 -59.58
CA LYS A 648 -11.58 6.75 -59.52
C LYS A 648 -12.62 7.63 -58.84
N MET A 649 -12.27 8.27 -57.72
CA MET A 649 -13.21 9.16 -57.04
C MET A 649 -13.78 10.18 -58.01
N ALA A 650 -12.92 10.78 -58.82
CA ALA A 650 -13.29 11.96 -59.59
C ALA A 650 -14.03 11.62 -60.87
N THR A 651 -14.01 10.36 -61.27
CA THR A 651 -14.60 9.91 -62.52
C THR A 651 -15.48 8.68 -62.32
N PHE A 652 -16.08 8.58 -61.15
CA PHE A 652 -16.74 7.34 -60.75
C PHE A 652 -18.03 7.10 -61.54
N GLU A 653 -18.16 5.88 -62.07
CA GLU A 653 -19.39 5.41 -62.69
C GLU A 653 -20.00 4.32 -61.83
N ILE A 654 -21.27 4.49 -61.48
CA ILE A 654 -21.95 3.61 -60.53
C ILE A 654 -22.67 2.51 -61.28
N ASP A 655 -22.39 1.26 -60.91
CA ASP A 655 -23.13 0.11 -61.42
C ASP A 655 -24.45 0.02 -60.67
N GLU A 656 -25.58 0.02 -61.41
CA GLU A 656 -26.85 0.06 -60.71
C GLU A 656 -27.06 -1.17 -59.85
N LYS A 657 -26.64 -2.35 -60.33
CA LYS A 657 -26.82 -3.56 -59.52
C LYS A 657 -26.05 -3.47 -58.21
N ARG A 658 -24.81 -2.98 -58.26
CA ARG A 658 -24.03 -2.80 -57.04
C ARG A 658 -24.67 -1.79 -56.11
N PHE A 659 -25.20 -0.69 -56.67
CA PHE A 659 -25.86 0.34 -55.86
C PHE A 659 -27.01 -0.23 -55.06
N GLU A 660 -27.91 -0.99 -55.71
CA GLU A 660 -29.06 -1.52 -54.98
C GLU A 660 -28.62 -2.46 -53.86
N ILE A 661 -27.59 -3.28 -54.12
CA ILE A 661 -27.13 -4.26 -53.14
C ILE A 661 -26.55 -3.57 -51.92
N ILE A 662 -25.62 -2.66 -52.15
CA ILE A 662 -24.97 -1.96 -51.05
C ILE A 662 -25.98 -1.13 -50.27
N LYS A 663 -26.90 -0.47 -50.97
CA LYS A 663 -27.95 0.27 -50.28
C LYS A 663 -28.73 -0.62 -49.33
N GLU A 664 -29.07 -1.84 -49.78
CA GLU A 664 -29.81 -2.76 -48.91
C GLU A 664 -28.99 -3.15 -47.69
N ALA A 665 -27.70 -3.43 -47.88
CA ALA A 665 -26.85 -3.80 -46.74
C ALA A 665 -26.76 -2.64 -45.76
N TYR A 666 -26.70 -1.42 -46.27
CA TYR A 666 -26.57 -0.24 -45.42
C TYR A 666 -27.81 -0.03 -44.56
N MET A 667 -28.99 -0.27 -45.14
CA MET A 667 -30.22 -0.27 -44.34
C MET A 667 -30.12 -1.24 -43.18
N ARG A 668 -29.73 -2.48 -43.47
CA ARG A 668 -29.61 -3.46 -42.40
C ARG A 668 -28.62 -3.01 -41.35
N SER A 669 -27.46 -2.50 -41.79
CA SER A 669 -26.44 -2.03 -40.86
C SER A 669 -27.01 -0.99 -39.90
N LEU A 670 -27.76 -0.02 -40.43
CA LEU A 670 -28.40 0.97 -39.58
C LEU A 670 -29.38 0.32 -38.61
N ASN A 671 -30.24 -0.55 -39.11
CA ASN A 671 -31.17 -1.24 -38.22
C ASN A 671 -30.43 -2.03 -37.15
N ASN A 672 -29.31 -2.65 -37.53
CA ASN A 672 -28.63 -3.55 -36.61
C ASN A 672 -28.01 -2.83 -35.41
N PHE A 673 -28.05 -1.49 -35.37
CA PHE A 673 -27.59 -0.81 -34.17
C PHE A 673 -28.45 -1.18 -32.97
N ARG A 674 -29.72 -1.54 -33.22
CA ARG A 674 -30.60 -1.93 -32.13
C ARG A 674 -30.02 -3.07 -31.29
N ALA A 675 -29.08 -3.83 -31.85
CA ALA A 675 -28.55 -4.99 -31.16
C ALA A 675 -27.17 -4.76 -30.55
N GLU A 676 -26.64 -3.54 -30.57
CA GLU A 676 -25.37 -3.32 -29.88
C GLU A 676 -25.59 -3.35 -28.37
N GLN A 677 -24.49 -3.31 -27.63
CA GLN A 677 -24.60 -3.47 -26.18
C GLN A 677 -25.09 -2.19 -25.51
N PRO A 678 -25.77 -2.32 -24.37
CA PRO A 678 -26.28 -1.14 -23.67
C PRO A 678 -25.27 -0.02 -23.51
N HIS A 679 -24.04 -0.33 -23.09
CA HIS A 679 -23.11 0.75 -22.84
C HIS A 679 -22.72 1.47 -24.12
N GLN A 680 -22.74 0.78 -25.25
CA GLN A 680 -22.44 1.46 -26.51
C GLN A 680 -23.59 2.37 -26.92
N HIS A 681 -24.83 1.95 -26.66
CA HIS A 681 -25.95 2.86 -26.83
C HIS A 681 -25.75 4.12 -26.03
N ALA A 682 -25.40 3.97 -24.75
CA ALA A 682 -25.23 5.12 -23.87
C ALA A 682 -24.20 6.09 -24.44
N MET A 683 -23.07 5.57 -24.94
CA MET A 683 -22.08 6.44 -25.54
C MET A 683 -22.62 7.11 -26.80
N TYR A 684 -23.34 6.35 -27.63
CA TYR A 684 -23.96 6.90 -28.83
C TYR A 684 -24.89 8.07 -28.49
N TYR A 685 -25.85 7.81 -27.59
CA TYR A 685 -26.80 8.86 -27.20
C TYR A 685 -26.08 10.11 -26.70
N LEU A 686 -25.11 9.95 -25.79
CA LEU A 686 -24.41 11.11 -25.24
C LEU A 686 -23.69 11.90 -26.33
N ARG A 687 -23.14 11.20 -27.32
CA ARG A 687 -22.47 11.87 -28.44
C ARG A 687 -23.46 12.67 -29.27
N LEU A 688 -24.70 12.18 -29.41
CA LEU A 688 -25.75 12.94 -30.09
C LEU A 688 -26.17 14.16 -29.26
N LEU A 689 -26.18 14.02 -27.94
CA LEU A 689 -26.68 15.09 -27.07
C LEU A 689 -25.73 16.28 -27.03
N MET A 690 -24.41 16.04 -27.06
CA MET A 690 -23.41 17.08 -26.78
C MET A 690 -22.78 17.68 -28.03
N THR A 691 -23.13 17.21 -29.23
CA THR A 691 -22.57 17.76 -30.46
C THR A 691 -23.58 18.69 -31.13
N GLU A 692 -23.11 19.87 -31.54
CA GLU A 692 -23.96 20.85 -32.20
C GLU A 692 -24.85 20.20 -33.26
N VAL A 693 -24.24 19.52 -34.23
CA VAL A 693 -24.95 18.83 -35.31
C VAL A 693 -24.65 17.34 -35.24
N ALA A 694 -25.69 16.53 -35.37
CA ALA A 694 -25.56 15.07 -35.33
C ALA A 694 -26.86 14.42 -35.77
N TRP A 695 -26.80 13.62 -36.83
CA TRP A 695 -27.97 12.92 -37.34
C TRP A 695 -28.07 11.55 -36.69
N THR A 696 -29.29 11.18 -36.27
CA THR A 696 -29.49 9.89 -35.61
C THR A 696 -29.68 8.78 -36.65
N LYS A 697 -29.43 7.55 -36.20
CA LYS A 697 -29.62 6.39 -37.07
C LYS A 697 -31.04 6.35 -37.60
N ASP A 698 -32.02 6.76 -36.78
CA ASP A 698 -33.39 6.78 -37.26
C ASP A 698 -33.55 7.81 -38.37
N GLU A 699 -32.99 9.00 -38.18
CA GLU A 699 -33.06 10.04 -39.22
C GLU A 699 -32.40 9.54 -40.51
N LEU A 700 -31.30 8.78 -40.38
CA LEU A 700 -30.64 8.24 -41.56
C LEU A 700 -31.49 7.17 -42.22
N LYS A 701 -32.10 6.28 -41.43
CA LYS A 701 -33.01 5.28 -41.97
C LYS A 701 -34.12 5.92 -42.81
N GLU A 702 -34.78 6.94 -42.26
CA GLU A 702 -35.87 7.57 -43.00
C GLU A 702 -35.38 8.08 -44.35
N ALA A 703 -34.28 8.85 -44.34
CA ALA A 703 -33.78 9.47 -45.56
C ALA A 703 -33.24 8.45 -46.56
N LEU A 704 -32.90 7.24 -46.12
CA LEU A 704 -32.27 6.30 -47.03
C LEU A 704 -33.21 5.88 -48.16
N ASP A 705 -34.52 5.92 -47.94
CA ASP A 705 -35.46 5.54 -49.00
C ASP A 705 -35.48 6.55 -50.14
N ASP A 706 -35.19 7.82 -49.85
CA ASP A 706 -35.20 8.85 -50.87
C ASP A 706 -33.86 8.99 -51.60
N VAL A 707 -33.00 7.97 -51.52
CA VAL A 707 -31.72 7.96 -52.22
C VAL A 707 -31.92 7.12 -53.48
N THR A 708 -32.18 7.78 -54.60
CA THR A 708 -32.28 7.10 -55.88
C THR A 708 -30.93 7.10 -56.59
N LEU A 709 -30.79 6.23 -57.58
CA LEU A 709 -29.56 6.23 -58.36
C LEU A 709 -29.33 7.56 -59.04
N PRO A 710 -30.33 8.18 -59.68
CA PRO A 710 -30.12 9.54 -60.22
C PRO A 710 -29.61 10.53 -59.19
N ARG A 711 -30.19 10.55 -57.98
CA ARG A 711 -29.81 11.56 -56.99
C ARG A 711 -28.35 11.38 -56.56
N LEU A 712 -27.90 10.13 -56.47
CA LEU A 712 -26.50 9.87 -56.12
C LEU A 712 -25.56 10.31 -57.23
N LYS A 713 -25.90 10.01 -58.48
CA LYS A 713 -25.08 10.46 -59.60
C LYS A 713 -24.92 11.98 -59.59
N ALA A 714 -25.95 12.72 -59.15
CA ALA A 714 -25.83 14.17 -59.05
C ALA A 714 -25.00 14.58 -57.84
N PHE A 715 -25.11 13.82 -56.74
CA PHE A 715 -24.43 14.18 -55.50
C PHE A 715 -22.92 14.25 -55.71
N ILE A 716 -22.34 13.23 -56.35
CA ILE A 716 -20.89 13.09 -56.36
C ILE A 716 -20.20 14.31 -56.96
N PRO A 717 -20.58 14.79 -58.14
CA PRO A 717 -19.94 16.01 -58.66
C PRO A 717 -20.14 17.22 -57.78
N GLN A 718 -21.28 17.34 -57.10
CA GLN A 718 -21.48 18.47 -56.19
C GLN A 718 -20.57 18.37 -54.98
N LEU A 719 -20.35 17.16 -54.47
CA LEU A 719 -19.46 16.99 -53.32
C LEU A 719 -18.04 17.40 -53.67
N LEU A 720 -17.58 17.06 -54.86
CA LEU A 720 -16.21 17.34 -55.28
C LEU A 720 -16.02 18.76 -55.81
N SER A 721 -17.09 19.51 -56.08
CA SER A 721 -16.95 20.79 -56.76
C SER A 721 -16.12 21.79 -55.96
N ARG A 722 -16.30 21.83 -54.64
CA ARG A 722 -15.53 22.70 -53.76
C ARG A 722 -15.02 21.89 -52.58
N LEU A 723 -13.71 21.98 -52.33
CA LEU A 723 -13.08 21.20 -51.28
C LEU A 723 -11.95 22.00 -50.65
N HIS A 724 -11.57 21.58 -49.45
CA HIS A 724 -10.31 21.96 -48.84
C HIS A 724 -9.65 20.67 -48.38
N ILE A 725 -8.34 20.53 -48.60
CA ILE A 725 -7.63 19.30 -48.29
C ILE A 725 -6.52 19.62 -47.30
N GLU A 726 -6.54 18.94 -46.16
CA GLU A 726 -5.46 19.01 -45.18
C GLU A 726 -4.84 17.62 -45.05
N ALA A 727 -3.53 17.55 -45.20
CA ALA A 727 -2.85 16.27 -45.29
C ALA A 727 -1.63 16.24 -44.38
N LEU A 728 -1.33 15.04 -43.88
CA LEU A 728 -0.07 14.76 -43.22
C LEU A 728 0.65 13.70 -44.04
N LEU A 729 1.85 14.00 -44.51
CA LEU A 729 2.69 13.06 -45.24
C LEU A 729 3.92 12.79 -44.39
N HIS A 730 4.07 11.55 -43.95
CA HIS A 730 5.02 11.20 -42.90
C HIS A 730 5.65 9.85 -43.20
N GLY A 731 6.98 9.79 -43.26
CA GLY A 731 7.65 8.52 -43.51
C GLY A 731 8.90 8.59 -44.38
N ASN A 732 9.14 7.56 -45.19
CA ASN A 732 10.34 7.49 -46.04
C ASN A 732 10.12 8.22 -47.35
N ILE A 733 9.98 9.55 -47.26
CA ILE A 733 9.81 10.39 -48.44
C ILE A 733 10.36 11.77 -48.16
N THR A 734 10.71 12.48 -49.24
CA THR A 734 11.32 13.79 -49.16
C THR A 734 10.28 14.89 -49.40
N LYS A 735 10.71 16.11 -49.09
CA LYS A 735 9.82 17.26 -49.21
C LYS A 735 9.35 17.44 -50.66
N GLN A 736 10.23 17.22 -51.65
CA GLN A 736 9.80 17.36 -53.04
C GLN A 736 8.78 16.28 -53.41
N ALA A 737 9.05 15.04 -53.00
CA ALA A 737 8.08 13.97 -53.26
C ALA A 737 6.73 14.31 -52.64
N ALA A 738 6.76 14.80 -51.40
CA ALA A 738 5.53 15.12 -50.68
C ALA A 738 4.76 16.24 -51.38
N LEU A 739 5.45 17.34 -51.70
CA LEU A 739 4.82 18.39 -52.49
C LEU A 739 4.23 17.83 -53.78
N GLY A 740 4.94 16.92 -54.43
CA GLY A 740 4.43 16.34 -55.67
C GLY A 740 3.22 15.46 -55.44
N ILE A 741 3.24 14.66 -54.38
CA ILE A 741 2.09 13.82 -54.06
C ILE A 741 0.86 14.68 -53.81
N MET A 742 1.01 15.69 -52.95
CA MET A 742 -0.13 16.55 -52.63
C MET A 742 -0.66 17.24 -53.89
N GLN A 743 0.24 17.71 -54.76
CA GLN A 743 -0.20 18.39 -55.97
C GLN A 743 -0.80 17.41 -56.98
N MET A 744 -0.30 16.17 -57.03
CA MET A 744 -0.93 15.16 -57.87
C MET A 744 -2.39 14.96 -57.46
N VAL A 745 -2.65 14.88 -56.16
CA VAL A 745 -4.05 14.72 -55.72
C VAL A 745 -4.89 15.90 -56.18
N GLU A 746 -4.41 17.13 -55.94
CA GLU A 746 -5.13 18.31 -56.39
C GLU A 746 -5.35 18.31 -57.89
N ASP A 747 -4.27 18.13 -58.66
CA ASP A 747 -4.38 18.20 -60.12
C ASP A 747 -5.39 17.18 -60.65
N THR A 748 -5.41 15.96 -60.09
CA THR A 748 -6.38 14.98 -60.52
C THR A 748 -7.81 15.45 -60.23
N LEU A 749 -8.04 16.01 -59.05
CA LEU A 749 -9.36 16.49 -58.71
C LEU A 749 -9.76 17.68 -59.58
N ILE A 750 -8.82 18.58 -59.87
CA ILE A 750 -9.12 19.72 -60.73
C ILE A 750 -9.44 19.26 -62.15
N GLU A 751 -8.64 18.33 -62.68
CA GLU A 751 -8.84 17.91 -64.07
C GLU A 751 -10.19 17.25 -64.25
N HIS A 752 -10.56 16.33 -63.37
CA HIS A 752 -11.72 15.49 -63.62
C HIS A 752 -12.97 15.94 -62.91
N ALA A 753 -12.85 16.79 -61.90
CA ALA A 753 -14.00 17.24 -61.13
C ALA A 753 -14.10 18.75 -61.04
N HIS A 754 -13.18 19.49 -61.67
CA HIS A 754 -13.24 20.95 -61.71
C HIS A 754 -13.38 21.51 -60.31
N THR A 755 -12.62 20.95 -59.38
CA THR A 755 -12.69 21.35 -57.98
C THR A 755 -12.11 22.75 -57.80
N LYS A 756 -12.76 23.53 -56.95
CA LYS A 756 -12.28 24.83 -56.54
C LYS A 756 -12.19 24.89 -55.02
N PRO A 757 -11.46 25.85 -54.48
CA PRO A 757 -11.28 25.91 -53.02
C PRO A 757 -12.56 26.30 -52.30
N LEU A 758 -12.61 25.96 -51.03
CA LEU A 758 -13.68 26.47 -50.19
C LEU A 758 -13.28 27.83 -49.63
N LEU A 759 -14.28 28.60 -49.24
CA LEU A 759 -13.96 29.82 -48.53
C LEU A 759 -13.59 29.48 -47.09
N PRO A 760 -12.63 30.18 -46.50
CA PRO A 760 -12.19 29.81 -45.14
C PRO A 760 -13.33 29.84 -44.12
N SER A 761 -14.30 30.75 -44.27
CA SER A 761 -15.43 30.78 -43.36
C SER A 761 -16.30 29.53 -43.46
N GLN A 762 -16.15 28.76 -44.54
CA GLN A 762 -16.91 27.53 -44.70
C GLN A 762 -16.31 26.39 -43.88
N LEU A 763 -15.01 26.47 -43.58
CA LEU A 763 -14.32 25.43 -42.83
C LEU A 763 -14.68 25.62 -41.36
N VAL A 764 -15.82 25.07 -40.97
CA VAL A 764 -16.37 25.27 -39.64
C VAL A 764 -16.38 23.94 -38.91
N ARG A 765 -16.00 23.97 -37.64
CA ARG A 765 -16.05 22.80 -36.77
C ARG A 765 -17.30 22.87 -35.90
N TYR A 766 -17.74 21.71 -35.45
CA TYR A 766 -18.91 21.66 -34.58
C TYR A 766 -18.48 21.91 -33.14
N ARG A 767 -19.37 22.54 -32.38
CA ARG A 767 -19.12 22.88 -30.98
C ARG A 767 -19.83 21.90 -30.05
N GLU A 768 -19.39 21.89 -28.79
CA GLU A 768 -20.02 21.10 -27.75
C GLU A 768 -21.00 21.94 -26.95
N VAL A 769 -22.13 21.33 -26.58
CA VAL A 769 -23.13 21.98 -25.74
C VAL A 769 -22.51 22.40 -24.42
N GLN A 770 -22.78 23.64 -24.00
CA GLN A 770 -22.26 24.17 -22.75
C GLN A 770 -23.32 23.99 -21.66
N LEU A 771 -23.00 23.15 -20.66
CA LEU A 771 -23.95 22.82 -19.60
C LEU A 771 -23.95 23.87 -18.48
N PRO A 772 -25.09 24.11 -17.85
CA PRO A 772 -25.17 25.15 -16.82
C PRO A 772 -24.57 24.73 -15.49
N ASP A 773 -24.05 25.72 -14.77
CA ASP A 773 -23.51 25.49 -13.44
C ASP A 773 -24.57 24.81 -12.56
N ARG A 774 -24.17 23.75 -11.86
CA ARG A 774 -25.01 23.05 -10.91
C ARG A 774 -26.17 22.30 -11.56
N GLY A 775 -26.18 22.20 -12.89
CA GLY A 775 -27.22 21.44 -13.55
C GLY A 775 -26.97 19.94 -13.60
N TRP A 776 -28.05 19.19 -13.75
CA TRP A 776 -27.99 17.74 -13.96
C TRP A 776 -29.12 17.30 -14.86
N PHE A 777 -28.78 16.77 -16.03
CA PHE A 777 -29.76 16.27 -16.99
C PHE A 777 -29.62 14.76 -17.14
N VAL A 778 -30.74 14.08 -17.37
CA VAL A 778 -30.75 12.65 -17.64
C VAL A 778 -31.48 12.40 -18.95
N TYR A 779 -30.92 11.52 -19.78
CA TYR A 779 -31.59 11.03 -20.97
C TYR A 779 -31.76 9.52 -20.83
N GLN A 780 -32.98 9.04 -21.02
CA GLN A 780 -33.33 7.65 -20.74
C GLN A 780 -33.82 6.97 -22.01
N GLN A 781 -33.33 5.75 -22.24
CA GLN A 781 -33.71 4.93 -23.39
C GLN A 781 -33.63 3.47 -22.98
N ARG A 782 -34.21 2.60 -23.81
CA ARG A 782 -34.27 1.18 -23.51
C ARG A 782 -33.58 0.41 -24.61
N ASN A 783 -32.76 -0.56 -24.24
CA ASN A 783 -32.15 -1.47 -25.20
C ASN A 783 -33.06 -2.68 -25.35
N GLU A 784 -33.54 -2.93 -26.56
CA GLU A 784 -34.58 -3.92 -26.76
C GLU A 784 -34.03 -5.32 -27.06
N VAL A 785 -32.73 -5.52 -27.07
CA VAL A 785 -32.10 -6.80 -27.37
C VAL A 785 -31.45 -7.40 -26.13
N HIS A 786 -30.66 -6.60 -25.41
CA HIS A 786 -29.84 -7.08 -24.30
C HIS A 786 -30.54 -6.86 -22.97
N ASN A 787 -30.52 -7.89 -22.14
CA ASN A 787 -31.11 -7.81 -20.81
C ASN A 787 -30.12 -7.31 -19.77
N ASN A 788 -29.34 -6.32 -20.13
CA ASN A 788 -28.47 -5.58 -19.22
C ASN A 788 -28.81 -4.12 -19.39
N SER A 789 -28.35 -3.28 -18.49
CA SER A 789 -28.53 -1.85 -18.64
C SER A 789 -27.17 -1.18 -18.75
N GLY A 790 -27.16 0.00 -19.36
CA GLY A 790 -25.92 0.74 -19.54
C GLY A 790 -26.08 2.17 -19.07
N ILE A 791 -24.95 2.78 -18.76
CA ILE A 791 -24.96 4.14 -18.24
C ILE A 791 -23.64 4.82 -18.59
N GLU A 792 -23.72 6.09 -18.97
CA GLU A 792 -22.55 6.94 -19.06
C GLU A 792 -22.85 8.20 -18.26
N ILE A 793 -21.91 8.61 -17.44
CA ILE A 793 -22.03 9.82 -16.64
C ILE A 793 -20.90 10.73 -17.04
N TYR A 794 -21.22 11.96 -17.39
CA TYR A 794 -20.26 12.92 -17.90
C TYR A 794 -20.27 14.16 -17.01
N TYR A 795 -19.12 14.46 -16.41
CA TYR A 795 -18.93 15.66 -15.61
C TYR A 795 -18.10 16.59 -16.49
N GLN A 796 -18.80 17.47 -17.21
CA GLN A 796 -18.14 18.44 -18.07
C GLN A 796 -17.37 19.44 -17.23
N THR A 797 -16.11 19.69 -17.61
CA THR A 797 -15.29 20.65 -16.89
C THR A 797 -15.18 21.92 -17.73
N ASP A 798 -14.18 22.05 -18.59
CA ASP A 798 -14.02 23.31 -19.32
C ASP A 798 -13.27 23.02 -20.62
N MET A 799 -13.08 24.07 -21.41
CA MET A 799 -12.33 23.97 -22.66
C MET A 799 -10.94 23.41 -22.37
N GLN A 800 -10.42 22.62 -23.31
CA GLN A 800 -9.07 22.10 -23.16
C GLN A 800 -8.07 23.25 -23.07
N SER A 801 -7.03 23.04 -22.27
CA SER A 801 -6.08 24.06 -21.83
C SER A 801 -4.96 23.32 -21.12
N THR A 802 -3.74 23.85 -21.19
CA THR A 802 -2.64 23.13 -20.57
C THR A 802 -2.95 22.83 -19.10
N SER A 803 -3.45 23.83 -18.38
CA SER A 803 -3.82 23.64 -16.97
C SER A 803 -5.00 22.70 -16.83
N GLU A 804 -6.13 23.04 -17.48
CA GLU A 804 -7.33 22.23 -17.30
C GLU A 804 -7.11 20.80 -17.77
N ASN A 805 -6.24 20.60 -18.76
CA ASN A 805 -5.95 19.24 -19.24
C ASN A 805 -5.33 18.37 -18.17
N MET A 806 -4.32 18.90 -17.47
CA MET A 806 -3.57 18.09 -16.53
C MET A 806 -4.28 17.94 -15.19
N PHE A 807 -5.10 18.92 -14.79
CA PHE A 807 -5.95 18.71 -13.62
C PHE A 807 -6.78 17.46 -13.80
N LEU A 808 -7.47 17.36 -14.94
CA LEU A 808 -8.32 16.22 -15.20
C LEU A 808 -7.52 14.94 -15.33
N GLU A 809 -6.45 14.96 -16.14
CA GLU A 809 -5.69 13.73 -16.36
C GLU A 809 -5.10 13.20 -15.05
N LEU A 810 -4.63 14.09 -14.18
CA LEU A 810 -4.03 13.64 -12.93
C LEU A 810 -5.09 13.08 -11.98
N PHE A 811 -6.22 13.79 -11.86
CA PHE A 811 -7.32 13.24 -11.09
C PHE A 811 -7.76 11.90 -11.64
N ALA A 812 -7.87 11.78 -12.96
CA ALA A 812 -8.23 10.50 -13.56
C ALA A 812 -7.23 9.41 -13.19
N GLN A 813 -5.94 9.71 -13.22
CA GLN A 813 -4.93 8.73 -12.84
C GLN A 813 -5.13 8.28 -11.40
N ILE A 814 -5.31 9.23 -10.49
CA ILE A 814 -5.46 8.90 -9.07
C ILE A 814 -6.62 7.94 -8.85
N ILE A 815 -7.73 8.14 -9.57
CA ILE A 815 -8.95 7.35 -9.31
C ILE A 815 -9.08 6.13 -10.21
N SER A 816 -8.23 5.97 -11.24
CA SER A 816 -8.40 4.90 -12.21
C SER A 816 -8.53 3.52 -11.56
N GLU A 817 -7.47 3.08 -10.90
CA GLU A 817 -7.49 1.79 -10.22
C GLU A 817 -8.56 1.75 -9.13
N PRO A 818 -8.59 2.68 -8.18
CA PRO A 818 -9.62 2.63 -7.14
C PRO A 818 -11.03 2.50 -7.68
N ALA A 819 -11.35 3.19 -8.78
CA ALA A 819 -12.72 3.11 -9.29
C ALA A 819 -13.03 1.71 -9.77
N PHE A 820 -12.08 1.07 -10.44
CA PHE A 820 -12.26 -0.32 -10.86
C PHE A 820 -12.37 -1.24 -9.66
N ASN A 821 -11.48 -1.07 -8.68
CA ASN A 821 -11.50 -1.91 -7.49
C ASN A 821 -12.82 -1.74 -6.73
N THR A 822 -13.25 -0.50 -6.54
CA THR A 822 -14.48 -0.25 -5.77
C THR A 822 -15.71 -0.70 -6.54
N LEU A 823 -15.84 -0.25 -7.79
CA LEU A 823 -17.10 -0.44 -8.52
C LEU A 823 -17.22 -1.85 -9.07
N ARG A 824 -16.11 -2.48 -9.46
CA ARG A 824 -16.19 -3.82 -10.01
C ARG A 824 -15.82 -4.90 -8.99
N THR A 825 -14.56 -4.97 -8.59
CA THR A 825 -14.12 -6.12 -7.78
C THR A 825 -14.83 -6.18 -6.44
N LYS A 826 -15.00 -5.03 -5.77
CA LYS A 826 -15.70 -5.02 -4.49
C LYS A 826 -17.22 -5.10 -4.66
N GLU A 827 -17.83 -4.06 -5.27
CA GLU A 827 -19.29 -4.00 -5.37
C GLU A 827 -19.85 -4.87 -6.49
N GLN A 828 -19.02 -5.35 -7.41
CA GLN A 828 -19.41 -6.23 -8.50
C GLN A 828 -20.67 -5.71 -9.22
N LEU A 829 -20.55 -4.48 -9.73
CA LEU A 829 -21.65 -3.88 -10.49
C LEU A 829 -21.74 -4.46 -11.90
N GLY A 830 -20.60 -4.64 -12.56
CA GLY A 830 -20.65 -5.26 -13.88
C GLY A 830 -19.27 -5.60 -14.37
N TYR A 831 -19.25 -6.33 -15.49
CA TYR A 831 -18.00 -6.69 -16.14
C TYR A 831 -17.31 -5.45 -16.69
N ILE A 832 -18.09 -4.50 -17.17
CA ILE A 832 -17.59 -3.31 -17.83
C ILE A 832 -17.70 -2.17 -16.83
N VAL A 833 -16.55 -1.66 -16.41
CA VAL A 833 -16.48 -0.50 -15.53
C VAL A 833 -15.30 0.34 -16.00
N PHE A 834 -15.57 1.59 -16.35
CA PHE A 834 -14.57 2.43 -16.98
C PHE A 834 -14.66 3.83 -16.41
N SER A 835 -13.52 4.49 -16.30
CA SER A 835 -13.48 5.90 -15.94
C SER A 835 -12.27 6.52 -16.62
N GLY A 836 -12.36 7.82 -16.87
CA GLY A 836 -11.28 8.55 -17.50
C GLY A 836 -11.76 9.81 -18.19
N PRO A 837 -10.82 10.51 -18.82
CA PRO A 837 -11.18 11.76 -19.51
C PRO A 837 -12.05 11.48 -20.72
N ARG A 838 -12.93 12.44 -21.01
CA ARG A 838 -13.66 12.49 -22.27
C ARG A 838 -13.27 13.78 -22.97
N ARG A 839 -12.88 13.69 -24.23
CA ARG A 839 -12.50 14.85 -25.03
C ARG A 839 -13.29 14.82 -26.33
N ALA A 840 -13.99 15.92 -26.61
CA ALA A 840 -14.75 16.08 -27.84
C ALA A 840 -14.85 17.56 -28.18
N ASN A 841 -14.62 17.89 -29.46
CA ASN A 841 -14.87 19.22 -29.97
C ASN A 841 -14.19 20.32 -29.14
N GLY A 842 -13.05 19.99 -28.54
CA GLY A 842 -12.27 20.95 -27.80
C GLY A 842 -12.62 21.05 -26.33
N ILE A 843 -13.68 20.37 -25.90
CA ILE A 843 -14.09 20.40 -24.51
C ILE A 843 -13.70 19.06 -23.87
N GLN A 844 -13.75 19.02 -22.55
CA GLN A 844 -13.33 17.82 -21.84
C GLN A 844 -14.07 17.72 -20.51
N GLY A 845 -13.91 16.55 -19.89
CA GLY A 845 -14.53 16.27 -18.61
C GLY A 845 -14.19 14.85 -18.20
N LEU A 846 -14.77 14.44 -17.08
CA LEU A 846 -14.58 13.11 -16.54
C LEU A 846 -15.80 12.27 -16.84
N ARG A 847 -15.61 11.00 -17.19
CA ARG A 847 -16.72 10.13 -17.54
C ARG A 847 -16.60 8.78 -16.85
N PHE A 848 -17.76 8.19 -16.58
CA PHE A 848 -17.91 6.84 -16.07
C PHE A 848 -18.82 6.07 -17.02
N ILE A 849 -18.45 4.83 -17.34
CA ILE A 849 -19.29 3.96 -18.15
C ILE A 849 -19.42 2.61 -17.46
N ILE A 850 -20.66 2.15 -17.26
CA ILE A 850 -20.93 0.88 -16.60
C ILE A 850 -22.04 0.15 -17.35
N GLN A 851 -21.89 -1.17 -17.44
CA GLN A 851 -22.94 -2.07 -17.91
C GLN A 851 -23.22 -3.06 -16.81
N SER A 852 -24.49 -3.20 -16.45
CA SER A 852 -24.86 -3.88 -15.21
C SER A 852 -26.23 -4.52 -15.35
N GLU A 853 -26.52 -5.45 -14.42
CA GLU A 853 -27.90 -5.89 -14.25
C GLU A 853 -28.70 -4.94 -13.36
N LYS A 854 -28.03 -4.22 -12.46
CA LYS A 854 -28.71 -3.25 -11.61
C LYS A 854 -29.20 -2.06 -12.42
N PRO A 855 -30.23 -1.36 -11.95
CA PRO A 855 -30.80 -0.27 -12.74
C PRO A 855 -29.90 0.96 -12.70
N PRO A 856 -29.97 1.81 -13.73
CA PRO A 856 -29.02 2.93 -13.81
C PRO A 856 -29.06 3.84 -12.60
N HIS A 857 -30.25 4.18 -12.09
CA HIS A 857 -30.32 5.12 -10.99
C HIS A 857 -29.57 4.59 -9.76
N TYR A 858 -29.43 3.27 -9.65
CA TYR A 858 -28.60 2.68 -8.60
C TYR A 858 -27.12 2.90 -8.89
N LEU A 859 -26.70 2.65 -10.13
CA LEU A 859 -25.32 2.93 -10.50
C LEU A 859 -24.98 4.39 -10.26
N GLU A 860 -25.93 5.29 -10.51
CA GLU A 860 -25.70 6.70 -10.24
C GLU A 860 -25.24 6.93 -8.80
N SER A 861 -25.96 6.34 -7.84
CA SER A 861 -25.60 6.55 -6.44
C SER A 861 -24.26 5.92 -6.11
N ARG A 862 -24.01 4.69 -6.60
CA ARG A 862 -22.76 4.03 -6.24
C ARG A 862 -21.55 4.80 -6.78
N VAL A 863 -21.66 5.37 -7.99
CA VAL A 863 -20.60 6.24 -8.49
C VAL A 863 -20.50 7.52 -7.66
N GLU A 864 -21.65 8.08 -7.28
CA GLU A 864 -21.64 9.26 -6.43
C GLU A 864 -21.05 8.94 -5.06
N ALA A 865 -21.36 7.77 -4.52
CA ALA A 865 -20.76 7.34 -3.27
C ALA A 865 -19.25 7.17 -3.43
N PHE A 866 -18.82 6.63 -4.57
CA PHE A 866 -17.40 6.44 -4.81
C PHE A 866 -16.64 7.75 -4.89
N LEU A 867 -17.26 8.79 -5.43
CA LEU A 867 -16.53 10.04 -5.60
C LEU A 867 -16.18 10.67 -4.26
N ILE A 868 -17.03 10.49 -3.25
CA ILE A 868 -16.70 11.03 -1.93
C ILE A 868 -15.57 10.22 -1.29
N THR A 869 -15.59 8.89 -1.48
CA THR A 869 -14.47 8.08 -1.04
C THR A 869 -13.16 8.61 -1.61
N MET A 870 -13.19 9.09 -2.85
CA MET A 870 -11.97 9.57 -3.49
C MET A 870 -11.52 10.93 -2.93
N GLU A 871 -12.46 11.77 -2.48
CA GLU A 871 -12.07 13.03 -1.85
C GLU A 871 -11.32 12.77 -0.55
N LYS A 872 -11.81 11.85 0.28
CA LYS A 872 -11.12 11.51 1.51
C LYS A 872 -9.81 10.80 1.21
N SER A 873 -9.83 9.86 0.27
CA SER A 873 -8.61 9.14 -0.10
C SER A 873 -7.51 10.09 -0.55
N ILE A 874 -7.87 11.14 -1.28
CA ILE A 874 -6.85 12.09 -1.71
C ILE A 874 -6.33 12.89 -0.52
N GLU A 875 -7.21 13.27 0.40
CA GLU A 875 -6.75 14.00 1.58
C GLU A 875 -5.82 13.12 2.44
N ASP A 876 -6.19 11.86 2.64
CA ASP A 876 -5.38 11.01 3.50
C ASP A 876 -4.09 10.50 2.85
N MET A 877 -3.98 10.51 1.51
CA MET A 877 -2.80 9.91 0.88
C MET A 877 -1.53 10.72 1.18
N THR A 878 -0.42 10.02 1.34
CA THR A 878 0.84 10.68 1.63
C THR A 878 1.31 11.53 0.46
N GLU A 879 2.29 12.40 0.73
CA GLU A 879 2.84 13.25 -0.31
C GLU A 879 3.62 12.45 -1.34
N GLU A 880 4.29 11.37 -0.93
CA GLU A 880 4.97 10.60 -1.94
C GLU A 880 3.99 9.76 -2.77
N ALA A 881 2.93 9.25 -2.13
CA ALA A 881 1.90 8.56 -2.89
C ALA A 881 1.37 9.46 -4.01
N PHE A 882 1.20 10.75 -3.71
CA PHE A 882 0.77 11.72 -4.72
C PHE A 882 1.79 11.84 -5.84
N GLN A 883 3.05 12.13 -5.49
CA GLN A 883 4.09 12.25 -6.52
C GLN A 883 4.21 10.96 -7.32
N LYS A 884 3.89 9.82 -6.70
CA LYS A 884 3.93 8.54 -7.41
C LYS A 884 2.97 8.57 -8.59
N HIS A 885 1.76 9.09 -8.38
CA HIS A 885 0.80 9.21 -9.47
C HIS A 885 1.28 10.19 -10.53
N ILE A 886 1.81 11.34 -10.10
CA ILE A 886 2.36 12.31 -11.05
C ILE A 886 3.38 11.64 -11.96
N GLN A 887 4.29 10.88 -11.37
CA GLN A 887 5.31 10.23 -12.17
C GLN A 887 4.71 9.14 -13.04
N ALA A 888 3.65 8.48 -12.57
CA ALA A 888 3.00 7.45 -13.37
C ALA A 888 2.35 8.06 -14.61
N LEU A 889 1.57 9.12 -14.43
CA LEU A 889 0.99 9.82 -15.57
C LEU A 889 2.06 10.31 -16.53
N ALA A 890 3.14 10.88 -15.98
CA ALA A 890 4.23 11.38 -16.81
C ALA A 890 4.80 10.28 -17.69
N ILE A 891 5.04 9.09 -17.12
CA ILE A 891 5.60 8.00 -17.90
C ILE A 891 4.67 7.62 -19.03
N ARG A 892 3.36 7.62 -18.77
CA ARG A 892 2.41 7.29 -19.81
C ARG A 892 2.47 8.31 -20.95
N ARG A 893 2.43 9.59 -20.62
CA ARG A 893 2.38 10.63 -21.64
C ARG A 893 3.66 10.67 -22.48
N LEU A 894 4.81 10.41 -21.87
CA LEU A 894 6.07 10.51 -22.60
C LEU A 894 6.50 9.22 -23.27
N ASP A 895 5.69 8.15 -23.15
CA ASP A 895 5.99 6.89 -23.81
C ASP A 895 6.23 7.13 -25.30
N LYS A 896 7.41 6.79 -25.78
CA LYS A 896 7.75 7.08 -27.16
C LYS A 896 7.02 6.10 -28.09
N PRO A 897 6.49 6.58 -29.21
CA PRO A 897 5.98 5.65 -30.22
C PRO A 897 7.12 4.78 -30.75
N LYS A 898 6.79 3.52 -31.06
CA LYS A 898 7.77 2.56 -31.53
C LYS A 898 7.64 2.25 -33.01
N LYS A 899 6.53 2.59 -33.63
CA LYS A 899 6.34 2.37 -35.04
C LYS A 899 5.84 3.65 -35.68
N LEU A 900 6.09 3.78 -36.99
CA LEU A 900 5.74 5.00 -37.70
C LEU A 900 4.25 5.33 -37.53
N SER A 901 3.39 4.32 -37.67
CA SER A 901 1.95 4.56 -37.59
C SER A 901 1.55 5.27 -36.29
N ALA A 902 2.20 4.93 -35.18
CA ALA A 902 1.82 5.51 -33.90
C ALA A 902 2.24 6.98 -33.80
N GLU A 903 3.45 7.31 -34.24
CA GLU A 903 3.87 8.71 -34.28
C GLU A 903 2.95 9.52 -35.19
N SER A 904 2.62 8.95 -36.37
CA SER A 904 1.70 9.61 -37.28
C SER A 904 0.37 9.89 -36.62
N ALA A 905 -0.14 8.94 -35.85
CA ALA A 905 -1.43 9.13 -35.21
C ALA A 905 -1.40 10.33 -34.26
N LYS A 906 -0.32 10.47 -33.49
CA LYS A 906 -0.17 11.59 -32.58
C LYS A 906 -0.31 12.92 -33.32
N TYR A 907 0.45 13.06 -34.40
CA TYR A 907 0.37 14.28 -35.21
C TYR A 907 -1.03 14.46 -35.79
N TRP A 908 -1.61 13.38 -36.33
CA TRP A 908 -2.90 13.48 -36.98
C TRP A 908 -3.95 13.97 -35.99
N GLY A 909 -3.83 13.55 -34.74
CA GLY A 909 -4.75 14.05 -33.72
C GLY A 909 -4.59 15.53 -33.48
N GLU A 910 -3.35 16.04 -33.58
CA GLU A 910 -3.15 17.48 -33.44
C GLU A 910 -3.77 18.23 -34.60
N ILE A 911 -3.80 17.60 -35.77
CA ILE A 911 -4.26 18.28 -36.98
C ILE A 911 -5.76 18.22 -37.10
N ILE A 912 -6.36 17.06 -36.88
CA ILE A 912 -7.81 17.00 -37.05
C ILE A 912 -8.51 17.77 -35.95
N SER A 913 -7.89 17.89 -34.78
CA SER A 913 -8.45 18.72 -33.72
C SER A 913 -8.13 20.19 -33.91
N GLN A 914 -7.29 20.53 -34.89
CA GLN A 914 -6.91 21.91 -35.20
C GLN A 914 -6.25 22.61 -34.03
N GLN A 915 -5.68 21.84 -33.10
CA GLN A 915 -4.87 22.41 -32.03
C GLN A 915 -3.39 22.49 -32.40
N TYR A 916 -2.91 21.56 -33.22
CA TYR A 916 -1.55 21.67 -33.79
C TYR A 916 -0.49 21.82 -32.71
N ASN A 917 -0.65 21.11 -31.60
CA ASN A 917 0.29 21.20 -30.47
C ASN A 917 1.26 20.03 -30.49
N PHE A 918 2.20 20.07 -31.44
CA PHE A 918 3.09 18.94 -31.64
C PHE A 918 4.04 18.70 -30.46
N ASP A 919 4.32 19.71 -29.64
CA ASP A 919 5.16 19.52 -28.46
C ASP A 919 4.33 19.36 -27.19
N ARG A 920 3.09 18.90 -27.32
CA ARG A 920 2.18 18.89 -26.19
C ARG A 920 2.72 18.07 -25.03
N ASP A 921 3.29 16.89 -25.32
CA ASP A 921 3.71 15.97 -24.26
C ASP A 921 4.75 16.62 -23.35
N ASN A 922 5.80 17.20 -23.93
CA ASN A 922 6.84 17.82 -23.10
C ASN A 922 6.27 18.97 -22.29
N THR A 923 5.48 19.82 -22.93
CA THR A 923 4.89 20.97 -22.25
C THR A 923 3.99 20.54 -21.10
N GLU A 924 3.04 19.64 -21.37
CA GLU A 924 2.05 19.27 -20.37
C GLU A 924 2.67 18.49 -19.20
N VAL A 925 3.65 17.62 -19.48
CA VAL A 925 4.28 16.90 -18.38
C VAL A 925 5.05 17.87 -17.48
N ALA A 926 5.73 18.84 -18.08
CA ALA A 926 6.45 19.84 -17.28
C ALA A 926 5.51 20.56 -16.31
N TYR A 927 4.35 20.99 -16.79
CA TYR A 927 3.38 21.64 -15.93
C TYR A 927 2.80 20.68 -14.90
N LEU A 928 2.49 19.44 -15.34
CA LEU A 928 1.96 18.43 -14.43
C LEU A 928 2.83 18.28 -13.19
N LYS A 929 4.16 18.26 -13.38
CA LYS A 929 5.06 17.96 -12.26
C LYS A 929 4.96 19.00 -11.15
N THR A 930 4.55 20.22 -11.47
CA THR A 930 4.41 21.29 -10.50
C THR A 930 3.07 21.29 -9.78
N LEU A 931 2.18 20.37 -10.11
CA LEU A 931 0.88 20.34 -9.43
C LEU A 931 1.02 19.80 -8.02
N THR A 932 0.10 20.22 -7.15
CA THR A 932 0.16 19.89 -5.73
C THR A 932 -1.14 19.23 -5.32
N LYS A 933 -1.07 18.49 -4.21
CA LYS A 933 -2.28 17.90 -3.65
C LYS A 933 -3.33 18.96 -3.41
N GLU A 934 -2.91 20.16 -3.02
CA GLU A 934 -3.86 21.25 -2.83
C GLU A 934 -4.60 21.56 -4.13
N ASP A 935 -3.86 21.59 -5.24
CA ASP A 935 -4.46 21.92 -6.54
C ASP A 935 -5.58 20.95 -6.91
N ILE A 936 -5.35 19.64 -6.70
CA ILE A 936 -6.34 18.66 -7.11
C ILE A 936 -7.59 18.76 -6.24
N ILE A 937 -7.44 19.00 -4.94
CA ILE A 937 -8.62 19.13 -4.10
C ILE A 937 -9.47 20.32 -4.53
N LYS A 938 -8.83 21.46 -4.84
CA LYS A 938 -9.58 22.63 -5.30
C LYS A 938 -10.31 22.33 -6.60
N PHE A 939 -9.66 21.61 -7.51
CA PHE A 939 -10.29 21.24 -8.77
C PHE A 939 -11.53 20.38 -8.52
N TYR A 940 -11.42 19.40 -7.61
CA TYR A 940 -12.56 18.55 -7.30
C TYR A 940 -13.66 19.35 -6.61
N LYS A 941 -13.29 20.18 -5.63
CA LYS A 941 -14.28 20.97 -4.90
C LYS A 941 -15.05 21.90 -5.84
N GLU A 942 -14.37 22.45 -6.84
CA GLU A 942 -14.99 23.44 -7.73
C GLU A 942 -15.81 22.78 -8.84
N MET A 943 -15.36 21.63 -9.36
CA MET A 943 -15.92 21.06 -10.57
C MET A 943 -16.64 19.74 -10.39
N LEU A 944 -16.16 18.85 -9.50
CA LEU A 944 -16.68 17.50 -9.45
C LEU A 944 -17.54 17.16 -8.23
N ALA A 945 -17.25 17.72 -7.06
CA ALA A 945 -17.97 17.33 -5.85
C ALA A 945 -19.47 17.54 -6.01
N VAL A 946 -20.25 16.76 -5.27
CA VAL A 946 -21.70 16.80 -5.44
C VAL A 946 -22.24 18.22 -5.27
N ASP A 947 -21.66 18.98 -4.35
CA ASP A 947 -22.06 20.37 -4.11
C ASP A 947 -21.09 21.36 -4.74
N ALA A 948 -20.47 21.00 -5.85
CA ALA A 948 -19.52 21.89 -6.49
C ALA A 948 -20.27 23.05 -7.14
N PRO A 949 -19.76 24.27 -7.02
CA PRO A 949 -20.43 25.42 -7.64
C PRO A 949 -20.49 25.36 -9.15
N ARG A 950 -19.62 24.58 -9.79
CA ARG A 950 -19.56 24.50 -11.25
C ARG A 950 -19.64 23.06 -11.71
N ARG A 951 -20.46 22.25 -11.03
CA ARG A 951 -20.68 20.88 -11.48
C ARG A 951 -21.59 20.88 -12.70
N HIS A 952 -21.16 20.20 -13.75
CA HIS A 952 -21.94 20.07 -14.98
C HIS A 952 -22.10 18.57 -15.24
N LYS A 953 -23.28 18.04 -14.92
CA LYS A 953 -23.50 16.60 -14.96
C LYS A 953 -24.61 16.27 -15.94
N VAL A 954 -24.30 15.39 -16.89
CA VAL A 954 -25.29 14.84 -17.81
C VAL A 954 -25.13 13.33 -17.81
N SER A 955 -26.26 12.63 -17.78
CA SER A 955 -26.26 11.18 -17.65
C SER A 955 -27.17 10.55 -18.70
N VAL A 956 -26.70 9.45 -19.27
CA VAL A 956 -27.48 8.65 -20.20
C VAL A 956 -27.74 7.30 -19.56
N HIS A 957 -29.03 6.97 -19.42
CA HIS A 957 -29.48 5.71 -18.83
C HIS A 957 -30.07 4.85 -19.93
N VAL A 958 -29.44 3.73 -20.23
CA VAL A 958 -30.00 2.75 -21.14
C VAL A 958 -30.53 1.60 -20.29
N LEU A 959 -31.85 1.45 -20.28
CA LEU A 959 -32.49 0.43 -19.45
C LEU A 959 -32.38 -0.92 -20.14
N ALA A 960 -32.43 -1.97 -19.32
CA ALA A 960 -32.36 -3.31 -19.87
C ALA A 960 -33.66 -3.69 -20.56
N ARG A 961 -33.58 -4.75 -21.37
CA ARG A 961 -34.71 -5.17 -22.18
C ARG A 961 -35.99 -5.37 -21.35
N GLU A 962 -35.86 -5.89 -20.13
CA GLU A 962 -37.04 -6.28 -19.37
C GLU A 962 -37.45 -5.27 -18.30
N MET A 963 -36.75 -4.14 -18.16
CA MET A 963 -37.17 -3.12 -17.19
C MET A 963 -38.31 -2.31 -17.80
N ASP A 964 -39.45 -2.24 -17.11
CA ASP A 964 -40.60 -1.49 -17.63
C ASP A 964 -40.35 0.01 -17.58
N SER A 965 -39.96 0.50 -16.41
CA SER A 965 -39.58 1.89 -16.21
C SER A 965 -38.40 1.88 -15.24
N ASN A 966 -38.13 3.00 -14.60
CA ASN A 966 -37.04 3.07 -13.65
C ASN A 966 -36.96 4.48 -13.07
N PRO A 967 -36.97 4.65 -11.74
CA PRO A 967 -36.81 6.00 -11.17
C PRO A 967 -35.55 6.74 -11.64
N ILE A 978 -25.73 -1.28 4.84
CA ILE A 978 -25.02 -2.53 4.63
C ILE A 978 -23.50 -2.33 4.72
N ASN A 979 -22.75 -3.17 4.01
CA ASN A 979 -21.30 -3.08 3.93
C ASN A 979 -20.81 -1.97 3.01
N LEU A 980 -21.68 -1.45 2.14
CA LEU A 980 -21.32 -0.44 1.15
C LEU A 980 -21.31 0.98 1.75
N SER A 981 -20.38 1.80 1.25
CA SER A 981 -20.28 3.20 1.65
C SER A 981 -21.59 3.94 1.40
N GLN A 982 -21.77 5.05 2.09
CA GLN A 982 -23.00 5.83 1.99
C GLN A 982 -22.93 6.80 0.82
N ALA A 983 -24.04 6.91 0.09
CA ALA A 983 -24.09 7.77 -1.09
C ALA A 983 -24.78 9.09 -0.76
N PRO A 984 -24.32 10.20 -1.31
CA PRO A 984 -24.97 11.48 -1.02
C PRO A 984 -26.34 11.53 -1.68
N ALA A 985 -27.21 12.37 -1.13
CA ALA A 985 -28.51 12.58 -1.75
C ALA A 985 -28.31 13.47 -2.98
N LEU A 986 -29.02 13.15 -4.06
CA LEU A 986 -28.82 13.89 -5.29
C LEU A 986 -30.02 14.76 -5.61
N PRO A 987 -29.82 15.83 -6.38
CA PRO A 987 -30.93 16.68 -6.78
C PRO A 987 -31.88 15.97 -7.72
N GLN A 988 -33.00 16.63 -8.01
CA GLN A 988 -33.96 16.12 -8.99
C GLN A 988 -33.44 16.40 -10.39
N PRO A 989 -33.21 15.40 -11.23
CA PRO A 989 -32.64 15.67 -12.55
C PRO A 989 -33.67 16.19 -13.53
N GLU A 990 -33.21 17.03 -14.46
CA GLU A 990 -34.06 17.49 -15.56
C GLU A 990 -34.03 16.41 -16.64
N VAL A 991 -35.18 15.79 -16.89
CA VAL A 991 -35.26 14.65 -17.81
C VAL A 991 -35.40 15.18 -19.24
N ILE A 992 -34.39 14.92 -20.06
CA ILE A 992 -34.38 15.34 -21.46
C ILE A 992 -35.41 14.53 -22.25
N GLN A 993 -36.42 15.23 -22.77
CA GLN A 993 -37.46 14.58 -23.54
C GLN A 993 -37.25 14.69 -25.04
N ASN A 994 -36.41 15.61 -25.48
CA ASN A 994 -36.19 15.82 -26.91
C ASN A 994 -34.77 16.34 -27.10
N MET A 995 -33.96 15.63 -27.88
CA MET A 995 -32.57 16.02 -27.99
C MET A 995 -32.41 17.36 -28.70
N THR A 996 -33.28 17.65 -29.67
CA THR A 996 -33.17 18.92 -30.38
C THR A 996 -33.52 20.10 -29.48
N GLU A 997 -34.61 20.00 -28.72
CA GLU A 997 -34.98 21.06 -27.78
C GLU A 997 -33.91 21.25 -26.71
N PHE A 998 -33.30 20.16 -26.25
CA PHE A 998 -32.24 20.26 -25.26
C PHE A 998 -31.10 21.15 -25.77
N LYS A 999 -30.63 20.88 -26.98
CA LYS A 999 -29.47 21.60 -27.51
C LYS A 999 -29.79 23.08 -27.74
N ARG A 1000 -30.94 23.40 -28.32
CA ARG A 1000 -31.22 24.81 -28.55
C ARG A 1000 -31.56 25.58 -27.27
N GLY A 1001 -31.82 24.88 -26.18
CA GLY A 1001 -32.02 25.57 -24.91
C GLY A 1001 -30.76 25.92 -24.16
N LEU A 1002 -29.58 25.73 -24.75
CA LEU A 1002 -28.33 25.89 -24.03
C LEU A 1002 -27.32 26.61 -24.90
N PRO A 1003 -26.32 27.24 -24.30
CA PRO A 1003 -25.25 27.86 -25.09
C PRO A 1003 -24.37 26.81 -25.75
N LEU A 1004 -23.54 27.28 -26.67
CA LEU A 1004 -22.53 26.44 -27.29
C LEU A 1004 -21.15 26.97 -26.92
N PHE A 1005 -20.24 26.05 -26.58
CA PHE A 1005 -18.88 26.43 -26.23
C PHE A 1005 -18.20 27.09 -27.41
N PRO A 1006 -17.10 27.78 -27.19
CA PRO A 1006 -16.24 28.20 -28.29
C PRO A 1006 -15.43 27.01 -28.79
N LEU A 1007 -14.60 27.27 -29.80
CA LEU A 1007 -13.65 26.31 -30.31
C LEU A 1007 -12.25 26.66 -29.85
N VAL A 1008 -11.39 25.64 -29.70
CA VAL A 1008 -10.06 25.87 -29.17
C VAL A 1008 -9.25 26.71 -30.16
N LYS A 1009 -8.43 27.61 -29.64
CA LYS A 1009 -7.58 28.41 -30.52
C LYS A 1009 -6.36 27.59 -30.93
N PRO A 1010 -6.00 27.59 -32.22
CA PRO A 1010 -4.82 26.84 -32.66
C PRO A 1010 -3.52 27.40 -32.09
N HIS A 1011 -2.53 26.52 -32.01
CA HIS A 1011 -1.25 26.83 -31.37
C HIS A 1011 -0.37 27.80 -32.19
N ASN B 44 -0.68 38.57 5.67
CA ASN B 44 0.03 38.76 6.94
C ASN B 44 1.54 38.63 6.75
N PRO B 45 2.29 39.66 7.20
CA PRO B 45 3.74 39.66 6.99
C PRO B 45 4.54 38.84 7.99
N ALA B 46 3.98 38.55 9.18
CA ALA B 46 4.68 37.75 10.19
C ALA B 46 4.78 36.28 9.82
N ILE B 47 4.02 35.82 8.83
CA ILE B 47 3.98 34.43 8.44
C ILE B 47 4.61 34.29 7.05
N LYS B 48 5.63 33.44 6.95
CA LYS B 48 6.31 33.23 5.68
C LYS B 48 5.53 32.29 4.75
N ARG B 49 4.84 31.29 5.29
CA ARG B 49 4.02 30.40 4.47
C ARG B 49 3.15 29.53 5.37
N ILE B 50 2.07 29.00 4.78
CA ILE B 50 1.15 28.10 5.47
C ILE B 50 0.93 26.83 4.66
N GLY B 51 0.96 25.68 5.34
CA GLY B 51 0.50 24.44 4.77
C GLY B 51 -0.88 24.11 5.32
N ASN B 52 -1.95 24.24 4.54
CA ASN B 52 -3.26 23.90 5.10
C ASN B 52 -3.60 22.42 5.04
N HIS B 53 -2.88 21.61 4.27
CA HIS B 53 -3.15 20.19 4.29
C HIS B 53 -2.02 19.47 5.02
N ILE B 54 -2.30 19.01 6.23
CA ILE B 54 -1.36 18.21 7.00
C ILE B 54 -1.85 16.78 6.99
N THR B 55 -1.19 15.91 6.22
CA THR B 55 -1.66 14.54 6.12
C THR B 55 -1.74 13.92 7.51
N LYS B 56 -2.90 13.39 7.85
CA LYS B 56 -3.14 12.84 9.18
C LYS B 56 -3.81 11.48 9.06
N SER B 57 -3.89 10.79 10.20
CA SER B 57 -4.51 9.48 10.19
C SER B 57 -5.98 9.62 9.82
N PRO B 58 -6.52 8.68 9.03
CA PRO B 58 -7.94 8.78 8.66
C PRO B 58 -8.90 8.63 9.83
N GLU B 59 -8.45 8.19 11.01
CA GLU B 59 -9.27 8.13 12.21
C GLU B 59 -9.08 9.34 13.13
N ASP B 60 -8.11 10.20 12.85
CA ASP B 60 -7.79 11.31 13.73
C ASP B 60 -8.82 12.41 13.55
N LYS B 61 -9.49 12.79 14.64
CA LYS B 61 -10.53 13.82 14.56
C LYS B 61 -10.00 15.22 14.84
N ARG B 62 -8.75 15.35 15.29
CA ARG B 62 -8.15 16.66 15.49
C ARG B 62 -7.84 17.31 14.15
N GLU B 63 -7.71 18.63 14.17
CA GLU B 63 -7.43 19.40 12.98
C GLU B 63 -6.08 20.09 13.15
N TYR B 64 -5.31 20.11 12.06
CA TYR B 64 -3.92 20.57 12.07
C TYR B 64 -3.70 21.68 11.05
N ARG B 65 -2.95 22.69 11.45
CA ARG B 65 -2.40 23.67 10.52
C ARG B 65 -0.91 23.81 10.80
N GLY B 66 -0.14 23.87 9.73
CA GLY B 66 1.29 24.06 9.82
C GLY B 66 1.67 25.37 9.17
N LEU B 67 2.74 25.99 9.69
CA LEU B 67 3.17 27.24 9.09
C LEU B 67 4.61 27.52 9.49
N GLU B 68 5.23 28.41 8.70
CA GLU B 68 6.57 28.91 8.94
C GLU B 68 6.47 30.41 9.16
N LEU B 69 7.03 30.88 10.26
CA LEU B 69 7.01 32.30 10.59
C LEU B 69 8.04 33.07 9.77
N ALA B 70 7.89 34.40 9.79
CA ALA B 70 8.84 35.27 9.10
C ALA B 70 10.26 35.06 9.60
N ASN B 71 10.42 34.82 10.90
CA ASN B 71 11.72 34.61 11.51
C ASN B 71 12.26 33.19 11.32
N GLY B 72 11.52 32.31 10.65
CA GLY B 72 12.01 30.98 10.35
C GLY B 72 11.55 29.88 11.27
N ILE B 73 10.81 30.20 12.33
CA ILE B 73 10.29 29.18 13.24
C ILE B 73 9.25 28.33 12.50
N LYS B 74 9.45 27.01 12.51
CA LYS B 74 8.46 26.07 11.97
C LYS B 74 7.45 25.71 13.06
N VAL B 75 6.16 25.74 12.71
CA VAL B 75 5.08 25.64 13.67
C VAL B 75 4.07 24.60 13.21
N LEU B 76 3.59 23.79 14.16
CA LEU B 76 2.42 22.95 13.96
C LEU B 76 1.36 23.32 14.99
N LEU B 77 0.15 23.57 14.50
CA LEU B 77 -0.99 23.91 15.34
C LEU B 77 -1.93 22.73 15.38
N ILE B 78 -2.28 22.31 16.59
CA ILE B 78 -3.19 21.18 16.79
C ILE B 78 -4.40 21.68 17.54
N SER B 79 -5.57 21.59 16.91
CA SER B 79 -6.82 22.01 17.52
C SER B 79 -7.64 20.77 17.87
N ASP B 80 -7.84 20.54 19.16
CA ASP B 80 -8.60 19.40 19.66
C ASP B 80 -9.60 19.94 20.67
N PRO B 81 -10.82 20.25 20.23
CA PRO B 81 -11.80 20.88 21.15
C PRO B 81 -12.20 20.00 22.33
N THR B 82 -11.90 18.69 22.31
CA THR B 82 -12.30 17.82 23.41
C THR B 82 -11.29 17.80 24.55
N THR B 83 -10.03 18.11 24.28
CA THR B 83 -8.96 17.83 25.23
C THR B 83 -9.19 18.54 26.57
N ASP B 84 -8.87 17.85 27.67
CA ASP B 84 -8.92 18.47 28.98
C ASP B 84 -7.71 19.35 29.23
N LYS B 85 -6.55 18.97 28.71
CA LYS B 85 -5.32 19.71 28.89
C LYS B 85 -4.83 20.25 27.55
N SER B 86 -4.45 21.51 27.53
CA SER B 86 -3.74 22.08 26.40
C SER B 86 -2.24 21.91 26.63
N SER B 87 -1.45 22.15 25.58
CA SER B 87 -0.05 21.84 25.68
C SER B 87 0.71 22.62 24.61
N ALA B 88 1.97 22.93 24.92
CA ALA B 88 2.86 23.51 23.93
C ALA B 88 4.26 23.00 24.18
N ALA B 89 5.06 22.97 23.12
CA ALA B 89 6.46 22.57 23.23
C ALA B 89 7.27 23.34 22.21
N LEU B 90 8.53 23.62 22.56
CA LEU B 90 9.49 24.24 21.65
C LEU B 90 10.76 23.42 21.62
N ASP B 91 11.30 23.24 20.41
CA ASP B 91 12.52 22.49 20.22
C ASP B 91 13.56 23.34 19.49
N VAL B 92 14.75 23.43 20.08
CA VAL B 92 15.89 24.14 19.49
C VAL B 92 16.89 23.12 18.98
N HIS B 93 17.32 23.28 17.73
CA HIS B 93 18.27 22.33 17.12
C HIS B 93 19.71 22.54 17.59
N ILE B 94 19.91 22.75 18.89
CA ILE B 94 21.23 22.81 19.50
C ILE B 94 21.22 21.93 20.74
N GLY B 95 22.35 21.31 21.02
CA GLY B 95 22.48 20.41 22.14
C GLY B 95 23.92 20.23 22.57
N SER B 96 24.15 19.19 23.37
CA SER B 96 25.44 19.06 24.05
C SER B 96 26.61 18.94 23.08
N LEU B 97 26.39 18.43 21.87
CA LEU B 97 27.49 18.37 20.91
C LEU B 97 28.08 19.74 20.62
N SER B 98 27.31 20.81 20.87
CA SER B 98 27.75 22.17 20.62
C SER B 98 28.31 22.85 21.88
N ASP B 99 28.56 22.09 22.93
CA ASP B 99 29.10 22.67 24.15
C ASP B 99 30.51 23.18 23.92
N PRO B 100 30.88 24.30 24.52
CA PRO B 100 32.29 24.71 24.52
C PRO B 100 33.16 23.60 25.07
N PRO B 101 34.29 23.31 24.44
CA PRO B 101 35.13 22.20 24.93
C PRO B 101 35.64 22.38 26.36
N ASN B 102 35.85 23.62 26.81
CA ASN B 102 36.32 23.86 28.17
C ASN B 102 35.21 23.96 29.19
N ILE B 103 33.94 24.02 28.78
CA ILE B 103 32.84 24.02 29.75
C ILE B 103 31.88 22.87 29.45
N ALA B 104 32.21 21.67 29.92
CA ALA B 104 31.38 20.53 29.61
C ALA B 104 30.01 20.65 30.25
N GLY B 105 28.97 20.32 29.49
CA GLY B 105 27.62 20.35 30.01
C GLY B 105 26.94 21.71 30.01
N LEU B 106 27.46 22.67 29.26
CA LEU B 106 26.88 24.01 29.30
C LEU B 106 25.44 24.01 28.77
N SER B 107 25.19 23.27 27.69
CA SER B 107 23.84 23.29 27.12
C SER B 107 22.83 22.60 28.03
N HIS B 108 23.24 21.53 28.73
CA HIS B 108 22.36 20.92 29.72
C HIS B 108 22.11 21.87 30.88
N PHE B 109 23.13 22.63 31.28
CA PHE B 109 22.97 23.60 32.36
C PHE B 109 21.99 24.70 31.96
N LEU B 110 22.08 25.18 30.72
CA LEU B 110 21.16 26.20 30.21
C LEU B 110 19.71 25.73 30.29
N GLN B 111 19.46 24.44 30.03
CA GLN B 111 18.12 23.89 30.18
C GLN B 111 17.58 24.09 31.60
N HIS B 112 18.40 23.75 32.60
CA HIS B 112 17.95 23.94 33.99
C HIS B 112 17.71 25.42 34.30
N MET B 113 18.47 26.32 33.68
CA MET B 113 18.47 27.71 34.08
C MET B 113 17.29 28.51 33.53
N LEU B 114 16.72 28.10 32.40
CA LEU B 114 15.62 28.87 31.83
C LEU B 114 14.35 28.80 32.69
N PHE B 115 14.18 27.72 33.45
CA PHE B 115 13.02 27.60 34.33
C PHE B 115 13.02 28.63 35.46
N LEU B 116 14.17 29.21 35.78
CA LEU B 116 14.33 29.94 37.03
C LEU B 116 14.02 31.43 36.91
N GLY B 117 13.41 31.89 35.82
CA GLY B 117 12.87 33.24 35.79
C GLY B 117 13.19 34.08 34.58
N THR B 118 12.28 34.99 34.24
CA THR B 118 12.39 35.84 33.07
C THR B 118 12.08 37.27 33.46
N LYS B 119 12.39 38.19 32.55
CA LYS B 119 12.20 39.60 32.83
C LYS B 119 10.73 39.92 33.10
N LYS B 120 9.83 39.37 32.28
CA LYS B 120 8.41 39.62 32.47
C LYS B 120 7.88 38.99 33.76
N TYR B 121 8.41 37.83 34.16
CA TYR B 121 7.97 37.10 35.34
C TYR B 121 9.19 36.78 36.19
N PRO B 122 9.66 37.74 37.00
CA PRO B 122 10.93 37.53 37.70
C PRO B 122 10.89 36.48 38.80
N LYS B 123 9.73 36.20 39.41
CA LYS B 123 9.69 35.28 40.55
C LYS B 123 10.27 33.92 40.16
N GLU B 124 11.24 33.46 40.95
CA GLU B 124 12.06 32.32 40.57
C GLU B 124 11.23 31.09 40.23
N ASN B 125 10.12 30.87 40.94
CA ASN B 125 9.29 29.68 40.75
C ASN B 125 7.91 30.03 40.20
N GLU B 126 7.78 31.20 39.56
CA GLU B 126 6.48 31.59 38.99
C GLU B 126 6.02 30.57 37.95
N TYR B 127 6.96 30.03 37.17
CA TYR B 127 6.58 29.08 36.13
C TYR B 127 6.09 27.77 36.76
N SER B 128 6.91 27.16 37.61
CA SER B 128 6.50 25.93 38.30
C SER B 128 5.19 26.14 39.05
N GLN B 129 5.10 27.22 39.82
CA GLN B 129 3.93 27.42 40.67
C GLN B 129 2.66 27.65 39.85
N PHE B 130 2.75 28.42 38.75
CA PHE B 130 1.56 28.66 37.94
C PHE B 130 1.02 27.36 37.37
N LEU B 131 1.89 26.53 36.81
CA LEU B 131 1.43 25.25 36.28
C LEU B 131 0.87 24.38 37.40
N SER B 132 1.47 24.47 38.59
CA SER B 132 1.03 23.64 39.71
C SER B 132 -0.42 23.92 40.07
N GLU B 133 -0.80 25.21 40.09
CA GLU B 133 -2.14 25.62 40.51
C GLU B 133 -3.17 25.56 39.38
N HIS B 134 -2.80 25.05 38.21
CA HIS B 134 -3.72 24.92 37.10
C HIS B 134 -3.63 23.55 36.44
N ALA B 135 -3.30 22.53 37.25
CA ALA B 135 -3.30 21.12 36.81
C ALA B 135 -2.28 20.88 35.70
N GLY B 136 -1.21 21.67 35.69
CA GLY B 136 -0.20 21.59 34.66
C GLY B 136 1.08 20.97 35.19
N SER B 137 1.97 20.64 34.25
CA SER B 137 3.29 20.13 34.57
C SER B 137 4.25 20.57 33.49
N SER B 138 5.55 20.38 33.74
CA SER B 138 6.58 20.82 32.82
C SER B 138 7.80 19.92 32.93
N ASN B 139 8.63 19.95 31.90
CA ASN B 139 9.92 19.29 31.91
C ASN B 139 10.68 19.65 30.63
N ALA B 140 11.91 19.14 30.53
CA ALA B 140 12.76 19.37 29.37
C ALA B 140 13.87 18.34 29.37
N PHE B 141 14.49 18.16 28.20
CA PHE B 141 15.64 17.28 28.06
C PHE B 141 16.59 17.87 27.02
N THR B 142 17.86 17.49 27.12
CA THR B 142 18.91 17.95 26.21
C THR B 142 19.57 16.72 25.62
N SER B 143 19.57 16.63 24.29
CA SER B 143 20.28 15.60 23.57
C SER B 143 21.50 16.20 22.89
N GLY B 144 22.18 15.40 22.06
CA GLY B 144 23.36 15.89 21.38
C GLY B 144 23.06 17.05 20.45
N GLU B 145 21.89 17.02 19.80
CA GLU B 145 21.55 18.00 18.78
C GLU B 145 20.29 18.80 19.08
N HIS B 146 19.66 18.59 20.24
CA HIS B 146 18.36 19.21 20.50
C HIS B 146 18.23 19.58 21.97
N THR B 147 17.48 20.64 22.22
CA THR B 147 16.96 20.94 23.55
C THR B 147 15.47 21.16 23.41
N ASN B 148 14.70 20.37 24.15
CA ASN B 148 13.25 20.27 24.01
C ASN B 148 12.60 20.76 25.29
N TYR B 149 11.70 21.73 25.17
CA TYR B 149 10.97 22.27 26.32
C TYR B 149 9.49 22.06 26.12
N TYR B 150 8.79 21.59 27.16
CA TYR B 150 7.38 21.30 26.99
C TYR B 150 6.61 21.46 28.29
N PHE B 151 5.30 21.74 28.15
CA PHE B 151 4.41 21.86 29.30
C PHE B 151 3.00 21.49 28.87
N ASP B 152 2.18 21.11 29.85
CA ASP B 152 0.74 21.05 29.67
C ASP B 152 0.06 21.74 30.85
N VAL B 153 -1.22 22.06 30.65
CA VAL B 153 -1.98 22.80 31.65
C VAL B 153 -3.46 22.64 31.31
N SER B 154 -4.32 22.93 32.28
CA SER B 154 -5.76 22.93 32.03
C SER B 154 -6.05 23.76 30.78
N HIS B 155 -6.97 23.25 29.96
CA HIS B 155 -7.22 23.85 28.65
C HIS B 155 -7.68 25.30 28.74
N GLU B 156 -8.19 25.72 29.89
CA GLU B 156 -8.65 27.09 30.05
C GLU B 156 -7.52 28.10 30.18
N HIS B 157 -6.32 27.68 30.56
CA HIS B 157 -5.23 28.61 30.84
C HIS B 157 -4.05 28.44 29.87
N LEU B 158 -4.34 28.04 28.63
CA LEU B 158 -3.29 27.90 27.64
C LEU B 158 -2.53 29.21 27.44
N GLU B 159 -3.25 30.32 27.29
CA GLU B 159 -2.59 31.59 26.98
C GLU B 159 -1.73 32.08 28.14
N GLY B 160 -2.24 31.96 29.37
CA GLY B 160 -1.43 32.35 30.53
C GLY B 160 -0.17 31.53 30.67
N ALA B 161 -0.29 30.20 30.51
CA ALA B 161 0.89 29.36 30.56
C ALA B 161 1.82 29.63 29.38
N LEU B 162 1.25 29.81 28.19
CA LEU B 162 2.08 29.98 26.99
C LEU B 162 2.88 31.27 27.03
N ASP B 163 2.30 32.35 27.57
CA ASP B 163 3.04 33.62 27.66
C ASP B 163 4.26 33.48 28.57
N ARG B 164 4.06 32.91 29.76
CA ARG B 164 5.17 32.63 30.65
C ARG B 164 6.23 31.75 29.97
N PHE B 165 5.77 30.80 29.15
CA PHE B 165 6.68 29.89 28.46
C PHE B 165 7.45 30.60 27.36
N ALA B 166 6.81 31.51 26.63
CA ALA B 166 7.49 32.20 25.54
C ALA B 166 8.66 33.03 26.07
N GLN B 167 8.58 33.50 27.31
CA GLN B 167 9.63 34.34 27.86
C GLN B 167 10.94 33.58 28.11
N PHE B 168 10.91 32.24 28.21
CA PHE B 168 12.17 31.49 28.27
C PHE B 168 13.09 31.85 27.12
N PHE B 169 12.52 32.24 25.98
CA PHE B 169 13.23 32.45 24.74
C PHE B 169 13.28 33.93 24.37
N LEU B 170 13.18 34.81 25.37
CA LEU B 170 13.19 36.24 25.12
C LEU B 170 14.16 36.96 26.06
N SER B 171 13.99 36.81 27.37
CA SER B 171 14.85 37.47 28.34
C SER B 171 15.01 36.62 29.60
N PRO B 172 15.85 35.59 29.55
CA PRO B 172 16.11 34.78 30.75
C PRO B 172 17.07 35.51 31.69
N LEU B 173 16.82 35.34 33.00
CA LEU B 173 17.61 36.09 33.99
C LEU B 173 18.99 35.49 34.21
N PHE B 174 19.06 34.17 34.38
CA PHE B 174 20.31 33.54 34.81
C PHE B 174 20.83 34.18 36.09
N ASP B 175 19.95 34.23 37.09
CA ASP B 175 20.29 34.83 38.39
C ASP B 175 21.56 34.19 38.94
N GLU B 176 22.44 35.01 39.51
CA GLU B 176 23.71 34.48 39.99
C GLU B 176 23.51 33.54 41.17
N SER B 177 22.59 33.89 42.09
CA SER B 177 22.32 33.03 43.24
C SER B 177 21.72 31.71 42.82
N ALA B 178 20.87 31.72 41.79
CA ALA B 178 20.32 30.48 41.24
C ALA B 178 21.40 29.63 40.56
N LYS B 179 22.32 30.27 39.85
CA LYS B 179 23.40 29.53 39.19
C LYS B 179 24.18 28.68 40.20
N ASP B 180 24.50 29.26 41.36
CA ASP B 180 25.25 28.52 42.36
C ASP B 180 24.46 27.32 42.89
N ARG B 181 23.15 27.50 43.09
CA ARG B 181 22.35 26.40 43.62
C ARG B 181 22.12 25.34 42.55
N GLU B 182 21.75 25.76 41.33
CA GLU B 182 21.37 24.77 40.33
C GLU B 182 22.56 23.96 39.80
N VAL B 183 23.79 24.47 39.93
CA VAL B 183 24.96 23.66 39.58
C VAL B 183 25.00 22.39 40.42
N ASN B 184 24.45 22.45 41.64
CA ASN B 184 24.40 21.26 42.49
C ASN B 184 23.39 20.25 41.96
N ALA B 185 22.25 20.73 41.47
CA ALA B 185 21.30 19.82 40.83
C ALA B 185 21.97 19.05 39.71
N VAL B 186 22.83 19.72 38.94
CA VAL B 186 23.56 19.04 37.88
C VAL B 186 24.57 18.06 38.46
N ASP B 187 25.28 18.45 39.52
CA ASP B 187 26.25 17.55 40.13
C ASP B 187 25.56 16.32 40.73
N SER B 188 24.42 16.53 41.38
CA SER B 188 23.70 15.41 41.99
C SER B 188 23.15 14.47 40.93
N GLU B 189 22.71 15.00 39.78
CA GLU B 189 22.25 14.11 38.71
C GLU B 189 23.38 13.26 38.16
N HIS B 190 24.56 13.85 37.95
CA HIS B 190 25.69 13.07 37.48
C HIS B 190 26.05 11.98 38.48
N GLU B 191 26.17 12.34 39.75
CA GLU B 191 26.56 11.35 40.77
C GLU B 191 25.62 10.17 40.73
N LYS B 192 24.31 10.41 40.69
CA LYS B 192 23.35 9.32 40.59
C LYS B 192 23.66 8.41 39.40
N ASN B 193 24.13 8.98 38.29
CA ASN B 193 24.39 8.19 37.08
C ASN B 193 25.74 7.52 37.08
N VAL B 194 26.62 7.87 38.03
CA VAL B 194 28.00 7.39 37.94
C VAL B 194 28.05 5.87 38.11
N MET B 195 27.25 5.33 39.01
CA MET B 195 27.23 3.90 39.24
C MET B 195 26.17 3.18 38.40
N ASN B 196 25.69 3.81 37.33
CA ASN B 196 24.71 3.19 36.45
C ASN B 196 25.43 2.60 35.23
N ASP B 197 25.23 1.31 34.99
CA ASP B 197 26.02 0.62 33.97
C ASP B 197 25.74 1.16 32.56
N ALA B 198 24.51 1.60 32.28
CA ALA B 198 24.21 2.13 30.96
C ALA B 198 24.95 3.43 30.70
N TRP B 199 24.94 4.35 31.67
CA TRP B 199 25.66 5.61 31.48
C TRP B 199 27.16 5.37 31.32
N ARG B 200 27.72 4.44 32.10
CA ARG B 200 29.15 4.15 31.97
C ARG B 200 29.47 3.69 30.57
N LEU B 201 28.69 2.74 30.04
CA LEU B 201 28.91 2.31 28.66
C LEU B 201 28.69 3.46 27.69
N PHE B 202 27.64 4.24 27.91
CA PHE B 202 27.32 5.36 27.04
C PHE B 202 28.54 6.25 26.84
N GLN B 203 29.18 6.65 27.94
CA GLN B 203 30.35 7.53 27.86
C GLN B 203 31.60 6.77 27.44
N LEU B 204 31.68 5.47 27.72
CA LEU B 204 32.86 4.71 27.31
C LEU B 204 32.97 4.66 25.80
N GLU B 205 31.84 4.55 25.09
CA GLU B 205 31.88 4.54 23.63
C GLU B 205 32.45 5.86 23.11
N LYS B 206 31.93 6.99 23.62
CA LYS B 206 32.45 8.29 23.21
C LYS B 206 33.94 8.42 23.53
N ALA B 207 34.39 7.80 24.61
CA ALA B 207 35.78 7.93 25.02
C ALA B 207 36.75 7.12 24.17
N THR B 208 36.27 6.08 23.49
CA THR B 208 37.13 5.18 22.73
C THR B 208 37.11 5.48 21.24
N GLY B 209 36.51 6.60 20.83
CA GLY B 209 36.61 7.08 19.47
C GLY B 209 37.55 8.27 19.37
N ASN B 210 37.56 8.87 18.18
CA ASN B 210 38.36 10.05 17.85
C ASN B 210 38.20 11.13 18.92
N PRO B 211 39.25 11.44 19.70
CA PRO B 211 39.11 12.43 20.78
C PRO B 211 38.90 13.84 20.28
N LYS B 212 39.28 14.12 19.03
CA LYS B 212 39.10 15.45 18.46
C LYS B 212 37.66 15.73 18.05
N HIS B 213 36.80 14.72 18.02
CA HIS B 213 35.41 14.72 17.57
C HIS B 213 34.48 15.18 18.69
N PRO B 214 33.51 16.05 18.39
CA PRO B 214 32.56 16.48 19.43
C PRO B 214 31.82 15.32 20.06
N PHE B 215 31.81 14.16 19.40
CA PHE B 215 31.16 12.98 19.97
C PHE B 215 31.77 12.60 21.31
N SER B 216 33.06 12.90 21.51
CA SER B 216 33.72 12.50 22.75
C SER B 216 33.29 13.33 23.94
N LYS B 217 32.63 14.48 23.71
CA LYS B 217 32.36 15.41 24.78
C LYS B 217 31.51 14.75 25.87
N PHE B 218 31.85 15.09 27.12
CA PHE B 218 31.03 14.72 28.27
C PHE B 218 29.81 15.64 28.30
N GLY B 219 28.62 15.05 28.21
CA GLY B 219 27.42 15.82 27.98
C GLY B 219 26.72 16.31 29.23
N THR B 220 26.75 15.52 30.30
CA THR B 220 25.95 15.82 31.48
C THR B 220 26.46 17.07 32.20
N GLY B 221 27.77 17.18 32.38
CA GLY B 221 28.35 18.20 33.23
C GLY B 221 28.24 17.87 34.71
N ASN B 222 29.08 18.52 35.50
CA ASN B 222 29.03 18.37 36.95
C ASN B 222 29.69 19.57 37.59
N LYS B 223 29.82 19.54 38.92
CA LYS B 223 30.35 20.67 39.66
C LYS B 223 31.74 21.05 39.16
N TYR B 224 32.55 20.07 38.76
CA TYR B 224 33.89 20.37 38.29
C TYR B 224 33.86 21.14 36.98
N THR B 225 33.09 20.64 36.00
CA THR B 225 33.09 21.25 34.68
C THR B 225 32.29 22.54 34.63
N LEU B 226 31.32 22.72 35.53
CA LEU B 226 30.45 23.88 35.51
C LEU B 226 30.83 24.94 36.54
N GLU B 227 31.68 24.62 37.51
CA GLU B 227 32.04 25.61 38.52
C GLU B 227 33.52 25.56 38.84
N THR B 228 33.97 24.46 39.45
CA THR B 228 35.31 24.41 40.03
C THR B 228 36.38 24.68 38.97
N ARG B 229 36.26 24.06 37.80
CA ARG B 229 37.31 24.21 36.81
C ARG B 229 37.25 25.58 36.14
N PRO B 230 36.07 26.05 35.74
CA PRO B 230 35.99 27.41 35.17
C PRO B 230 36.45 28.50 36.14
N ASN B 231 36.30 28.29 37.45
CA ASN B 231 36.76 29.28 38.41
C ASN B 231 38.29 29.34 38.42
N GLN B 232 38.93 28.19 38.25
CA GLN B 232 40.37 28.08 38.24
C GLN B 232 40.99 28.51 36.92
N GLU B 233 40.18 28.71 35.87
CA GLU B 233 40.64 29.21 34.59
C GLU B 233 40.12 30.61 34.29
N GLY B 234 39.49 31.27 35.25
CA GLY B 234 39.04 32.63 35.06
C GLY B 234 37.85 32.78 34.14
N ILE B 235 37.12 31.71 33.85
CA ILE B 235 35.93 31.81 33.03
C ILE B 235 34.73 32.17 33.88
N ASP B 236 33.90 33.10 33.40
CA ASP B 236 32.66 33.50 34.05
C ASP B 236 31.51 32.69 33.47
N VAL B 237 31.01 31.71 34.24
CA VAL B 237 30.07 30.75 33.69
C VAL B 237 28.74 31.41 33.33
N ARG B 238 28.26 32.34 34.17
CA ARG B 238 27.03 33.03 33.81
C ARG B 238 27.19 33.81 32.50
N GLN B 239 28.37 34.36 32.27
CA GLN B 239 28.58 35.09 31.03
C GLN B 239 28.59 34.12 29.84
N GLU B 240 29.21 32.95 30.03
CA GLU B 240 29.23 31.97 28.95
C GLU B 240 27.85 31.39 28.68
N LEU B 241 27.01 31.23 29.72
CA LEU B 241 25.62 30.86 29.49
C LEU B 241 24.92 31.86 28.58
N LEU B 242 25.09 33.15 28.87
CA LEU B 242 24.46 34.18 28.04
C LEU B 242 25.08 34.24 26.65
N LYS B 243 26.41 34.09 26.56
CA LYS B 243 27.04 33.99 25.25
C LYS B 243 26.44 32.84 24.46
N PHE B 244 26.31 31.68 25.09
CA PHE B 244 25.79 30.49 24.40
C PHE B 244 24.34 30.68 24.02
N HIS B 245 23.51 31.14 24.97
CA HIS B 245 22.10 31.38 24.66
C HIS B 245 21.96 32.35 23.49
N SER B 246 22.71 33.46 23.54
CA SER B 246 22.60 34.47 22.50
C SER B 246 23.06 33.92 21.15
N ALA B 247 24.11 33.11 21.14
CA ALA B 247 24.66 32.63 19.87
C ALA B 247 23.75 31.61 19.21
N TYR B 248 23.15 30.70 19.98
CA TYR B 248 22.52 29.51 19.41
C TYR B 248 21.00 29.48 19.52
N TYR B 249 20.41 30.11 20.53
CA TYR B 249 18.95 30.11 20.64
C TYR B 249 18.35 31.12 19.66
N SER B 250 18.40 30.74 18.38
CA SER B 250 17.93 31.57 17.29
C SER B 250 16.64 30.98 16.70
N SER B 251 15.76 31.88 16.25
CA SER B 251 14.45 31.45 15.77
C SER B 251 14.55 30.49 14.58
N ASN B 252 15.59 30.63 13.75
CA ASN B 252 15.72 29.75 12.58
C ASN B 252 16.02 28.32 12.96
N LEU B 253 16.43 28.07 14.20
CA LEU B 253 16.71 26.73 14.69
C LEU B 253 15.62 26.23 15.64
N MET B 254 14.45 26.86 15.64
CA MET B 254 13.38 26.53 16.58
C MET B 254 12.16 25.99 15.84
N ALA B 255 11.51 25.03 16.49
CA ALA B 255 10.21 24.49 16.09
C ALA B 255 9.27 24.54 17.27
N VAL B 256 8.01 24.93 17.01
CA VAL B 256 7.02 25.09 18.06
C VAL B 256 5.77 24.30 17.70
N VAL B 257 5.17 23.67 18.70
CA VAL B 257 3.90 22.97 18.55
C VAL B 257 2.98 23.40 19.68
N VAL B 258 1.75 23.77 19.33
CA VAL B 258 0.74 24.25 20.27
C VAL B 258 -0.54 23.49 20.01
N LEU B 259 -1.13 22.95 21.07
CA LEU B 259 -2.34 22.15 20.99
C LEU B 259 -3.32 22.63 22.06
N GLY B 260 -4.54 22.95 21.63
CA GLY B 260 -5.58 23.38 22.56
C GLY B 260 -6.94 23.28 21.92
N ARG B 261 -7.97 23.63 22.72
CA ARG B 261 -9.35 23.63 22.23
C ARG B 261 -9.62 24.76 21.26
N GLU B 262 -8.85 25.84 21.30
CA GLU B 262 -9.09 26.99 20.43
C GLU B 262 -9.06 26.56 18.95
N SER B 263 -9.74 27.35 18.13
CA SER B 263 -9.73 27.08 16.70
C SER B 263 -8.32 27.24 16.14
N LEU B 264 -8.12 26.74 14.91
CA LEU B 264 -6.83 26.90 14.26
C LEU B 264 -6.51 28.36 13.99
N ASP B 265 -7.53 29.17 13.66
CA ASP B 265 -7.29 30.59 13.47
C ASP B 265 -6.89 31.27 14.78
N ASP B 266 -7.56 30.95 15.89
CA ASP B 266 -7.20 31.54 17.16
C ASP B 266 -5.81 31.12 17.62
N LEU B 267 -5.48 29.83 17.49
CA LEU B 267 -4.14 29.39 17.84
C LEU B 267 -3.10 30.06 16.96
N THR B 268 -3.44 30.35 15.71
CA THR B 268 -2.50 31.04 14.83
C THR B 268 -2.16 32.42 15.38
N ASN B 269 -3.19 33.21 15.70
CA ASN B 269 -2.95 34.54 16.25
C ASN B 269 -2.10 34.47 17.51
N LEU B 270 -2.42 33.53 18.40
CA LEU B 270 -1.71 33.43 19.67
C LEU B 270 -0.23 33.09 19.47
N VAL B 271 0.09 32.25 18.50
CA VAL B 271 1.48 31.87 18.30
C VAL B 271 2.26 33.03 17.68
N VAL B 272 1.64 33.74 16.74
CA VAL B 272 2.30 34.89 16.13
C VAL B 272 2.53 35.98 17.16
N LYS B 273 1.57 36.17 18.07
CA LYS B 273 1.72 37.16 19.13
C LYS B 273 3.00 36.92 19.94
N LEU B 274 3.21 35.69 20.40
CA LEU B 274 4.27 35.42 21.37
C LEU B 274 5.62 35.06 20.76
N PHE B 275 5.66 34.47 19.55
CA PHE B 275 6.91 33.95 19.01
C PHE B 275 7.43 34.71 17.80
N SER B 276 6.65 35.65 17.24
CA SER B 276 7.18 36.47 16.15
C SER B 276 8.34 37.33 16.61
N GLU B 277 8.31 37.75 17.87
CA GLU B 277 9.36 38.61 18.42
C GLU B 277 10.69 37.90 18.53
N VAL B 278 10.71 36.57 18.71
CA VAL B 278 11.95 35.85 18.87
C VAL B 278 12.90 36.17 17.71
N GLU B 279 14.17 36.37 18.06
CA GLU B 279 15.17 36.92 17.14
C GLU B 279 15.79 35.84 16.28
N ASN B 280 16.10 36.19 15.02
CA ASN B 280 16.76 35.29 14.08
C ASN B 280 18.19 35.75 13.87
N LYS B 281 19.14 34.91 14.28
CA LYS B 281 20.56 35.21 14.13
C LYS B 281 21.18 34.36 13.02
N ASN B 282 20.34 33.73 12.20
CA ASN B 282 20.75 32.93 11.03
C ASN B 282 21.90 32.00 11.36
N VAL B 283 21.74 31.26 12.45
CA VAL B 283 22.80 30.33 12.84
C VAL B 283 22.87 29.17 11.85
N PRO B 284 24.04 28.85 11.30
CA PRO B 284 24.16 27.63 10.51
C PRO B 284 23.99 26.40 11.37
N LEU B 285 23.27 25.43 10.84
CA LEU B 285 22.96 24.22 11.59
C LEU B 285 24.19 23.31 11.64
N PRO B 286 24.62 22.89 12.82
CA PRO B 286 25.85 22.09 12.93
C PRO B 286 25.73 20.76 12.19
N GLU B 287 26.82 20.34 11.56
CA GLU B 287 26.88 19.05 10.90
C GLU B 287 28.19 18.37 11.24
N PHE B 288 28.16 17.04 11.26
CA PHE B 288 29.29 16.22 11.70
C PHE B 288 29.52 15.14 10.65
N PRO B 289 30.10 15.53 9.50
CA PRO B 289 30.25 14.56 8.40
C PRO B 289 31.28 13.49 8.67
N GLU B 290 32.29 13.79 9.49
CA GLU B 290 33.34 12.82 9.79
C GLU B 290 32.90 11.91 10.94
N HIS B 291 32.97 10.60 10.70
CA HIS B 291 32.52 9.66 11.71
C HIS B 291 33.47 9.68 12.92
N PRO B 292 32.96 9.56 14.14
CA PRO B 292 33.84 9.48 15.31
C PRO B 292 34.75 8.28 15.29
N PHE B 293 34.35 7.22 14.60
CA PHE B 293 35.13 6.00 14.52
C PHE B 293 35.83 5.96 13.16
N GLN B 294 37.14 6.16 13.18
CA GLN B 294 37.97 6.08 11.99
C GLN B 294 38.62 4.70 11.92
N GLU B 295 39.57 4.54 11.00
CA GLU B 295 40.14 3.21 10.77
C GLU B 295 40.87 2.70 12.01
N GLU B 296 41.57 3.58 12.72
CA GLU B 296 42.29 3.13 13.92
C GLU B 296 41.34 2.67 15.03
N HIS B 297 40.06 3.01 14.94
CA HIS B 297 39.10 2.66 15.98
C HIS B 297 38.27 1.43 15.63
N LEU B 298 38.60 0.74 14.54
CA LEU B 298 37.88 -0.44 14.14
C LEU B 298 38.74 -1.67 14.38
N LYS B 299 38.12 -2.85 14.25
CA LYS B 299 38.77 -4.12 14.57
C LYS B 299 39.35 -4.09 15.98
N GLN B 300 38.61 -3.43 16.89
CA GLN B 300 39.01 -3.23 18.27
C GLN B 300 38.05 -3.95 19.20
N LEU B 301 38.59 -4.52 20.27
CA LEU B 301 37.83 -5.24 21.28
C LEU B 301 38.00 -4.54 22.62
N TYR B 302 36.91 -4.46 23.38
CA TYR B 302 36.92 -3.80 24.68
C TYR B 302 36.34 -4.74 25.72
N LYS B 303 37.11 -4.96 26.79
CA LYS B 303 36.68 -5.76 27.93
C LYS B 303 36.39 -4.82 29.09
N ILE B 304 35.17 -4.85 29.59
CA ILE B 304 34.65 -3.83 30.49
C ILE B 304 34.11 -4.49 31.77
N VAL B 305 34.43 -3.88 32.91
CA VAL B 305 33.96 -4.37 34.21
C VAL B 305 32.68 -3.61 34.55
N PRO B 306 31.56 -4.31 34.77
CA PRO B 306 30.31 -3.63 35.13
C PRO B 306 30.19 -3.43 36.64
N ILE B 307 29.20 -2.63 37.03
CA ILE B 307 28.86 -2.52 38.46
C ILE B 307 27.96 -3.67 38.88
N LYS B 308 26.85 -3.86 38.17
CA LYS B 308 26.01 -5.03 38.37
C LYS B 308 26.68 -6.29 37.82
N ASP B 309 26.21 -7.44 38.28
CA ASP B 309 26.67 -8.71 37.71
C ASP B 309 25.83 -8.99 36.47
N ILE B 310 26.34 -8.55 35.33
CA ILE B 310 25.68 -8.70 34.03
C ILE B 310 26.72 -9.17 33.03
N ARG B 311 26.28 -9.91 32.02
CA ARG B 311 27.15 -10.35 30.94
C ARG B 311 26.52 -9.94 29.61
N ASN B 312 27.21 -9.10 28.86
CA ASN B 312 26.66 -8.53 27.64
C ASN B 312 27.72 -8.45 26.56
N LEU B 313 27.26 -8.52 25.31
CA LEU B 313 28.10 -8.42 24.12
C LEU B 313 27.54 -7.33 23.23
N TYR B 314 28.35 -6.34 22.91
CA TYR B 314 27.95 -5.23 22.05
C TYR B 314 28.80 -5.24 20.79
N VAL B 315 28.14 -5.39 19.64
CA VAL B 315 28.78 -5.34 18.33
C VAL B 315 28.27 -4.11 17.60
N THR B 316 29.18 -3.30 17.07
CA THR B 316 28.82 -2.03 16.44
C THR B 316 29.51 -1.91 15.10
N PHE B 317 28.82 -1.32 14.14
CA PHE B 317 29.40 -0.96 12.86
C PHE B 317 29.12 0.52 12.64
N PRO B 318 30.14 1.32 12.32
CA PRO B 318 29.86 2.69 11.90
C PRO B 318 29.19 2.69 10.53
N ILE B 319 28.21 3.56 10.36
CA ILE B 319 27.51 3.68 9.08
C ILE B 319 27.28 5.16 8.78
N PRO B 320 27.06 5.48 7.51
CA PRO B 320 26.71 6.86 7.15
C PRO B 320 25.34 7.24 7.68
N ASP B 321 25.09 8.55 7.67
CA ASP B 321 23.80 9.06 8.13
C ASP B 321 22.69 8.63 7.18
N LEU B 322 21.79 7.78 7.66
CA LEU B 322 20.69 7.28 6.86
C LEU B 322 19.42 8.13 6.94
N GLN B 323 19.43 9.21 7.73
CA GLN B 323 18.22 10.00 7.89
C GLN B 323 17.62 10.40 6.55
N LYS B 324 18.45 10.83 5.59
CA LYS B 324 17.90 11.32 4.33
C LYS B 324 17.10 10.24 3.62
N TYR B 325 17.45 8.96 3.83
CA TYR B 325 16.75 7.85 3.19
C TYR B 325 15.50 7.42 3.95
N TYR B 326 14.83 8.34 4.63
CA TYR B 326 13.79 7.91 5.56
C TYR B 326 12.60 7.29 4.86
N LYS B 327 12.37 7.61 3.58
CA LYS B 327 11.18 7.08 2.90
C LYS B 327 11.28 5.60 2.62
N SER B 328 12.49 5.07 2.45
CA SER B 328 12.73 3.65 2.27
C SER B 328 13.20 2.98 3.56
N ASN B 329 13.98 3.70 4.37
CA ASN B 329 14.40 3.28 5.70
C ASN B 329 15.19 1.98 5.63
N PRO B 330 16.29 1.93 4.89
CA PRO B 330 17.02 0.65 4.79
C PRO B 330 17.44 0.11 6.15
N GLY B 331 17.88 0.97 7.06
CA GLY B 331 18.35 0.48 8.35
C GLY B 331 17.26 -0.26 9.12
N HIS B 332 16.01 0.20 9.00
CA HIS B 332 14.92 -0.48 9.68
C HIS B 332 14.66 -1.85 9.05
N TYR B 333 14.75 -1.93 7.72
CA TYR B 333 14.63 -3.23 7.06
C TYR B 333 15.65 -4.22 7.58
N LEU B 334 16.91 -3.81 7.66
CA LEU B 334 17.96 -4.71 8.12
C LEU B 334 17.81 -5.01 9.61
N GLY B 335 17.44 -4.01 10.41
CA GLY B 335 17.21 -4.27 11.81
C GLY B 335 16.06 -5.23 12.03
N HIS B 336 15.01 -5.13 11.20
CA HIS B 336 13.88 -6.03 11.36
C HIS B 336 14.31 -7.48 11.19
N LEU B 337 15.21 -7.74 10.24
CA LEU B 337 15.64 -9.10 9.96
C LEU B 337 16.68 -9.59 10.96
N ILE B 338 17.74 -8.81 11.18
CA ILE B 338 18.78 -9.21 12.12
C ILE B 338 18.20 -9.38 13.52
N GLY B 339 17.30 -8.48 13.92
CA GLY B 339 16.67 -8.57 15.22
C GLY B 339 15.47 -9.48 15.34
N HIS B 340 15.07 -10.17 14.27
CA HIS B 340 13.91 -11.04 14.34
C HIS B 340 14.11 -12.12 15.39
N GLU B 341 13.01 -12.53 16.03
CA GLU B 341 13.08 -13.55 17.07
C GLU B 341 12.30 -14.81 16.74
N GLY B 342 11.82 -14.95 15.51
CA GLY B 342 11.03 -16.10 15.14
C GLY B 342 11.88 -17.28 14.68
N PRO B 343 11.22 -18.34 14.22
CA PRO B 343 11.94 -19.49 13.69
C PRO B 343 12.92 -19.10 12.60
N GLY B 344 14.11 -19.67 12.67
CA GLY B 344 15.11 -19.45 11.64
C GLY B 344 15.97 -18.24 11.88
N SER B 345 15.69 -17.48 12.94
CA SER B 345 16.38 -16.24 13.22
C SER B 345 17.74 -16.47 13.89
N LEU B 346 18.57 -15.43 13.82
CA LEU B 346 19.87 -15.46 14.47
C LEU B 346 19.72 -15.70 15.98
N LEU B 347 18.76 -15.02 16.62
CA LEU B 347 18.55 -15.22 18.05
C LEU B 347 18.23 -16.67 18.38
N SER B 348 17.39 -17.31 17.58
CA SER B 348 16.94 -18.66 17.93
C SER B 348 18.10 -19.64 17.97
N GLU B 349 19.00 -19.58 16.99
CA GLU B 349 20.15 -20.47 17.00
C GLU B 349 21.09 -20.14 18.16
N LEU B 350 21.32 -18.85 18.43
CA LEU B 350 22.15 -18.49 19.58
C LEU B 350 21.53 -18.95 20.90
N LYS B 351 20.20 -18.99 20.97
CA LYS B 351 19.52 -19.51 22.15
C LYS B 351 19.66 -21.02 22.24
N SER B 352 19.50 -21.73 21.11
CA SER B 352 19.59 -23.18 21.09
C SER B 352 20.94 -23.66 21.57
N LYS B 353 22.00 -22.98 21.14
CA LYS B 353 23.34 -23.29 21.61
C LYS B 353 23.55 -22.89 23.06
N GLY B 354 22.52 -22.32 23.72
CA GLY B 354 22.63 -21.91 25.10
C GLY B 354 23.59 -20.77 25.33
N TRP B 355 23.77 -19.89 24.35
CA TRP B 355 24.78 -18.83 24.40
C TRP B 355 24.22 -17.47 24.78
N VAL B 356 23.01 -17.15 24.33
CA VAL B 356 22.35 -15.89 24.65
C VAL B 356 20.90 -16.16 25.02
N ASN B 357 20.28 -15.16 25.64
CA ASN B 357 18.86 -15.17 25.94
C ASN B 357 18.09 -14.14 25.14
N THR B 358 18.70 -12.98 24.88
CA THR B 358 18.03 -11.89 24.21
C THR B 358 18.97 -11.27 23.18
N LEU B 359 18.38 -10.71 22.13
CA LEU B 359 19.14 -10.05 21.08
C LEU B 359 18.34 -8.87 20.55
N VAL B 360 19.00 -7.72 20.43
CA VAL B 360 18.43 -6.58 19.74
C VAL B 360 19.44 -6.04 18.75
N GLY B 361 18.94 -5.52 17.63
CA GLY B 361 19.80 -5.00 16.58
C GLY B 361 19.04 -3.99 15.75
N GLY B 362 19.79 -3.20 14.99
CA GLY B 362 19.22 -2.21 14.12
C GLY B 362 20.07 -0.95 14.12
N GLN B 363 19.51 0.11 13.53
CA GLN B 363 20.24 1.37 13.44
C GLN B 363 20.11 2.15 14.74
N LYS B 364 21.22 2.81 15.11
CA LYS B 364 21.35 3.58 16.33
C LYS B 364 21.73 5.01 15.97
N GLU B 365 21.02 5.98 16.52
CA GLU B 365 21.25 7.38 16.14
C GLU B 365 22.63 7.84 16.59
N GLY B 366 23.20 8.76 15.82
CA GLY B 366 24.42 9.45 16.23
C GLY B 366 24.27 10.95 16.21
N ALA B 367 24.46 11.54 15.03
CA ALA B 367 24.15 12.94 14.79
C ALA B 367 24.10 13.13 13.28
N ARG B 368 23.82 14.36 12.84
CA ARG B 368 23.81 14.63 11.41
C ARG B 368 25.18 14.33 10.83
N GLY B 369 25.25 13.30 10.00
CA GLY B 369 26.48 12.91 9.34
C GLY B 369 27.06 11.57 9.74
N PHE B 370 26.59 10.97 10.85
CA PHE B 370 27.07 9.65 11.22
C PHE B 370 26.01 8.92 12.02
N MET B 371 26.07 7.59 11.94
CA MET B 371 25.11 6.71 12.58
C MET B 371 25.81 5.40 12.93
N PHE B 372 25.12 4.55 13.67
CA PHE B 372 25.64 3.24 14.02
C PHE B 372 24.63 2.16 13.68
N PHE B 373 25.14 0.97 13.45
CA PHE B 373 24.35 -0.25 13.45
C PHE B 373 24.92 -1.16 14.53
N ILE B 374 24.05 -1.69 15.39
CA ILE B 374 24.52 -2.49 16.51
C ILE B 374 23.70 -3.78 16.64
N ILE B 375 24.34 -4.79 17.22
CA ILE B 375 23.70 -6.01 17.66
C ILE B 375 24.10 -6.21 19.11
N ASN B 376 23.11 -6.43 19.97
CA ASN B 376 23.34 -6.60 21.41
C ASN B 376 22.75 -7.91 21.87
N VAL B 377 23.57 -8.75 22.46
CA VAL B 377 23.11 -9.98 23.07
C VAL B 377 23.58 -9.98 24.52
N ASP B 378 22.75 -10.54 25.38
CA ASP B 378 23.26 -10.90 26.70
C ASP B 378 23.93 -12.27 26.61
N LEU B 379 24.83 -12.54 27.54
CA LEU B 379 25.60 -13.77 27.47
C LEU B 379 25.28 -14.67 28.66
N THR B 380 25.15 -15.96 28.37
CA THR B 380 25.17 -16.99 29.40
C THR B 380 26.61 -17.23 29.86
N GLU B 381 26.74 -18.03 30.92
CA GLU B 381 28.09 -18.44 31.32
C GLU B 381 28.81 -19.08 30.14
N GLU B 382 28.12 -19.95 29.39
CA GLU B 382 28.72 -20.57 28.21
C GLU B 382 29.00 -19.54 27.13
N GLY B 383 28.04 -18.65 26.86
CA GLY B 383 28.25 -17.64 25.84
C GLY B 383 29.48 -16.79 26.11
N LEU B 384 29.76 -16.49 27.38
CA LEU B 384 30.94 -15.70 27.69
C LEU B 384 32.21 -16.38 27.18
N LEU B 385 32.23 -17.71 27.16
CA LEU B 385 33.35 -18.48 26.64
C LEU B 385 33.31 -18.67 25.13
N HIS B 386 32.25 -18.20 24.45
CA HIS B 386 32.06 -18.48 23.03
C HIS B 386 31.78 -17.21 22.25
N VAL B 387 32.31 -16.07 22.70
CA VAL B 387 32.05 -14.81 22.03
C VAL B 387 32.54 -14.86 20.58
N GLU B 388 33.70 -15.51 20.35
CA GLU B 388 34.21 -15.60 18.99
C GLU B 388 33.20 -16.31 18.10
N ASP B 389 32.64 -17.43 18.57
CA ASP B 389 31.68 -18.17 17.77
C ASP B 389 30.38 -17.40 17.59
N ILE B 390 29.93 -16.69 18.62
CA ILE B 390 28.69 -15.93 18.51
C ILE B 390 28.79 -14.93 17.38
N ILE B 391 29.90 -14.19 17.33
CA ILE B 391 30.09 -13.20 16.27
C ILE B 391 30.18 -13.89 14.91
N LEU B 392 30.82 -15.06 14.84
CA LEU B 392 30.84 -15.82 13.60
C LEU B 392 29.42 -16.13 13.14
N HIS B 393 28.57 -16.58 14.06
CA HIS B 393 27.16 -16.79 13.72
C HIS B 393 26.50 -15.50 13.24
N MET B 394 26.84 -14.36 13.86
CA MET B 394 26.27 -13.10 13.41
C MET B 394 26.61 -12.84 11.95
N PHE B 395 27.87 -13.02 11.58
CA PHE B 395 28.28 -12.74 10.21
C PHE B 395 27.72 -13.79 9.24
N GLN B 396 27.47 -15.01 9.72
CA GLN B 396 26.78 -15.98 8.89
C GLN B 396 25.38 -15.52 8.52
N TYR B 397 24.63 -14.99 9.50
CA TYR B 397 23.30 -14.50 9.19
C TYR B 397 23.37 -13.32 8.23
N ILE B 398 24.27 -12.37 8.50
CA ILE B 398 24.46 -11.27 7.57
C ILE B 398 24.80 -11.79 6.19
N GLN B 399 25.63 -12.83 6.12
CA GLN B 399 25.99 -13.41 4.83
C GLN B 399 24.78 -14.04 4.14
N LYS B 400 23.88 -14.67 4.92
CA LYS B 400 22.66 -15.21 4.35
C LYS B 400 21.81 -14.09 3.75
N LEU B 401 21.74 -12.94 4.42
CA LEU B 401 20.97 -11.83 3.87
C LEU B 401 21.58 -11.35 2.56
N ARG B 402 22.92 -11.29 2.49
CA ARG B 402 23.56 -10.98 1.22
C ARG B 402 23.20 -12.00 0.15
N ALA B 403 23.25 -13.29 0.51
CA ALA B 403 23.01 -14.36 -0.45
C ALA B 403 21.63 -14.25 -1.09
N GLU B 404 20.60 -14.05 -0.26
CA GLU B 404 19.25 -14.02 -0.78
C GLU B 404 18.88 -12.68 -1.40
N GLY B 405 19.65 -11.64 -1.09
CA GLY B 405 19.37 -10.30 -1.58
C GLY B 405 18.11 -9.72 -0.97
N PRO B 406 17.89 -8.42 -1.16
CA PRO B 406 16.73 -7.78 -0.53
C PRO B 406 15.43 -8.45 -0.94
N GLN B 407 14.47 -8.43 -0.02
CA GLN B 407 13.20 -9.18 -0.14
C GLN B 407 12.07 -8.17 -0.10
N GLU B 408 11.49 -7.86 -1.27
CA GLU B 408 10.48 -6.82 -1.31
C GLU B 408 9.22 -7.19 -0.53
N TRP B 409 8.84 -8.47 -0.52
CA TRP B 409 7.65 -8.86 0.23
C TRP B 409 7.82 -8.54 1.71
N VAL B 410 9.02 -8.73 2.23
CA VAL B 410 9.32 -8.33 3.61
C VAL B 410 9.08 -6.84 3.79
N PHE B 411 9.67 -6.02 2.91
CA PHE B 411 9.44 -4.59 3.00
C PHE B 411 7.97 -4.25 2.87
N GLN B 412 7.30 -4.87 1.89
CA GLN B 412 5.86 -4.62 1.71
C GLN B 412 5.08 -5.01 2.96
N GLU B 413 5.47 -6.10 3.63
CA GLU B 413 4.77 -6.49 4.86
C GLU B 413 4.92 -5.40 5.92
N LEU B 414 6.14 -4.90 6.13
CA LEU B 414 6.35 -3.81 7.09
C LEU B 414 5.53 -2.60 6.71
N LYS B 415 5.54 -2.23 5.43
CA LYS B 415 4.82 -1.06 4.97
C LYS B 415 3.33 -1.18 5.28
N ASP B 416 2.73 -2.32 4.92
CA ASP B 416 1.30 -2.52 5.18
C ASP B 416 0.99 -2.51 6.67
N LEU B 417 1.86 -3.09 7.50
CA LEU B 417 1.66 -3.07 8.94
C LEU B 417 1.75 -1.65 9.50
N ASN B 418 2.76 -0.88 9.08
CA ASN B 418 2.84 0.50 9.53
C ASN B 418 1.59 1.27 9.15
N ALA B 419 1.00 0.96 7.99
CA ALA B 419 -0.20 1.66 7.56
C ALA B 419 -1.37 1.39 8.49
N VAL B 420 -1.63 0.13 8.81
CA VAL B 420 -2.70 -0.18 9.74
C VAL B 420 -2.40 0.42 11.11
N ALA B 421 -1.14 0.28 11.57
CA ALA B 421 -0.75 0.90 12.83
C ALA B 421 -1.10 2.39 12.85
N PHE B 422 -0.75 3.10 11.79
CA PHE B 422 -0.99 4.54 11.72
C PHE B 422 -2.49 4.84 11.69
N ARG B 423 -3.27 4.00 11.04
CA ARG B 423 -4.70 4.23 10.92
C ARG B 423 -5.40 4.15 12.28
N PHE B 424 -5.10 3.12 13.06
CA PHE B 424 -5.82 2.83 14.30
C PHE B 424 -4.99 3.22 15.52
N LYS B 425 -4.09 4.17 15.34
CA LYS B 425 -3.22 4.69 16.37
C LYS B 425 -4.04 5.18 17.57
N ASP B 426 -3.57 4.86 18.78
CA ASP B 426 -4.19 5.40 19.99
C ASP B 426 -3.93 6.91 20.06
N LYS B 427 -4.91 7.65 20.57
CA LYS B 427 -4.75 9.09 20.73
C LYS B 427 -3.71 9.38 21.82
N GLU B 428 -2.76 10.26 21.50
CA GLU B 428 -1.62 10.53 22.36
C GLU B 428 -1.96 11.54 23.45
N ARG B 429 -1.28 11.41 24.60
CA ARG B 429 -1.38 12.44 25.63
C ARG B 429 -0.80 13.75 25.08
N PRO B 430 -1.48 14.88 25.29
CA PRO B 430 -1.07 16.12 24.61
C PRO B 430 0.39 16.49 24.84
N ARG B 431 0.87 16.39 26.08
CA ARG B 431 2.20 16.90 26.41
C ARG B 431 3.29 16.19 25.62
N GLY B 432 3.27 14.85 25.62
CA GLY B 432 4.25 14.11 24.84
C GLY B 432 4.09 14.29 23.34
N TYR B 433 2.85 14.48 22.88
CA TYR B 433 2.61 14.64 21.45
C TYR B 433 3.29 15.92 20.96
N THR B 434 3.09 17.03 21.67
CA THR B 434 3.72 18.28 21.24
C THR B 434 5.23 18.19 21.28
N SER B 435 5.78 17.57 22.33
CA SER B 435 7.22 17.40 22.43
C SER B 435 7.77 16.59 21.26
N LYS B 436 7.19 15.42 21.01
CA LYS B 436 7.69 14.58 19.91
C LYS B 436 7.58 15.33 18.59
N ILE B 437 6.44 15.95 18.32
CA ILE B 437 6.24 16.61 17.04
C ILE B 437 7.19 17.79 16.89
N ALA B 438 7.40 18.56 17.97
CA ALA B 438 8.33 19.67 17.89
C ALA B 438 9.72 19.19 17.49
N GLY B 439 10.13 18.02 17.98
CA GLY B 439 11.45 17.50 17.62
C GLY B 439 11.57 17.16 16.15
N ILE B 440 10.58 16.44 15.60
CA ILE B 440 10.71 15.95 14.23
C ILE B 440 10.31 16.97 13.18
N LEU B 441 9.81 18.15 13.58
CA LEU B 441 9.57 19.24 12.65
C LEU B 441 10.84 19.73 11.96
N HIS B 442 12.02 19.45 12.54
CA HIS B 442 13.30 19.85 11.96
C HIS B 442 13.75 18.96 10.82
N TYR B 443 13.05 17.85 10.57
CA TYR B 443 13.50 16.81 9.66
C TYR B 443 12.56 16.53 8.51
N TYR B 444 11.34 17.06 8.54
CA TYR B 444 10.33 16.75 7.53
C TYR B 444 9.51 17.99 7.21
N PRO B 445 9.00 18.10 5.97
CA PRO B 445 8.11 19.20 5.61
C PRO B 445 6.88 19.24 6.51
N LEU B 446 6.31 20.44 6.65
CA LEU B 446 5.14 20.62 7.50
C LEU B 446 4.07 19.57 7.22
N GLU B 447 3.77 19.34 5.94
CA GLU B 447 2.66 18.46 5.58
C GLU B 447 2.92 16.99 5.90
N GLU B 448 4.17 16.59 6.13
CA GLU B 448 4.51 15.19 6.34
C GLU B 448 4.82 14.85 7.79
N VAL B 449 4.80 15.83 8.71
CA VAL B 449 5.25 15.60 10.08
C VAL B 449 4.49 14.46 10.74
N LEU B 450 3.17 14.43 10.55
CA LEU B 450 2.36 13.43 11.25
C LEU B 450 2.61 12.03 10.73
N THR B 451 2.96 11.88 9.45
CA THR B 451 3.16 10.56 8.87
C THR B 451 4.63 10.15 8.79
N ALA B 452 5.55 11.09 8.92
CA ALA B 452 6.94 10.84 8.54
C ALA B 452 7.52 9.63 9.27
N GLU B 453 7.28 9.52 10.57
CA GLU B 453 7.91 8.45 11.32
C GLU B 453 7.05 7.18 11.41
N TYR B 454 5.94 7.12 10.67
CA TYR B 454 5.16 5.90 10.53
C TYR B 454 5.33 5.27 9.16
N LEU B 455 4.95 5.97 8.10
CA LEU B 455 4.77 5.35 6.80
C LEU B 455 6.10 5.08 6.11
N LEU B 456 6.11 4.00 5.34
CA LEU B 456 7.21 3.59 4.48
C LEU B 456 6.70 3.69 3.06
N GLU B 457 7.53 4.18 2.14
CA GLU B 457 6.97 4.41 0.82
C GLU B 457 7.65 3.65 -0.30
N GLU B 458 8.95 3.78 -0.47
CA GLU B 458 9.64 3.17 -1.61
C GLU B 458 10.59 2.09 -1.13
N PHE B 459 10.49 0.93 -1.77
CA PHE B 459 11.44 -0.15 -1.54
C PHE B 459 12.66 0.10 -2.41
N ARG B 460 13.81 0.32 -1.76
CA ARG B 460 15.02 0.75 -2.44
C ARG B 460 16.08 -0.29 -2.11
N PRO B 461 16.07 -1.42 -2.81
CA PRO B 461 17.05 -2.46 -2.51
C PRO B 461 18.49 -2.01 -2.68
N ASP B 462 18.73 -0.95 -3.46
CA ASP B 462 20.10 -0.43 -3.61
C ASP B 462 20.64 0.11 -2.28
N LEU B 463 19.80 0.82 -1.52
CA LEU B 463 20.24 1.33 -0.22
C LEU B 463 20.38 0.20 0.79
N ILE B 464 19.54 -0.83 0.69
CA ILE B 464 19.65 -1.98 1.59
C ILE B 464 20.99 -2.67 1.39
N GLU B 465 21.34 -2.92 0.12
CA GLU B 465 22.63 -3.53 -0.16
C GLU B 465 23.75 -2.60 0.28
N MET B 466 23.53 -1.28 0.20
CA MET B 466 24.54 -0.31 0.59
C MET B 466 24.86 -0.40 2.07
N VAL B 467 23.83 -0.36 2.93
CA VAL B 467 24.06 -0.48 4.36
C VAL B 467 24.61 -1.87 4.70
N LEU B 468 24.05 -2.92 4.08
CA LEU B 468 24.53 -4.28 4.31
C LEU B 468 26.01 -4.42 3.99
N ASP B 469 26.48 -3.66 2.99
CA ASP B 469 27.90 -3.68 2.64
C ASP B 469 28.79 -3.17 3.77
N LYS B 470 28.23 -2.43 4.74
CA LYS B 470 29.02 -1.90 5.84
C LYS B 470 29.12 -2.83 7.04
N LEU B 471 28.28 -3.85 7.13
CA LEU B 471 28.32 -4.80 8.25
C LEU B 471 29.27 -5.95 7.91
N ARG B 472 30.56 -5.65 7.96
CA ARG B 472 31.61 -6.60 7.64
C ARG B 472 32.65 -6.60 8.74
N PRO B 473 33.41 -7.69 8.89
CA PRO B 473 34.37 -7.79 10.01
C PRO B 473 35.40 -6.68 10.04
N GLU B 474 35.87 -6.22 8.88
CA GLU B 474 36.87 -5.16 8.86
C GLU B 474 36.34 -3.85 9.42
N ASN B 475 35.02 -3.73 9.61
CA ASN B 475 34.38 -2.50 10.03
C ASN B 475 33.79 -2.60 11.44
N VAL B 476 34.21 -3.58 12.23
CA VAL B 476 33.52 -3.95 13.48
C VAL B 476 34.22 -3.38 14.70
N ARG B 477 33.43 -3.19 15.76
CA ARG B 477 33.89 -2.88 17.11
C ARG B 477 33.14 -3.77 18.08
N VAL B 478 33.86 -4.39 19.01
CA VAL B 478 33.27 -5.39 19.90
C VAL B 478 33.54 -5.02 21.35
N ALA B 479 32.50 -5.08 22.18
CA ALA B 479 32.61 -4.81 23.61
C ALA B 479 31.97 -5.93 24.43
N ILE B 480 32.74 -6.45 25.40
CA ILE B 480 32.30 -7.53 26.28
C ILE B 480 32.23 -6.98 27.70
N VAL B 481 31.11 -7.19 28.37
CA VAL B 481 30.89 -6.69 29.72
C VAL B 481 30.73 -7.89 30.65
N SER B 482 31.65 -8.03 31.60
CA SER B 482 31.60 -9.14 32.54
C SER B 482 32.46 -8.83 33.75
N LYS B 483 32.02 -9.32 34.91
CA LYS B 483 32.83 -9.17 36.12
C LYS B 483 34.07 -10.06 36.08
N SER B 484 34.11 -11.04 35.18
CA SER B 484 35.30 -11.87 35.02
C SER B 484 36.53 -11.08 34.63
N PHE B 485 36.37 -9.85 34.15
CA PHE B 485 37.51 -9.01 33.81
C PHE B 485 38.03 -8.21 35.00
N GLU B 486 37.37 -8.31 36.15
CA GLU B 486 37.84 -7.59 37.33
C GLU B 486 39.26 -8.01 37.65
N GLY B 487 40.14 -7.02 37.82
CA GLY B 487 41.54 -7.26 38.04
C GLY B 487 42.36 -7.38 36.78
N LYS B 488 41.73 -7.58 35.63
CA LYS B 488 42.42 -7.82 34.37
C LYS B 488 42.45 -6.60 33.45
N THR B 489 41.92 -5.45 33.86
CA THR B 489 41.87 -4.28 33.00
C THR B 489 43.05 -3.36 33.28
N ASP B 490 43.47 -2.62 32.25
CA ASP B 490 44.58 -1.69 32.39
C ASP B 490 44.21 -0.23 32.10
N ARG B 491 42.94 0.09 31.85
CA ARG B 491 42.56 1.47 31.56
C ARG B 491 41.39 1.89 32.44
N THR B 492 41.22 3.20 32.53
CA THR B 492 40.18 3.83 33.34
C THR B 492 39.59 4.99 32.56
N GLU B 493 38.27 5.09 32.52
CA GLU B 493 37.59 6.19 31.85
C GLU B 493 37.44 7.35 32.81
N GLU B 494 37.79 8.55 32.34
CA GLU B 494 37.95 9.69 33.25
C GLU B 494 36.64 10.02 33.96
N TRP B 495 35.53 10.05 33.22
CA TRP B 495 34.31 10.68 33.73
C TRP B 495 33.52 9.78 34.67
N TYR B 496 33.49 8.48 34.43
CA TYR B 496 32.74 7.56 35.27
C TYR B 496 33.65 6.62 36.05
N GLY B 497 34.92 6.54 35.71
CA GLY B 497 35.84 5.62 36.36
C GLY B 497 35.75 4.18 35.88
N THR B 498 35.11 3.95 34.75
CA THR B 498 34.92 2.59 34.25
C THR B 498 36.25 1.89 34.01
N GLN B 499 36.30 0.61 34.36
CA GLN B 499 37.50 -0.21 34.27
C GLN B 499 37.42 -1.04 33.00
N TYR B 500 38.44 -0.92 32.13
CA TYR B 500 38.36 -1.63 30.86
C TYR B 500 39.75 -1.87 30.28
N LYS B 501 39.77 -2.70 29.23
CA LYS B 501 40.97 -3.06 28.51
C LYS B 501 40.65 -2.99 27.01
N GLN B 502 41.63 -2.59 26.22
CA GLN B 502 41.47 -2.45 24.78
C GLN B 502 42.51 -3.31 24.08
N GLU B 503 42.05 -4.18 23.20
CA GLU B 503 42.89 -5.05 22.41
C GLU B 503 42.49 -4.89 20.95
N ALA B 504 43.46 -5.05 20.05
CA ALA B 504 43.12 -5.15 18.64
C ALA B 504 42.70 -6.58 18.33
N ILE B 505 41.62 -6.72 17.56
CA ILE B 505 41.18 -8.07 17.23
C ILE B 505 42.20 -8.72 16.29
N PRO B 506 42.65 -9.94 16.58
CA PRO B 506 43.67 -10.57 15.73
C PRO B 506 43.21 -10.71 14.29
N ASP B 507 44.16 -10.54 13.36
CA ASP B 507 43.81 -10.65 11.95
C ASP B 507 43.29 -12.04 11.61
N GLU B 508 43.79 -13.09 12.28
CA GLU B 508 43.25 -14.42 12.01
C GLU B 508 41.79 -14.54 12.41
N VAL B 509 41.37 -13.84 13.47
CA VAL B 509 39.96 -13.86 13.84
C VAL B 509 39.14 -13.05 12.85
N ILE B 510 39.66 -11.91 12.40
CA ILE B 510 38.95 -11.11 11.41
C ILE B 510 38.74 -11.92 10.15
N LYS B 511 39.77 -12.67 9.73
CA LYS B 511 39.70 -13.42 8.49
C LYS B 511 38.66 -14.53 8.58
N LYS B 512 38.60 -15.26 9.71
CA LYS B 512 37.56 -16.27 9.86
C LYS B 512 36.17 -15.68 9.68
N TRP B 513 35.93 -14.52 10.30
CA TRP B 513 34.64 -13.85 10.16
C TRP B 513 34.36 -13.48 8.71
N GLN B 514 35.37 -12.98 8.00
CA GLN B 514 35.18 -12.65 6.60
C GLN B 514 34.80 -13.88 5.78
N ASN B 515 35.22 -15.06 6.23
CA ASN B 515 35.00 -16.30 5.49
C ASN B 515 33.74 -17.04 5.93
N ALA B 516 32.80 -16.35 6.58
CA ALA B 516 31.61 -17.02 7.08
C ALA B 516 30.80 -17.63 5.94
N ASP B 517 30.59 -18.94 6.00
CA ASP B 517 29.78 -19.63 5.01
C ASP B 517 28.30 -19.51 5.37
N LEU B 518 27.46 -20.18 4.59
CA LEU B 518 26.03 -20.23 4.90
C LEU B 518 25.73 -21.32 5.91
N ASN B 519 24.96 -20.97 6.93
CA ASN B 519 24.57 -21.89 7.99
C ASN B 519 23.14 -22.37 7.76
N GLY B 520 22.96 -23.68 7.69
CA GLY B 520 21.64 -24.19 7.36
C GLY B 520 20.58 -23.96 8.42
N LYS B 521 20.94 -23.35 9.54
CA LYS B 521 19.98 -23.07 10.60
C LYS B 521 19.31 -21.72 10.45
N PHE B 522 19.74 -20.93 9.47
CA PHE B 522 19.27 -19.56 9.29
C PHE B 522 18.34 -19.47 8.10
N LYS B 523 17.15 -18.97 8.34
CA LYS B 523 16.14 -18.82 7.31
C LYS B 523 15.51 -17.45 7.45
N LEU B 524 15.10 -16.88 6.33
CA LEU B 524 14.35 -15.65 6.43
C LEU B 524 13.05 -15.95 7.17
N PRO B 525 12.41 -14.94 7.74
CA PRO B 525 11.15 -15.19 8.42
C PRO B 525 10.08 -15.57 7.41
N THR B 526 9.05 -16.26 7.90
CA THR B 526 7.96 -16.61 7.03
C THR B 526 6.91 -15.50 7.05
N LYS B 527 5.92 -15.61 6.18
CA LYS B 527 4.88 -14.60 6.15
C LYS B 527 4.21 -14.55 7.52
N ASN B 528 4.01 -13.35 8.04
CA ASN B 528 3.47 -13.19 9.39
C ASN B 528 1.98 -13.46 9.36
N GLU B 529 1.56 -14.55 10.01
CA GLU B 529 0.16 -14.98 9.95
C GLU B 529 -0.70 -14.36 11.04
N PHE B 530 -0.14 -13.52 11.90
CA PHE B 530 -0.93 -12.82 12.91
C PHE B 530 -1.44 -11.48 12.42
N ILE B 531 -1.09 -11.08 11.21
CA ILE B 531 -1.52 -9.77 10.69
C ILE B 531 -3.04 -9.67 10.76
N PRO B 532 -3.60 -8.62 11.34
CA PRO B 532 -5.06 -8.54 11.50
C PRO B 532 -5.74 -8.12 10.20
N THR B 533 -6.95 -8.67 9.99
CA THR B 533 -7.73 -8.36 8.80
C THR B 533 -9.13 -7.86 9.08
N ASN B 534 -9.72 -8.17 10.23
CA ASN B 534 -11.09 -7.77 10.54
C ASN B 534 -11.04 -6.59 11.52
N PHE B 535 -11.30 -5.39 11.00
CA PHE B 535 -11.28 -4.17 11.80
C PHE B 535 -12.70 -3.68 12.08
N GLU B 536 -13.67 -4.55 11.86
CA GLU B 536 -15.07 -4.20 12.05
C GLU B 536 -15.30 -3.80 13.49
N ILE B 537 -16.01 -2.70 13.68
CA ILE B 537 -16.30 -2.19 15.00
C ILE B 537 -17.75 -2.52 15.34
N LEU B 538 -17.91 -3.46 16.26
CA LEU B 538 -19.23 -3.99 16.53
C LEU B 538 -20.15 -2.89 17.06
N PRO B 539 -21.41 -2.86 16.64
CA PRO B 539 -22.33 -1.85 17.16
C PRO B 539 -22.59 -2.05 18.64
N LEU B 540 -22.88 -0.93 19.31
CA LEU B 540 -23.15 -0.96 20.74
C LEU B 540 -24.42 -1.75 21.04
N GLU B 541 -24.31 -2.68 21.98
CA GLU B 541 -25.46 -3.49 22.37
C GLU B 541 -26.49 -2.64 23.14
N LYS B 542 -27.75 -3.10 23.11
CA LYS B 542 -28.80 -2.37 23.81
C LYS B 542 -28.53 -2.34 25.31
N GLU B 543 -28.04 -3.45 25.87
CA GLU B 543 -27.75 -3.55 27.29
C GLU B 543 -26.34 -3.08 27.63
N ALA B 544 -25.71 -2.28 26.78
CA ALA B 544 -24.38 -1.77 27.07
C ALA B 544 -24.41 -0.85 28.28
N THR B 545 -23.28 -0.76 28.98
CA THR B 545 -23.18 -0.01 30.22
C THR B 545 -22.00 0.94 30.20
N PRO B 546 -22.07 2.04 30.97
CA PRO B 546 -20.96 3.00 30.97
C PRO B 546 -19.76 2.51 31.73
N TYR B 547 -19.96 1.62 32.70
CA TYR B 547 -18.90 1.06 33.52
C TYR B 547 -18.90 -0.45 33.39
N PRO B 548 -17.83 -1.10 33.84
CA PRO B 548 -17.77 -2.57 33.76
C PRO B 548 -18.92 -3.19 34.54
N ALA B 549 -19.53 -4.20 33.94
CA ALA B 549 -20.62 -4.93 34.56
C ALA B 549 -20.14 -6.32 34.95
N LEU B 550 -20.56 -6.78 36.12
CA LEU B 550 -20.27 -8.14 36.54
C LEU B 550 -21.23 -9.07 35.83
N ILE B 551 -20.74 -9.81 34.84
CA ILE B 551 -21.58 -10.64 33.98
C ILE B 551 -21.38 -12.13 34.22
N LYS B 552 -20.49 -12.52 35.13
CA LYS B 552 -20.35 -13.91 35.52
C LYS B 552 -19.74 -13.97 36.91
N ASP B 553 -20.32 -14.79 37.80
CA ASP B 553 -19.88 -14.85 39.20
C ASP B 553 -20.03 -16.27 39.74
N THR B 554 -19.16 -17.17 39.30
CA THR B 554 -19.15 -18.53 39.81
C THR B 554 -18.01 -18.69 40.81
N ALA B 555 -17.97 -19.85 41.44
CA ALA B 555 -16.86 -20.14 42.36
C ALA B 555 -15.54 -20.12 41.61
N MET B 556 -15.56 -20.49 40.33
CA MET B 556 -14.35 -20.55 39.52
C MET B 556 -13.88 -19.18 39.04
N SER B 557 -14.80 -18.28 38.66
CA SER B 557 -14.37 -17.05 38.01
C SER B 557 -15.40 -15.93 38.21
N LYS B 558 -14.87 -14.70 38.25
CA LYS B 558 -15.62 -13.45 38.29
C LYS B 558 -15.27 -12.63 37.05
N LEU B 559 -16.26 -12.35 36.20
CA LEU B 559 -16.00 -11.70 34.91
C LEU B 559 -16.60 -10.31 34.85
N TRP B 560 -15.74 -9.31 34.70
CA TRP B 560 -16.13 -7.92 34.49
C TRP B 560 -16.01 -7.57 33.01
N PHE B 561 -17.02 -6.90 32.48
CA PHE B 561 -17.11 -6.66 31.05
C PHE B 561 -17.58 -5.24 30.76
N LYS B 562 -16.99 -4.62 29.75
CA LYS B 562 -17.53 -3.38 29.22
C LYS B 562 -17.17 -3.27 27.74
N GLN B 563 -18.19 -3.06 26.91
CA GLN B 563 -17.97 -2.76 25.50
C GLN B 563 -17.53 -1.30 25.35
N ASP B 564 -16.49 -1.08 24.54
CA ASP B 564 -15.95 0.27 24.37
C ASP B 564 -16.99 1.20 23.77
N ASP B 565 -17.20 2.34 24.43
CA ASP B 565 -18.16 3.35 23.99
C ASP B 565 -17.52 4.72 23.81
N LYS B 566 -16.20 4.79 23.69
CA LYS B 566 -15.54 6.08 23.55
C LYS B 566 -14.63 6.10 22.33
N PHE B 567 -13.68 5.17 22.29
CA PHE B 567 -12.57 5.24 21.35
C PHE B 567 -12.87 4.61 19.98
N PHE B 568 -13.67 3.54 19.96
CA PHE B 568 -14.15 2.93 18.72
C PHE B 568 -13.00 2.60 17.76
N LEU B 569 -11.99 1.93 18.30
CA LEU B 569 -10.91 1.32 17.55
C LEU B 569 -10.97 -0.20 17.68
N PRO B 570 -10.49 -0.94 16.69
CA PRO B 570 -10.62 -2.40 16.69
C PRO B 570 -9.58 -3.09 17.58
N LYS B 571 -9.67 -2.82 18.88
CA LYS B 571 -8.71 -3.33 19.84
C LYS B 571 -9.45 -3.69 21.11
N ALA B 572 -8.81 -4.50 21.94
CA ALA B 572 -9.42 -4.90 23.20
C ALA B 572 -8.33 -5.22 24.21
N ASN B 573 -8.67 -5.06 25.48
CA ASN B 573 -7.82 -5.44 26.59
C ASN B 573 -8.47 -6.58 27.36
N LEU B 574 -7.73 -7.65 27.56
CA LEU B 574 -8.23 -8.84 28.26
C LEU B 574 -7.33 -9.03 29.47
N ASN B 575 -7.82 -8.68 30.65
CA ASN B 575 -7.02 -8.75 31.86
C ASN B 575 -7.53 -9.88 32.73
N PHE B 576 -6.63 -10.75 33.17
CA PHE B 576 -6.93 -11.90 34.01
C PHE B 576 -6.01 -11.92 35.21
N GLU B 577 -6.59 -12.12 36.40
CA GLU B 577 -5.84 -12.39 37.61
C GLU B 577 -6.19 -13.81 38.06
N PHE B 578 -5.17 -14.65 38.23
CA PHE B 578 -5.34 -16.03 38.70
C PHE B 578 -4.89 -16.10 40.16
N PHE B 579 -5.78 -16.54 41.05
CA PHE B 579 -5.49 -16.62 42.47
C PHE B 579 -5.13 -18.05 42.87
N SER B 580 -4.01 -18.20 43.57
CA SER B 580 -3.63 -19.43 44.22
C SER B 580 -2.85 -19.08 45.47
N PRO B 581 -3.13 -19.75 46.59
CA PRO B 581 -2.28 -19.56 47.78
C PRO B 581 -0.85 -20.03 47.57
N PHE B 582 -0.63 -20.98 46.66
CA PHE B 582 0.69 -21.58 46.47
C PHE B 582 1.66 -20.71 45.66
N ALA B 583 1.23 -19.53 45.22
CA ALA B 583 2.15 -18.67 44.50
C ALA B 583 3.07 -17.89 45.44
N TYR B 584 2.72 -17.78 46.71
CA TYR B 584 3.50 -16.95 47.62
C TYR B 584 3.56 -17.55 49.03
N VAL B 585 3.23 -18.83 49.19
CA VAL B 585 3.18 -19.45 50.51
C VAL B 585 4.52 -19.32 51.22
N ASP B 586 5.62 -19.52 50.50
CA ASP B 586 6.95 -19.33 51.07
C ASP B 586 7.90 -18.88 49.97
N PRO B 587 9.13 -18.47 50.34
CA PRO B 587 10.09 -18.05 49.30
C PRO B 587 10.34 -19.08 48.22
N LEU B 588 10.48 -20.36 48.57
CA LEU B 588 10.72 -21.37 47.54
C LEU B 588 9.61 -21.39 46.51
N HIS B 589 8.35 -21.34 46.95
CA HIS B 589 7.24 -21.35 46.02
C HIS B 589 7.15 -20.05 45.23
N SER B 590 7.46 -18.93 45.87
CA SER B 590 7.52 -17.67 45.15
C SER B 590 8.55 -17.73 44.03
N ASN B 591 9.74 -18.29 44.32
CA ASN B 591 10.74 -18.48 43.28
C ASN B 591 10.21 -19.32 42.13
N MET B 592 9.43 -20.36 42.44
CA MET B 592 9.02 -21.26 41.38
C MET B 592 7.93 -20.63 40.52
N ALA B 593 7.02 -19.88 41.14
CA ALA B 593 6.04 -19.14 40.35
C ALA B 593 6.72 -18.23 39.34
N TYR B 594 7.77 -17.53 39.77
CA TYR B 594 8.52 -16.69 38.85
C TYR B 594 9.11 -17.54 37.73
N LEU B 595 9.90 -18.55 38.10
CA LEU B 595 10.60 -19.34 37.09
C LEU B 595 9.63 -20.03 36.15
N TYR B 596 8.47 -20.42 36.66
CA TYR B 596 7.46 -21.04 35.82
C TYR B 596 7.06 -20.11 34.66
N LEU B 597 6.62 -18.90 34.99
CA LEU B 597 6.20 -17.96 33.96
C LEU B 597 7.37 -17.51 33.09
N GLU B 598 8.58 -17.42 33.64
CA GLU B 598 9.72 -17.08 32.80
C GLU B 598 9.98 -18.17 31.78
N LEU B 599 9.95 -19.44 32.21
CA LEU B 599 10.17 -20.53 31.27
C LEU B 599 9.04 -20.59 30.25
N LEU B 600 7.82 -20.30 30.68
CA LEU B 600 6.70 -20.34 29.75
C LEU B 600 6.81 -19.22 28.73
N LYS B 601 7.07 -17.99 29.19
CA LYS B 601 7.29 -16.90 28.24
C LYS B 601 8.44 -17.23 27.31
N ASP B 602 9.50 -17.84 27.86
CA ASP B 602 10.65 -18.17 27.03
C ASP B 602 10.28 -19.11 25.90
N SER B 603 9.45 -20.13 26.20
CA SER B 603 9.07 -21.09 25.17
C SER B 603 8.08 -20.49 24.17
N LEU B 604 7.21 -19.59 24.60
CA LEU B 604 6.25 -18.99 23.68
C LEU B 604 6.84 -17.91 22.80
N ASN B 605 8.09 -17.50 23.06
CA ASN B 605 8.61 -16.28 22.45
C ASN B 605 8.61 -16.35 20.92
N GLU B 606 9.15 -17.43 20.35
CA GLU B 606 9.20 -17.54 18.89
C GLU B 606 7.83 -17.37 18.28
N TYR B 607 6.80 -17.99 18.89
CA TYR B 607 5.45 -17.91 18.35
C TYR B 607 4.86 -16.52 18.53
N ALA B 608 5.00 -15.93 19.73
CA ALA B 608 4.36 -14.66 20.01
C ALA B 608 5.07 -13.46 19.42
N TYR B 609 6.33 -13.63 19.00
CA TYR B 609 7.05 -12.49 18.45
C TYR B 609 6.33 -11.94 17.24
N ALA B 610 5.94 -12.82 16.33
CA ALA B 610 5.16 -12.43 15.17
C ALA B 610 3.88 -11.72 15.61
N ALA B 611 3.22 -12.24 16.64
CA ALA B 611 1.99 -11.64 17.10
C ALA B 611 2.23 -10.19 17.51
N GLU B 612 3.34 -9.93 18.18
CA GLU B 612 3.61 -8.58 18.66
C GLU B 612 3.88 -7.64 17.49
N LEU B 613 4.68 -8.08 16.53
CA LEU B 613 4.89 -7.32 15.31
C LEU B 613 3.57 -6.92 14.68
N ALA B 614 2.52 -7.70 14.92
CA ALA B 614 1.21 -7.47 14.34
C ALA B 614 0.27 -6.72 15.28
N GLY B 615 0.82 -6.08 16.31
CA GLY B 615 0.00 -5.28 17.20
C GLY B 615 -0.83 -6.07 18.19
N LEU B 616 -0.38 -7.27 18.54
CA LEU B 616 -1.07 -8.17 19.46
C LEU B 616 -0.06 -8.67 20.48
N SER B 617 -0.10 -8.12 21.69
CA SER B 617 0.91 -8.40 22.68
C SER B 617 0.29 -8.97 23.95
N TYR B 618 1.12 -9.63 24.75
CA TYR B 618 0.63 -10.17 26.00
C TYR B 618 1.67 -9.98 27.08
N ASP B 619 1.18 -9.99 28.31
CA ASP B 619 1.95 -9.73 29.51
C ASP B 619 1.59 -10.78 30.56
N LEU B 620 2.60 -11.48 31.08
CA LEU B 620 2.38 -12.63 31.96
C LEU B 620 3.43 -12.60 33.05
N GLN B 621 3.01 -12.39 34.31
CA GLN B 621 3.94 -12.36 35.43
C GLN B 621 3.24 -12.77 36.71
N ASN B 622 4.05 -13.27 37.67
CA ASN B 622 3.51 -13.70 38.96
C ASN B 622 3.35 -12.52 39.89
N THR B 623 2.30 -12.58 40.72
CA THR B 623 2.00 -11.57 41.72
C THR B 623 2.04 -12.23 43.09
N ILE B 624 1.91 -11.42 44.14
CA ILE B 624 1.92 -11.99 45.47
C ILE B 624 0.67 -12.80 45.76
N TYR B 625 -0.31 -12.80 44.85
CA TYR B 625 -1.55 -13.54 45.02
C TYR B 625 -1.73 -14.64 43.98
N GLY B 626 -0.81 -14.77 43.02
CA GLY B 626 -0.95 -15.72 41.94
C GLY B 626 -0.25 -15.32 40.64
N MET B 627 -0.97 -15.36 39.52
CA MET B 627 -0.44 -15.00 38.21
C MET B 627 -1.29 -13.91 37.59
N TYR B 628 -0.66 -13.09 36.75
CA TYR B 628 -1.34 -12.02 36.03
C TYR B 628 -1.08 -12.17 34.54
N LEU B 629 -2.14 -12.06 33.74
CA LEU B 629 -2.07 -12.19 32.29
C LEU B 629 -2.88 -11.10 31.65
N SER B 630 -2.25 -10.40 30.71
CA SER B 630 -2.89 -9.34 29.95
C SER B 630 -2.66 -9.55 28.47
N VAL B 631 -3.71 -9.45 27.66
CA VAL B 631 -3.61 -9.50 26.22
C VAL B 631 -4.22 -8.23 25.66
N LYS B 632 -3.40 -7.41 24.99
CA LYS B 632 -3.79 -6.11 24.47
C LYS B 632 -3.48 -6.06 22.98
N GLY B 633 -4.29 -5.33 22.23
CA GLY B 633 -4.00 -5.14 20.82
C GLY B 633 -5.25 -5.27 19.98
N TYR B 634 -5.04 -5.59 18.69
CA TYR B 634 -6.16 -5.81 17.78
C TYR B 634 -6.96 -7.04 18.18
N ASN B 635 -8.29 -6.89 18.21
CA ASN B 635 -9.15 -7.94 18.70
C ASN B 635 -9.29 -9.11 17.73
N ASP B 636 -8.85 -8.97 16.49
CA ASP B 636 -9.11 -9.99 15.47
C ASP B 636 -8.60 -11.37 15.88
N LYS B 637 -7.27 -11.52 15.99
CA LYS B 637 -6.65 -12.80 16.30
C LYS B 637 -6.39 -12.97 17.79
N GLN B 638 -7.03 -12.15 18.63
CA GLN B 638 -6.76 -12.19 20.06
C GLN B 638 -7.10 -13.55 20.66
N PRO B 639 -8.25 -14.16 20.37
CA PRO B 639 -8.54 -15.48 20.95
C PRO B 639 -7.51 -16.53 20.57
N ILE B 640 -6.87 -16.41 19.40
CA ILE B 640 -5.89 -17.42 19.01
C ILE B 640 -4.70 -17.40 19.95
N LEU B 641 -4.14 -16.21 20.19
CA LEU B 641 -2.98 -16.13 21.08
C LEU B 641 -3.34 -16.48 22.51
N LEU B 642 -4.48 -15.96 22.99
CA LEU B 642 -4.91 -16.28 24.35
C LEU B 642 -5.05 -17.78 24.53
N LYS B 643 -5.70 -18.45 23.57
CA LYS B 643 -5.89 -19.89 23.67
C LYS B 643 -4.55 -20.62 23.75
N LYS B 644 -3.56 -20.19 22.96
CA LYS B 644 -2.27 -20.84 22.95
C LYS B 644 -1.54 -20.66 24.28
N ILE B 645 -1.64 -19.47 24.88
CA ILE B 645 -0.99 -19.22 26.17
C ILE B 645 -1.56 -20.14 27.24
N ILE B 646 -2.88 -20.11 27.42
CA ILE B 646 -3.50 -20.93 28.46
C ILE B 646 -3.20 -22.41 28.20
N GLU B 647 -3.35 -22.85 26.96
CA GLU B 647 -3.00 -24.22 26.62
C GLU B 647 -1.56 -24.54 27.02
N LYS B 648 -0.63 -23.62 26.76
CA LYS B 648 0.76 -23.86 27.12
C LYS B 648 0.95 -23.94 28.64
N MET B 649 0.31 -23.02 29.38
CA MET B 649 0.40 -23.06 30.84
C MET B 649 0.05 -24.43 31.38
N ALA B 650 -1.04 -25.01 30.87
CA ALA B 650 -1.64 -26.20 31.47
C ALA B 650 -0.95 -27.49 31.05
N THR B 651 -0.13 -27.45 30.01
CA THR B 651 0.53 -28.63 29.46
C THR B 651 2.03 -28.37 29.33
N PHE B 652 2.56 -27.52 30.19
CA PHE B 652 3.92 -27.03 30.01
C PHE B 652 4.94 -28.14 30.28
N GLU B 653 5.87 -28.30 29.33
CA GLU B 653 7.03 -29.17 29.47
C GLU B 653 8.29 -28.30 29.53
N ILE B 654 9.11 -28.55 30.54
CA ILE B 654 10.28 -27.72 30.82
C ILE B 654 11.51 -28.27 30.14
N ASP B 655 12.20 -27.42 29.39
CA ASP B 655 13.49 -27.75 28.81
C ASP B 655 14.55 -27.63 29.89
N GLU B 656 15.26 -28.72 30.16
CA GLU B 656 16.17 -28.70 31.30
C GLU B 656 17.26 -27.66 31.10
N LYS B 657 17.80 -27.56 29.88
CA LYS B 657 18.85 -26.58 29.61
C LYS B 657 18.32 -25.15 29.80
N ARG B 658 17.11 -24.88 29.31
CA ARG B 658 16.54 -23.54 29.52
C ARG B 658 16.40 -23.25 31.01
N PHE B 659 15.94 -24.24 31.78
CA PHE B 659 15.70 -24.06 33.20
C PHE B 659 16.95 -23.57 33.92
N GLU B 660 18.07 -24.28 33.72
CA GLU B 660 19.27 -23.89 34.45
C GLU B 660 19.72 -22.49 34.06
N ILE B 661 19.54 -22.14 32.79
CA ILE B 661 19.96 -20.82 32.28
C ILE B 661 19.17 -19.71 32.96
N ILE B 662 17.85 -19.83 32.92
CA ILE B 662 16.99 -18.80 33.47
C ILE B 662 17.20 -18.67 34.98
N LYS B 663 17.37 -19.80 35.66
CA LYS B 663 17.64 -19.80 37.10
C LYS B 663 18.87 -18.95 37.43
N GLU B 664 19.96 -19.13 36.69
CA GLU B 664 21.17 -18.36 36.95
C GLU B 664 20.93 -16.88 36.70
N ALA B 665 20.17 -16.56 35.65
CA ALA B 665 19.84 -15.16 35.37
C ALA B 665 19.04 -14.55 36.52
N TYR B 666 18.14 -15.36 37.11
CA TYR B 666 17.31 -14.90 38.22
C TYR B 666 18.13 -14.71 39.49
N MET B 667 19.09 -15.60 39.75
CA MET B 667 20.01 -15.38 40.87
C MET B 667 20.70 -14.02 40.76
N ARG B 668 21.29 -13.74 39.59
CA ARG B 668 21.97 -12.46 39.38
C ARG B 668 21.01 -11.30 39.54
N SER B 669 19.79 -11.42 38.99
CA SER B 669 18.81 -10.36 39.11
C SER B 669 18.59 -9.97 40.56
N LEU B 670 18.39 -10.97 41.42
CA LEU B 670 18.18 -10.71 42.84
C LEU B 670 19.39 -10.04 43.47
N ASN B 671 20.60 -10.55 43.20
CA ASN B 671 21.82 -9.94 43.72
C ASN B 671 22.00 -8.52 43.21
N ASN B 672 21.64 -8.26 41.96
CA ASN B 672 21.88 -6.95 41.39
C ASN B 672 21.04 -5.86 42.05
N PHE B 673 20.10 -6.21 42.93
CA PHE B 673 19.36 -5.16 43.63
C PHE B 673 20.29 -4.36 44.53
N ARG B 674 21.41 -4.95 44.96
CA ARG B 674 22.38 -4.23 45.76
C ARG B 674 22.86 -2.95 45.10
N ALA B 675 22.75 -2.84 43.77
CA ALA B 675 23.27 -1.70 43.02
C ALA B 675 22.20 -0.70 42.58
N GLU B 676 20.95 -0.88 43.01
CA GLU B 676 19.92 0.09 42.72
C GLU B 676 20.16 1.36 43.54
N GLN B 677 19.34 2.38 43.30
CA GLN B 677 19.54 3.69 43.92
C GLN B 677 19.12 3.67 45.39
N PRO B 678 19.79 4.46 46.24
CA PRO B 678 19.40 4.51 47.65
C PRO B 678 17.91 4.74 47.85
N HIS B 679 17.32 5.68 47.10
CA HIS B 679 15.91 5.96 47.34
C HIS B 679 15.04 4.76 46.95
N GLN B 680 15.49 3.95 46.00
CA GLN B 680 14.73 2.74 45.68
C GLN B 680 14.87 1.69 46.77
N HIS B 681 16.06 1.56 47.36
CA HIS B 681 16.20 0.70 48.54
C HIS B 681 15.24 1.14 49.62
N ALA B 682 15.18 2.44 49.89
CA ALA B 682 14.32 2.93 50.96
C ALA B 682 12.87 2.54 50.72
N MET B 683 12.37 2.74 49.50
CA MET B 683 10.99 2.36 49.19
C MET B 683 10.77 0.86 49.35
N TYR B 684 11.75 0.07 48.92
CA TYR B 684 11.68 -1.37 49.08
C TYR B 684 11.53 -1.77 50.54
N TYR B 685 12.45 -1.30 51.38
CA TYR B 685 12.41 -1.64 52.80
C TYR B 685 11.07 -1.27 53.43
N LEU B 686 10.60 -0.05 53.20
CA LEU B 686 9.33 0.36 53.79
C LEU B 686 8.21 -0.56 53.34
N ARG B 687 8.26 -1.01 52.08
CA ARG B 687 7.23 -1.92 51.57
C ARG B 687 7.24 -3.25 52.31
N LEU B 688 8.43 -3.71 52.69
CA LEU B 688 8.53 -4.92 53.50
C LEU B 688 8.05 -4.69 54.93
N LEU B 689 8.29 -3.49 55.47
CA LEU B 689 7.95 -3.25 56.87
C LEU B 689 6.44 -3.24 57.10
N MET B 690 5.66 -2.76 56.14
CA MET B 690 4.26 -2.47 56.35
C MET B 690 3.31 -3.53 55.82
N THR B 691 3.82 -4.57 55.16
CA THR B 691 2.97 -5.61 54.58
C THR B 691 3.00 -6.87 55.44
N GLU B 692 1.81 -7.43 55.69
CA GLU B 692 1.64 -8.62 56.51
C GLU B 692 2.66 -9.69 56.15
N VAL B 693 2.66 -10.10 54.89
CA VAL B 693 3.60 -11.08 54.36
C VAL B 693 4.41 -10.42 53.25
N ALA B 694 5.71 -10.66 53.28
CA ALA B 694 6.63 -10.11 52.28
C ALA B 694 7.96 -10.83 52.36
N TRP B 695 8.36 -11.46 51.26
CA TRP B 695 9.63 -12.18 51.19
C TRP B 695 10.71 -11.24 50.70
N THR B 696 11.86 -11.26 51.37
CA THR B 696 12.98 -10.41 51.01
C THR B 696 13.80 -11.06 49.90
N LYS B 697 14.55 -10.22 49.19
CA LYS B 697 15.44 -10.73 48.15
C LYS B 697 16.43 -11.73 48.75
N ASP B 698 16.88 -11.49 49.98
CA ASP B 698 17.80 -12.42 50.62
C ASP B 698 17.13 -13.76 50.87
N GLU B 699 15.90 -13.74 51.39
CA GLU B 699 15.16 -14.97 51.64
C GLU B 699 14.95 -15.74 50.32
N LEU B 700 14.72 -15.02 49.22
CA LEU B 700 14.58 -15.66 47.91
C LEU B 700 15.92 -16.17 47.39
N LYS B 701 16.99 -15.38 47.53
CA LYS B 701 18.32 -15.80 47.12
C LYS B 701 18.68 -17.16 47.71
N GLU B 702 18.49 -17.29 49.03
CA GLU B 702 18.80 -18.54 49.72
C GLU B 702 17.96 -19.68 49.17
N ALA B 703 16.64 -19.48 49.06
CA ALA B 703 15.71 -20.51 48.64
C ALA B 703 15.89 -20.92 47.19
N LEU B 704 16.51 -20.08 46.36
CA LEU B 704 16.60 -20.41 44.95
C LEU B 704 17.52 -21.60 44.71
N ASP B 705 18.51 -21.79 45.58
CA ASP B 705 19.43 -22.90 45.39
C ASP B 705 18.73 -24.24 45.55
N ASP B 706 17.66 -24.27 46.36
CA ASP B 706 16.91 -25.49 46.62
C ASP B 706 15.76 -25.71 45.63
N VAL B 707 15.80 -25.09 44.45
CA VAL B 707 14.78 -25.30 43.41
C VAL B 707 15.37 -26.26 42.39
N THR B 708 15.03 -27.53 42.49
CA THR B 708 15.46 -28.50 41.49
C THR B 708 14.44 -28.60 40.37
N LEU B 709 14.87 -29.18 39.25
CA LEU B 709 13.92 -29.36 38.15
C LEU B 709 12.73 -30.23 38.54
N PRO B 710 12.92 -31.36 39.23
CA PRO B 710 11.74 -32.12 39.69
C PRO B 710 10.77 -31.28 40.51
N ARG B 711 11.27 -30.47 41.46
CA ARG B 711 10.34 -29.70 42.30
C ARG B 711 9.53 -28.72 41.47
N LEU B 712 10.13 -28.17 40.41
CA LEU B 712 9.40 -27.27 39.54
C LEU B 712 8.35 -28.03 38.75
N LYS B 713 8.71 -29.21 38.23
CA LYS B 713 7.73 -30.04 37.52
C LYS B 713 6.55 -30.37 38.41
N ALA B 714 6.80 -30.63 39.69
CA ALA B 714 5.72 -30.93 40.62
C ALA B 714 4.93 -29.68 40.98
N PHE B 715 5.60 -28.53 41.08
CA PHE B 715 4.96 -27.28 41.48
C PHE B 715 3.81 -26.91 40.54
N ILE B 716 4.04 -27.02 39.23
CA ILE B 716 3.09 -26.46 38.25
C ILE B 716 1.70 -27.08 38.37
N PRO B 717 1.54 -28.39 38.32
CA PRO B 717 0.18 -28.95 38.48
C PRO B 717 -0.44 -28.62 39.82
N GLN B 718 0.38 -28.50 40.88
CA GLN B 718 -0.17 -28.08 42.16
C GLN B 718 -0.64 -26.63 42.11
N LEU B 719 0.10 -25.77 41.41
CA LEU B 719 -0.32 -24.38 41.31
C LEU B 719 -1.64 -24.25 40.56
N LEU B 720 -1.81 -25.02 39.49
CA LEU B 720 -3.02 -24.89 38.68
C LEU B 720 -4.21 -25.67 39.23
N SER B 721 -3.99 -26.59 40.18
CA SER B 721 -5.04 -27.52 40.56
C SER B 721 -6.27 -26.79 41.11
N ARG B 722 -6.07 -25.74 41.89
CA ARG B 722 -7.19 -24.97 42.41
C ARG B 722 -6.90 -23.48 42.21
N LEU B 723 -7.83 -22.78 41.57
CA LEU B 723 -7.64 -21.38 41.21
C LEU B 723 -8.96 -20.64 41.32
N HIS B 724 -8.85 -19.32 41.38
CA HIS B 724 -9.97 -18.43 41.13
C HIS B 724 -9.50 -17.42 40.10
N ILE B 725 -10.36 -17.10 39.15
CA ILE B 725 -10.02 -16.20 38.05
C ILE B 725 -10.92 -14.99 38.13
N GLU B 726 -10.33 -13.80 38.19
CA GLU B 726 -11.06 -12.55 38.09
C GLU B 726 -10.57 -11.81 36.85
N ALA B 727 -11.51 -11.40 36.00
CA ALA B 727 -11.16 -10.85 34.70
C ALA B 727 -11.92 -9.57 34.41
N LEU B 728 -11.23 -8.69 33.68
CA LEU B 728 -11.83 -7.52 33.04
C LEU B 728 -11.60 -7.63 31.54
N LEU B 729 -12.67 -7.68 30.76
CA LEU B 729 -12.60 -7.72 29.31
C LEU B 729 -13.21 -6.44 28.80
N HIS B 730 -12.42 -5.65 28.10
CA HIS B 730 -12.80 -4.28 27.78
C HIS B 730 -12.32 -3.92 26.38
N GLY B 731 -13.24 -3.48 25.53
CA GLY B 731 -12.88 -3.05 24.20
C GLY B 731 -13.91 -3.36 23.13
N ASN B 732 -13.44 -3.66 21.91
CA ASN B 732 -14.29 -3.97 20.77
C ASN B 732 -14.70 -5.44 20.82
N ILE B 733 -15.56 -5.75 21.79
CA ILE B 733 -16.04 -7.11 21.96
C ILE B 733 -17.43 -7.04 22.57
N THR B 734 -18.22 -8.08 22.34
CA THR B 734 -19.60 -8.14 22.80
C THR B 734 -19.71 -9.02 24.05
N LYS B 735 -20.84 -8.90 24.73
CA LYS B 735 -21.04 -9.65 25.98
C LYS B 735 -20.97 -11.15 25.73
N GLN B 736 -21.59 -11.62 24.65
CA GLN B 736 -21.53 -13.05 24.31
C GLN B 736 -20.11 -13.46 23.96
N ALA B 737 -19.40 -12.63 23.20
CA ALA B 737 -18.00 -12.91 22.92
C ALA B 737 -17.20 -13.01 24.21
N ALA B 738 -17.45 -12.09 25.15
CA ALA B 738 -16.71 -12.08 26.41
C ALA B 738 -16.96 -13.34 27.22
N LEU B 739 -18.24 -13.68 27.42
CA LEU B 739 -18.59 -14.93 28.07
C LEU B 739 -17.92 -16.10 27.36
N GLY B 740 -17.87 -16.05 26.03
CA GLY B 740 -17.21 -17.13 25.31
C GLY B 740 -15.72 -17.18 25.54
N ILE B 741 -15.08 -16.00 25.62
CA ILE B 741 -13.66 -15.95 25.92
C ILE B 741 -13.37 -16.57 27.29
N MET B 742 -14.12 -16.14 28.30
CA MET B 742 -13.89 -16.65 29.65
C MET B 742 -14.10 -18.15 29.71
N GLN B 743 -15.12 -18.67 29.03
CA GLN B 743 -15.40 -20.09 29.10
C GLN B 743 -14.29 -20.90 28.45
N MET B 744 -13.68 -20.38 27.37
CA MET B 744 -12.52 -21.06 26.81
C MET B 744 -11.38 -21.12 27.81
N VAL B 745 -11.11 -20.01 28.51
CA VAL B 745 -10.04 -20.00 29.50
C VAL B 745 -10.30 -21.06 30.56
N GLU B 746 -11.50 -21.06 31.12
CA GLU B 746 -11.87 -22.08 32.10
C GLU B 746 -11.75 -23.48 31.50
N ASP B 747 -12.39 -23.70 30.35
CA ASP B 747 -12.43 -25.03 29.76
C ASP B 747 -11.03 -25.56 29.52
N THR B 748 -10.14 -24.70 29.00
CA THR B 748 -8.77 -25.13 28.76
C THR B 748 -8.06 -25.52 30.05
N LEU B 749 -8.24 -24.73 31.11
CA LEU B 749 -7.61 -25.05 32.38
C LEU B 749 -8.18 -26.33 32.98
N ILE B 750 -9.50 -26.52 32.88
CA ILE B 750 -10.12 -27.71 33.46
C ILE B 750 -9.68 -28.96 32.70
N GLU B 751 -9.69 -28.90 31.36
CA GLU B 751 -9.38 -30.10 30.58
C GLU B 751 -7.95 -30.57 30.80
N HIS B 752 -6.98 -29.65 30.79
CA HIS B 752 -5.58 -30.04 30.81
C HIS B 752 -4.94 -29.97 32.18
N ALA B 753 -5.57 -29.26 33.12
CA ALA B 753 -5.00 -29.09 34.45
C ALA B 753 -5.96 -29.49 35.55
N HIS B 754 -7.17 -29.92 35.22
CA HIS B 754 -8.14 -30.42 36.20
C HIS B 754 -8.38 -29.40 37.30
N THR B 755 -8.49 -28.13 36.90
CA THR B 755 -8.66 -27.05 37.87
C THR B 755 -10.05 -27.10 38.50
N LYS B 756 -10.10 -26.87 39.80
CA LYS B 756 -11.33 -26.75 40.56
C LYS B 756 -11.31 -25.42 41.31
N PRO B 757 -12.45 -24.95 41.77
CA PRO B 757 -12.52 -23.63 42.42
C PRO B 757 -11.86 -23.65 43.80
N LEU B 758 -11.48 -22.47 44.27
CA LEU B 758 -10.98 -22.30 45.62
C LEU B 758 -12.12 -22.15 46.60
N LEU B 759 -11.82 -22.38 47.86
CA LEU B 759 -12.83 -21.98 48.83
C LEU B 759 -12.79 -20.47 49.03
N PRO B 760 -13.94 -19.82 49.22
CA PRO B 760 -13.90 -18.36 49.34
C PRO B 760 -13.04 -17.92 50.50
N SER B 761 -13.00 -18.70 51.58
CA SER B 761 -12.16 -18.41 52.73
C SER B 761 -10.68 -18.47 52.39
N GLN B 762 -10.32 -19.06 51.25
CA GLN B 762 -8.91 -19.09 50.83
C GLN B 762 -8.46 -17.80 50.17
N LEU B 763 -9.38 -17.03 49.59
CA LEU B 763 -9.05 -15.79 48.89
C LEU B 763 -8.76 -14.71 49.91
N VAL B 764 -7.53 -14.65 50.40
CA VAL B 764 -7.17 -13.72 51.47
C VAL B 764 -6.23 -12.66 50.91
N ARG B 765 -6.47 -11.41 51.27
CA ARG B 765 -5.59 -10.31 50.92
C ARG B 765 -4.72 -9.95 52.11
N TYR B 766 -3.57 -9.36 51.82
CA TYR B 766 -2.66 -8.99 52.89
C TYR B 766 -3.05 -7.65 53.50
N ARG B 767 -2.77 -7.52 54.80
CA ARG B 767 -3.07 -6.33 55.56
C ARG B 767 -1.83 -5.47 55.74
N GLU B 768 -2.05 -4.20 56.07
CA GLU B 768 -0.98 -3.29 56.39
C GLU B 768 -0.79 -3.21 57.91
N VAL B 769 0.47 -3.13 58.34
CA VAL B 769 0.80 -2.97 59.75
C VAL B 769 0.12 -1.71 60.29
N GLN B 770 -0.51 -1.81 61.45
CA GLN B 770 -1.19 -0.67 62.06
C GLN B 770 -0.25 -0.04 63.09
N LEU B 771 0.22 1.19 62.80
CA LEU B 771 1.21 1.83 63.66
C LEU B 771 0.52 2.53 64.83
N PRO B 772 1.18 2.55 65.99
CA PRO B 772 0.57 3.12 67.19
C PRO B 772 0.56 4.63 67.22
N ASP B 773 -0.45 5.17 67.90
CA ASP B 773 -0.56 6.62 68.08
C ASP B 773 0.68 7.18 68.76
N ARG B 774 1.24 8.24 68.16
CA ARG B 774 2.40 8.99 68.63
C ARG B 774 3.72 8.23 68.50
N GLY B 775 3.72 7.06 67.84
CA GLY B 775 4.94 6.29 67.71
C GLY B 775 5.84 6.77 66.58
N TRP B 776 7.13 6.44 66.69
CA TRP B 776 8.08 6.73 65.63
C TRP B 776 9.12 5.62 65.57
N PHE B 777 9.16 4.91 64.44
CA PHE B 777 10.09 3.82 64.21
C PHE B 777 11.04 4.19 63.07
N VAL B 778 12.29 3.73 63.18
CA VAL B 778 13.28 3.91 62.13
C VAL B 778 13.90 2.57 61.81
N TYR B 779 14.06 2.30 60.52
CA TYR B 779 14.82 1.14 60.03
C TYR B 779 16.01 1.69 59.25
N GLN B 780 17.19 1.17 59.55
CA GLN B 780 18.45 1.67 59.01
C GLN B 780 19.14 0.59 58.19
N GLN B 781 19.66 0.98 57.03
CA GLN B 781 20.45 0.10 56.19
C GLN B 781 21.46 0.96 55.45
N ARG B 782 22.44 0.29 54.84
CA ARG B 782 23.47 0.94 54.06
C ARG B 782 23.41 0.44 52.63
N ASN B 783 23.56 1.37 51.69
CA ASN B 783 23.73 1.04 50.28
C ASN B 783 25.23 0.94 50.01
N GLU B 784 25.69 -0.23 49.56
CA GLU B 784 27.11 -0.47 49.45
C GLU B 784 27.67 -0.06 48.10
N VAL B 785 26.84 0.45 47.19
CA VAL B 785 27.24 0.78 45.83
C VAL B 785 27.27 2.29 45.61
N HIS B 786 26.24 3.00 46.04
CA HIS B 786 26.10 4.42 45.78
C HIS B 786 26.55 5.23 46.99
N ASN B 787 27.36 6.26 46.75
CA ASN B 787 27.77 7.13 47.84
C ASN B 787 26.81 8.31 48.00
N ASN B 788 25.52 8.03 47.94
CA ASN B 788 24.46 8.96 48.28
C ASN B 788 23.57 8.24 49.29
N SER B 789 22.76 8.99 50.00
CA SER B 789 21.85 8.37 50.95
C SER B 789 20.41 8.67 50.54
N GLY B 790 19.52 7.78 50.96
CA GLY B 790 18.12 7.91 50.65
C GLY B 790 17.28 7.74 51.90
N ILE B 791 16.06 8.27 51.83
CA ILE B 791 15.15 8.25 52.96
C ILE B 791 13.72 8.24 52.45
N GLU B 792 12.86 7.49 53.12
CA GLU B 792 11.42 7.60 52.94
C GLU B 792 10.79 7.83 54.30
N ILE B 793 9.85 8.77 54.34
CA ILE B 793 9.12 9.11 55.55
C ILE B 793 7.65 8.84 55.29
N TYR B 794 7.02 8.06 56.17
CA TYR B 794 5.64 7.63 55.99
C TYR B 794 4.84 8.08 57.20
N TYR B 795 3.84 8.91 56.95
CA TYR B 795 2.89 9.35 57.96
C TYR B 795 1.58 8.61 57.67
N GLN B 796 1.38 7.49 58.36
CA GLN B 796 0.17 6.71 58.17
C GLN B 796 -1.02 7.48 58.73
N THR B 797 -2.11 7.55 57.97
CA THR B 797 -3.32 8.20 58.46
C THR B 797 -4.32 7.11 58.80
N ASP B 798 -5.16 6.68 57.88
CA ASP B 798 -6.19 5.71 58.22
C ASP B 798 -6.60 4.92 56.99
N MET B 799 -7.52 3.99 57.20
CA MET B 799 -8.05 3.19 56.13
C MET B 799 -8.67 4.10 55.06
N GLN B 800 -8.53 3.69 53.80
CA GLN B 800 -9.11 4.48 52.72
C GLN B 800 -10.62 4.61 52.90
N SER B 801 -11.13 5.77 52.49
CA SER B 801 -12.48 6.24 52.75
C SER B 801 -12.68 7.49 51.93
N THR B 802 -13.91 7.71 51.47
CA THR B 802 -14.14 8.88 50.62
C THR B 802 -13.69 10.16 51.33
N SER B 803 -14.01 10.28 52.62
CA SER B 803 -13.57 11.43 53.40
C SER B 803 -12.05 11.41 53.60
N GLU B 804 -11.53 10.35 54.22
CA GLU B 804 -10.10 10.31 54.51
C GLU B 804 -9.27 10.40 53.24
N ASN B 805 -9.79 9.89 52.12
CA ASN B 805 -9.04 9.95 50.88
C ASN B 805 -8.78 11.39 50.49
N MET B 806 -9.81 12.23 50.52
CA MET B 806 -9.71 13.59 50.00
C MET B 806 -9.03 14.55 50.97
N PHE B 807 -9.13 14.32 52.28
CA PHE B 807 -8.27 15.06 53.20
C PHE B 807 -6.82 14.91 52.80
N LEU B 808 -6.38 13.66 52.61
CA LEU B 808 -4.99 13.42 52.24
C LEU B 808 -4.69 13.98 50.85
N GLU B 809 -5.53 13.67 49.87
CA GLU B 809 -5.24 14.11 48.51
C GLU B 809 -5.16 15.63 48.42
N LEU B 810 -6.04 16.33 49.16
CA LEU B 810 -6.06 17.80 49.08
C LEU B 810 -4.87 18.41 49.80
N PHE B 811 -4.56 17.92 51.00
CA PHE B 811 -3.37 18.41 51.70
C PHE B 811 -2.12 18.17 50.85
N ALA B 812 -2.02 16.99 50.24
CA ALA B 812 -0.87 16.69 49.39
C ALA B 812 -0.73 17.71 48.28
N GLN B 813 -1.86 18.08 47.65
CA GLN B 813 -1.83 19.08 46.60
C GLN B 813 -1.29 20.41 47.12
N ILE B 814 -1.80 20.86 48.26
CA ILE B 814 -1.38 22.15 48.80
C ILE B 814 0.13 22.20 48.99
N ILE B 815 0.73 21.10 49.46
CA ILE B 815 2.15 21.11 49.82
C ILE B 815 3.07 20.68 48.69
N SER B 816 2.54 20.14 47.59
CA SER B 816 3.37 19.57 46.55
C SER B 816 4.44 20.53 46.05
N GLU B 817 4.02 21.62 45.39
CA GLU B 817 5.00 22.57 44.87
C GLU B 817 5.84 23.16 45.97
N PRO B 818 5.27 23.70 47.05
CA PRO B 818 6.11 24.20 48.15
C PRO B 818 7.15 23.20 48.62
N ALA B 819 6.80 21.91 48.68
CA ALA B 819 7.77 20.93 49.16
C ALA B 819 8.95 20.82 48.21
N PHE B 820 8.68 20.78 46.90
CA PHE B 820 9.75 20.75 45.92
C PHE B 820 10.57 22.04 45.98
N ASN B 821 9.90 23.18 46.03
CA ASN B 821 10.62 24.46 46.04
C ASN B 821 11.48 24.60 47.29
N THR B 822 10.94 24.27 48.46
CA THR B 822 11.71 24.46 49.69
C THR B 822 12.88 23.49 49.76
N LEU B 823 12.62 22.19 49.56
CA LEU B 823 13.62 21.16 49.84
C LEU B 823 14.66 21.02 48.74
N ARG B 824 14.30 21.22 47.47
CA ARG B 824 15.27 21.07 46.39
C ARG B 824 15.80 22.42 45.93
N THR B 825 14.95 23.29 45.38
CA THR B 825 15.44 24.51 44.77
C THR B 825 16.11 25.42 45.80
N LYS B 826 15.50 25.57 46.97
CA LYS B 826 16.10 26.41 48.01
C LYS B 826 17.24 25.69 48.73
N GLU B 827 16.91 24.62 49.47
CA GLU B 827 17.90 23.97 50.32
C GLU B 827 18.83 23.01 49.57
N GLN B 828 18.50 22.65 48.33
CA GLN B 828 19.31 21.72 47.53
C GLN B 828 19.73 20.49 48.34
N LEU B 829 18.72 19.75 48.79
CA LEU B 829 19.01 18.52 49.52
C LEU B 829 19.43 17.42 48.57
N GLY B 830 18.78 17.31 47.42
CA GLY B 830 19.20 16.33 46.43
C GLY B 830 18.45 16.54 45.13
N TYR B 831 18.89 15.81 44.11
CA TYR B 831 18.21 15.88 42.82
C TYR B 831 16.79 15.32 42.91
N ILE B 832 16.59 14.33 43.76
CA ILE B 832 15.33 13.62 43.88
C ILE B 832 14.63 14.06 45.17
N VAL B 833 13.47 14.71 45.02
CA VAL B 833 12.63 15.11 46.14
C VAL B 833 11.18 14.92 45.76
N PHE B 834 10.44 14.17 46.57
CA PHE B 834 9.09 13.74 46.25
C PHE B 834 8.22 13.81 47.50
N SER B 835 6.94 14.12 47.30
CA SER B 835 5.94 14.05 48.36
C SER B 835 4.61 13.70 47.73
N GLY B 836 3.73 13.10 48.52
CA GLY B 836 2.42 12.74 48.04
C GLY B 836 1.82 11.56 48.78
N PRO B 837 0.64 11.15 48.33
CA PRO B 837 -0.04 10.02 48.99
C PRO B 837 0.70 8.72 48.78
N ARG B 838 0.59 7.84 49.77
CA ARG B 838 0.96 6.43 49.66
C ARG B 838 -0.29 5.60 49.93
N ARG B 839 -0.57 4.65 49.03
CA ARG B 839 -1.72 3.76 49.17
C ARG B 839 -1.27 2.31 49.05
N ALA B 840 -1.58 1.50 50.05
CA ALA B 840 -1.23 0.09 50.05
C ALA B 840 -2.22 -0.71 50.88
N ASN B 841 -2.69 -1.83 50.33
CA ASN B 841 -3.49 -2.80 51.07
C ASN B 841 -4.70 -2.15 51.74
N GLY B 842 -5.21 -1.05 51.18
CA GLY B 842 -6.38 -0.39 51.72
C GLY B 842 -6.09 0.73 52.70
N ILE B 843 -4.83 0.94 53.06
CA ILE B 843 -4.43 1.98 53.99
C ILE B 843 -3.79 3.11 53.17
N GLN B 844 -3.58 4.25 53.83
CA GLN B 844 -2.97 5.38 53.13
C GLN B 844 -2.30 6.31 54.13
N GLY B 845 -1.54 7.26 53.57
CA GLY B 845 -0.85 8.26 54.35
C GLY B 845 -0.05 9.17 53.44
N LEU B 846 0.68 10.07 54.07
CA LEU B 846 1.54 11.01 53.36
C LEU B 846 2.98 10.51 53.41
N ARG B 847 3.70 10.66 52.30
CA ARG B 847 5.08 10.20 52.24
C ARG B 847 5.98 11.26 51.63
N PHE B 848 7.24 11.24 52.08
CA PHE B 848 8.30 12.05 51.55
C PHE B 848 9.43 11.11 51.15
N ILE B 849 10.03 11.35 49.98
CA ILE B 849 11.16 10.57 49.50
C ILE B 849 12.25 11.51 49.04
N ILE B 850 13.46 11.34 49.58
CA ILE B 850 14.58 12.21 49.27
C ILE B 850 15.82 11.36 49.07
N GLN B 851 16.62 11.76 48.09
CA GLN B 851 17.95 11.21 47.88
C GLN B 851 18.94 12.37 47.97
N SER B 852 19.97 12.21 48.80
CA SER B 852 20.83 13.34 49.12
C SER B 852 22.22 12.88 49.48
N GLU B 853 23.16 13.83 49.42
CA GLU B 853 24.48 13.65 50.02
C GLU B 853 24.46 13.93 51.51
N LYS B 854 23.48 14.71 51.98
CA LYS B 854 23.33 14.93 53.42
C LYS B 854 22.84 13.66 54.11
N PRO B 855 23.19 13.46 55.39
CA PRO B 855 22.79 12.24 56.08
C PRO B 855 21.29 12.26 56.41
N PRO B 856 20.68 11.08 56.53
CA PRO B 856 19.21 11.03 56.68
C PRO B 856 18.68 11.80 57.89
N HIS B 857 19.34 11.71 59.04
CA HIS B 857 18.81 12.37 60.24
C HIS B 857 18.69 13.88 60.04
N TYR B 858 19.53 14.46 59.19
CA TYR B 858 19.36 15.87 58.87
C TYR B 858 18.15 16.06 57.95
N LEU B 859 18.02 15.20 56.93
CA LEU B 859 16.87 15.29 56.04
C LEU B 859 15.56 15.19 56.82
N GLU B 860 15.53 14.35 57.87
CA GLU B 860 14.35 14.24 58.72
C GLU B 860 13.94 15.58 59.30
N SER B 861 14.89 16.30 59.91
CA SER B 861 14.55 17.57 60.54
C SER B 861 14.12 18.60 59.50
N ARG B 862 14.79 18.66 58.35
CA ARG B 862 14.42 19.65 57.34
C ARG B 862 13.01 19.42 56.84
N VAL B 863 12.60 18.16 56.68
CA VAL B 863 11.22 17.88 56.33
C VAL B 863 10.30 18.34 57.45
N GLU B 864 10.70 18.11 58.69
CA GLU B 864 9.87 18.55 59.81
C GLU B 864 9.76 20.07 59.85
N ALA B 865 10.87 20.77 59.60
CA ALA B 865 10.82 22.23 59.57
C ALA B 865 9.89 22.70 58.47
N PHE B 866 9.90 22.00 57.33
CA PHE B 866 9.01 22.35 56.23
C PHE B 866 7.55 22.20 56.64
N LEU B 867 7.24 21.22 57.46
CA LEU B 867 5.85 20.95 57.80
C LEU B 867 5.24 22.06 58.66
N ILE B 868 6.03 22.68 59.55
CA ILE B 868 5.48 23.77 60.36
C ILE B 868 5.32 25.04 59.53
N THR B 869 6.31 25.38 58.71
CA THR B 869 6.15 26.50 57.79
C THR B 869 4.93 26.29 56.92
N MET B 870 4.66 25.03 56.56
CA MET B 870 3.46 24.71 55.79
C MET B 870 2.20 24.93 56.63
N GLU B 871 2.31 24.76 57.95
CA GLU B 871 1.17 25.01 58.84
C GLU B 871 0.77 26.48 58.82
N LYS B 872 1.75 27.39 58.86
CA LYS B 872 1.43 28.81 58.79
C LYS B 872 0.85 29.18 57.43
N SER B 873 1.45 28.68 56.36
CA SER B 873 0.95 28.98 55.02
C SER B 873 -0.52 28.59 54.85
N ILE B 874 -0.95 27.51 55.51
CA ILE B 874 -2.36 27.11 55.44
C ILE B 874 -3.24 28.10 56.19
N GLU B 875 -2.78 28.55 57.37
CA GLU B 875 -3.55 29.50 58.17
C GLU B 875 -3.68 30.84 57.44
N ASP B 876 -2.57 31.35 56.93
CA ASP B 876 -2.52 32.63 56.26
C ASP B 876 -3.09 32.57 54.85
N MET B 877 -3.23 31.37 54.30
CA MET B 877 -3.59 31.26 52.88
C MET B 877 -4.93 31.92 52.63
N THR B 878 -5.01 32.63 51.50
CA THR B 878 -6.24 33.31 51.14
C THR B 878 -7.31 32.28 50.79
N GLU B 879 -8.56 32.73 50.78
CA GLU B 879 -9.63 31.83 50.37
C GLU B 879 -9.57 31.55 48.88
N GLU B 880 -9.12 32.51 48.08
CA GLU B 880 -8.99 32.27 46.64
C GLU B 880 -7.86 31.30 46.34
N ALA B 881 -6.74 31.42 47.06
CA ALA B 881 -5.67 30.45 46.90
C ALA B 881 -6.15 29.05 47.25
N PHE B 882 -7.00 28.93 48.28
CA PHE B 882 -7.52 27.63 48.69
C PHE B 882 -8.35 27.00 47.59
N GLN B 883 -9.39 27.69 47.13
CA GLN B 883 -10.23 27.12 46.09
C GLN B 883 -9.44 26.81 44.82
N LYS B 884 -8.36 27.56 44.56
CA LYS B 884 -7.53 27.26 43.40
C LYS B 884 -6.94 25.85 43.50
N HIS B 885 -6.44 25.48 44.68
CA HIS B 885 -5.94 24.12 44.87
C HIS B 885 -7.08 23.11 44.76
N ILE B 886 -8.22 23.41 45.37
CA ILE B 886 -9.37 22.52 45.28
C ILE B 886 -9.73 22.26 43.82
N GLN B 887 -9.79 23.32 43.01
CA GLN B 887 -10.13 23.11 41.61
C GLN B 887 -8.99 22.43 40.87
N ALA B 888 -7.75 22.71 41.26
CA ALA B 888 -6.60 22.08 40.60
C ALA B 888 -6.63 20.58 40.82
N LEU B 889 -6.83 20.15 42.06
CA LEU B 889 -6.98 18.73 42.33
C LEU B 889 -8.13 18.15 41.52
N ALA B 890 -9.27 18.86 41.50
CA ALA B 890 -10.44 18.37 40.79
C ALA B 890 -10.13 18.10 39.31
N ILE B 891 -9.44 19.02 38.65
CA ILE B 891 -9.14 18.84 37.23
C ILE B 891 -8.28 17.61 37.02
N ARG B 892 -7.32 17.36 37.92
CA ARG B 892 -6.50 16.16 37.79
C ARG B 892 -7.33 14.89 37.89
N ARG B 893 -8.18 14.81 38.92
CA ARG B 893 -8.95 13.60 39.13
C ARG B 893 -9.94 13.35 38.00
N LEU B 894 -10.50 14.41 37.41
CA LEU B 894 -11.50 14.27 36.37
C LEU B 894 -10.92 14.23 34.97
N ASP B 895 -9.60 14.25 34.81
CA ASP B 895 -8.98 14.11 33.50
C ASP B 895 -9.47 12.83 32.82
N LYS B 896 -10.06 12.99 31.63
CA LYS B 896 -10.63 11.85 30.92
C LYS B 896 -9.53 11.00 30.30
N PRO B 897 -9.66 9.67 30.34
CA PRO B 897 -8.71 8.82 29.59
C PRO B 897 -8.81 9.07 28.09
N LYS B 898 -7.67 9.00 27.40
CA LYS B 898 -7.60 9.29 25.97
C LYS B 898 -7.40 8.06 25.10
N LYS B 899 -6.98 6.93 25.67
CA LYS B 899 -6.83 5.69 24.93
C LYS B 899 -7.46 4.57 25.74
N LEU B 900 -7.83 3.49 25.05
CA LEU B 900 -8.53 2.39 25.72
C LEU B 900 -7.73 1.90 26.92
N SER B 901 -6.42 1.68 26.73
CA SER B 901 -5.60 1.12 27.80
C SER B 901 -5.69 1.95 29.08
N ALA B 902 -5.78 3.28 28.94
CA ALA B 902 -5.82 4.13 30.13
C ALA B 902 -7.10 3.92 30.92
N GLU B 903 -8.24 3.83 30.22
CA GLU B 903 -9.50 3.52 30.87
C GLU B 903 -9.47 2.14 31.51
N SER B 904 -8.87 1.15 30.83
CA SER B 904 -8.76 -0.18 31.40
C SER B 904 -7.98 -0.16 32.71
N ALA B 905 -6.91 0.62 32.76
CA ALA B 905 -6.13 0.68 33.99
C ALA B 905 -6.98 1.22 35.14
N LYS B 906 -7.77 2.26 34.89
CA LYS B 906 -8.65 2.80 35.94
C LYS B 906 -9.56 1.73 36.50
N TYR B 907 -10.27 1.01 35.62
CA TYR B 907 -11.14 -0.05 36.09
C TYR B 907 -10.34 -1.18 36.75
N TRP B 908 -9.22 -1.58 36.15
CA TRP B 908 -8.44 -2.67 36.70
C TRP B 908 -7.96 -2.34 38.11
N GLY B 909 -7.64 -1.06 38.36
CA GLY B 909 -7.24 -0.67 39.70
C GLY B 909 -8.34 -0.87 40.71
N GLU B 910 -9.58 -0.59 40.32
CA GLU B 910 -10.72 -0.86 41.20
C GLU B 910 -10.88 -2.34 41.45
N ILE B 911 -10.50 -3.17 40.48
CA ILE B 911 -10.75 -4.61 40.58
C ILE B 911 -9.65 -5.30 41.37
N ILE B 912 -8.37 -4.99 41.11
CA ILE B 912 -7.33 -5.68 41.86
C ILE B 912 -7.34 -5.24 43.31
N SER B 913 -7.76 -4.00 43.58
CA SER B 913 -7.88 -3.50 44.94
C SER B 913 -9.16 -3.95 45.63
N GLN B 914 -10.06 -4.60 44.90
CA GLN B 914 -11.30 -5.12 45.45
C GLN B 914 -12.17 -4.04 46.07
N GLN B 915 -11.99 -2.78 45.65
CA GLN B 915 -12.91 -1.72 46.05
C GLN B 915 -14.07 -1.54 45.05
N TYR B 916 -13.84 -1.79 43.76
CA TYR B 916 -14.90 -1.81 42.75
C TYR B 916 -15.70 -0.50 42.70
N ASN B 917 -15.01 0.63 42.87
CA ASN B 917 -15.66 1.94 42.89
C ASN B 917 -15.49 2.64 41.54
N PHE B 918 -16.22 2.14 40.55
CA PHE B 918 -16.01 2.61 39.17
C PHE B 918 -16.41 4.07 38.96
N ASP B 919 -17.28 4.63 39.79
CA ASP B 919 -17.68 6.03 39.74
C ASP B 919 -16.94 6.88 40.77
N ARG B 920 -15.76 6.43 41.19
CA ARG B 920 -15.05 7.06 42.32
C ARG B 920 -14.77 8.53 42.07
N ASP B 921 -14.30 8.86 40.88
CA ASP B 921 -13.86 10.22 40.60
C ASP B 921 -14.99 11.22 40.82
N ASN B 922 -16.16 10.93 40.27
CA ASN B 922 -17.28 11.86 40.41
C ASN B 922 -17.65 12.05 41.88
N THR B 923 -17.82 10.96 42.63
CA THR B 923 -18.18 11.08 44.04
C THR B 923 -17.09 11.81 44.82
N GLU B 924 -15.83 11.38 44.68
CA GLU B 924 -14.77 11.95 45.49
C GLU B 924 -14.54 13.43 45.16
N VAL B 925 -14.62 13.80 43.88
CA VAL B 925 -14.44 15.20 43.53
C VAL B 925 -15.55 16.05 44.12
N ALA B 926 -16.78 15.55 44.10
CA ALA B 926 -17.91 16.27 44.69
C ALA B 926 -17.65 16.54 46.16
N TYR B 927 -17.23 15.52 46.91
CA TYR B 927 -16.94 15.72 48.33
C TYR B 927 -15.77 16.67 48.51
N LEU B 928 -14.73 16.54 47.70
CA LEU B 928 -13.58 17.43 47.78
C LEU B 928 -14.03 18.89 47.74
N LYS B 929 -14.97 19.22 46.87
CA LYS B 929 -15.35 20.61 46.66
C LYS B 929 -15.92 21.22 47.94
N THR B 930 -16.47 20.40 48.82
CA THR B 930 -17.06 20.85 50.07
C THR B 930 -16.06 20.99 51.21
N LEU B 931 -14.80 20.65 50.98
CA LEU B 931 -13.81 20.77 52.04
C LEU B 931 -13.40 22.23 52.22
N THR B 932 -12.98 22.56 53.44
CA THR B 932 -12.68 23.93 53.83
C THR B 932 -11.28 24.01 54.41
N LYS B 933 -10.68 25.21 54.33
CA LYS B 933 -9.38 25.39 54.97
C LYS B 933 -9.44 25.01 56.44
N GLU B 934 -10.58 25.26 57.09
CA GLU B 934 -10.77 24.82 58.47
C GLU B 934 -10.70 23.30 58.60
N ASP B 935 -11.36 22.58 57.67
CA ASP B 935 -11.33 21.12 57.72
C ASP B 935 -9.91 20.58 57.57
N ILE B 936 -9.17 21.13 56.60
CA ILE B 936 -7.81 20.65 56.35
C ILE B 936 -6.90 21.00 57.51
N ILE B 937 -7.09 22.17 58.11
CA ILE B 937 -6.27 22.53 59.27
C ILE B 937 -6.52 21.53 60.40
N LYS B 938 -7.79 21.20 60.65
CA LYS B 938 -8.10 20.23 61.70
C LYS B 938 -7.46 18.88 61.40
N PHE B 939 -7.46 18.49 60.13
CA PHE B 939 -6.85 17.23 59.72
C PHE B 939 -5.36 17.20 60.06
N TYR B 940 -4.65 18.28 59.74
CA TYR B 940 -3.21 18.33 60.03
C TYR B 940 -2.94 18.31 61.52
N LYS B 941 -3.71 19.09 62.30
CA LYS B 941 -3.50 19.13 63.74
C LYS B 941 -3.68 17.75 64.37
N GLU B 942 -4.64 16.96 63.87
CA GLU B 942 -4.93 15.66 64.47
C GLU B 942 -4.02 14.53 64.00
N MET B 943 -3.57 14.54 62.74
CA MET B 943 -2.91 13.38 62.14
C MET B 943 -1.43 13.57 61.83
N LEU B 944 -1.02 14.74 61.31
CA LEU B 944 0.32 14.90 60.75
C LEU B 944 1.27 15.75 61.61
N ALA B 945 0.76 16.75 62.33
CA ALA B 945 1.61 17.68 63.07
C ALA B 945 2.49 16.93 64.07
N VAL B 946 3.62 17.56 64.42
CA VAL B 946 4.61 16.92 65.28
C VAL B 946 3.98 16.51 66.61
N ASP B 947 3.05 17.33 67.14
CA ASP B 947 2.38 17.07 68.40
C ASP B 947 0.97 16.54 68.21
N ALA B 948 0.71 15.84 67.11
CA ALA B 948 -0.62 15.32 66.84
C ALA B 948 -0.92 14.13 67.75
N PRO B 949 -2.15 14.03 68.26
CA PRO B 949 -2.50 12.88 69.11
C PRO B 949 -2.47 11.54 68.37
N ARG B 950 -2.54 11.54 67.05
CA ARG B 950 -2.63 10.31 66.25
C ARG B 950 -1.55 10.27 65.17
N ARG B 951 -0.35 10.79 65.47
CA ARG B 951 0.73 10.73 64.49
C ARG B 951 1.28 9.31 64.42
N HIS B 952 1.39 8.78 63.21
CA HIS B 952 1.95 7.46 62.97
C HIS B 952 3.09 7.60 61.97
N LYS B 953 4.32 7.61 62.47
CA LYS B 953 5.50 7.92 61.66
C LYS B 953 6.47 6.75 61.67
N VAL B 954 6.84 6.29 60.48
CA VAL B 954 7.91 5.31 60.31
C VAL B 954 8.86 5.84 59.25
N SER B 955 10.16 5.66 59.47
CA SER B 955 11.18 6.21 58.60
C SER B 955 12.19 5.14 58.21
N VAL B 956 12.56 5.13 56.93
CA VAL B 956 13.59 4.23 56.39
C VAL B 956 14.77 5.09 55.98
N HIS B 957 15.93 4.81 56.57
CA HIS B 957 17.17 5.53 56.29
C HIS B 957 18.14 4.61 55.60
N VAL B 958 18.46 4.90 54.34
CA VAL B 958 19.50 4.17 53.63
C VAL B 958 20.74 5.05 53.62
N LEU B 959 21.80 4.61 54.29
CA LEU B 959 23.02 5.41 54.37
C LEU B 959 23.85 5.25 53.11
N ALA B 960 24.67 6.25 52.85
CA ALA B 960 25.55 6.20 51.69
C ALA B 960 26.68 5.21 51.92
N ARG B 961 27.36 4.87 50.83
CA ARG B 961 28.39 3.83 50.90
C ARG B 961 29.38 4.16 52.02
N GLU B 962 29.70 5.45 52.20
CA GLU B 962 30.80 5.89 53.06
C GLU B 962 30.33 6.43 54.41
N MET B 963 29.03 6.47 54.69
CA MET B 963 28.54 7.03 55.95
C MET B 963 28.70 6.03 57.09
N ASP B 964 29.30 6.48 58.20
CA ASP B 964 29.55 5.59 59.34
C ASP B 964 28.27 5.25 60.10
N SER B 965 27.54 6.26 60.56
CA SER B 965 26.34 6.04 61.35
C SER B 965 25.34 7.13 61.00
N ASN B 966 24.41 7.38 61.92
CA ASN B 966 23.41 8.41 61.73
C ASN B 966 22.59 8.56 63.01
N PRO B 967 22.72 9.69 63.72
CA PRO B 967 21.95 10.06 64.93
C PRO B 967 20.41 10.09 64.74
N ILE B 978 20.87 29.39 61.04
CA ILE B 978 21.28 30.07 59.82
C ILE B 978 20.06 30.74 59.19
N ASN B 979 20.07 30.88 57.85
CA ASN B 979 18.94 31.43 57.12
C ASN B 979 17.78 30.45 56.99
N LEU B 980 18.00 29.16 57.25
CA LEU B 980 16.96 28.16 57.10
C LEU B 980 16.02 28.21 58.29
N SER B 981 14.74 27.90 58.04
CA SER B 981 13.77 27.86 59.14
C SER B 981 14.26 26.89 60.21
N GLN B 982 13.83 27.14 61.44
CA GLN B 982 14.28 26.32 62.56
C GLN B 982 13.42 25.08 62.67
N ALA B 983 14.06 23.96 63.02
CA ALA B 983 13.39 22.67 63.04
C ALA B 983 12.94 22.30 64.45
N PRO B 984 11.76 21.68 64.55
CA PRO B 984 11.26 21.26 65.87
C PRO B 984 12.04 20.07 66.40
N ALA B 985 12.02 19.94 67.73
CA ALA B 985 12.66 18.81 68.38
C ALA B 985 11.80 17.57 68.24
N LEU B 986 12.46 16.44 67.95
CA LEU B 986 11.71 15.21 67.75
C LEU B 986 11.96 14.23 68.89
N PRO B 987 11.02 13.34 69.17
CA PRO B 987 11.22 12.34 70.20
C PRO B 987 12.30 11.33 69.81
N GLN B 988 12.65 10.48 70.77
CA GLN B 988 13.62 9.42 70.51
C GLN B 988 12.92 8.28 69.77
N PRO B 989 13.36 7.95 68.55
CA PRO B 989 12.66 6.91 67.80
C PRO B 989 13.07 5.52 68.28
N GLU B 990 12.14 4.58 68.09
CA GLU B 990 12.37 3.17 68.33
C GLU B 990 13.09 2.57 67.12
N VAL B 991 14.31 2.10 67.33
CA VAL B 991 15.11 1.58 66.24
C VAL B 991 14.71 0.13 65.97
N ILE B 992 14.14 -0.11 64.80
CA ILE B 992 13.72 -1.44 64.37
C ILE B 992 14.95 -2.29 64.12
N GLN B 993 15.09 -3.38 64.87
CA GLN B 993 16.23 -4.27 64.72
C GLN B 993 15.91 -5.50 63.88
N ASN B 994 14.64 -5.83 63.70
CA ASN B 994 14.26 -7.06 63.01
C ASN B 994 12.89 -6.87 62.38
N MET B 995 12.78 -7.08 61.06
CA MET B 995 11.52 -6.76 60.40
C MET B 995 10.41 -7.70 60.84
N THR B 996 10.74 -8.95 61.13
CA THR B 996 9.72 -9.88 61.60
C THR B 996 9.27 -9.54 63.01
N GLU B 997 10.21 -9.27 63.91
CA GLU B 997 9.85 -8.88 65.28
C GLU B 997 9.03 -7.60 65.28
N PHE B 998 9.36 -6.65 64.39
CA PHE B 998 8.59 -5.42 64.29
C PHE B 998 7.13 -5.73 64.00
N LYS B 999 6.87 -6.58 63.00
CA LYS B 999 5.51 -6.85 62.57
C LYS B 999 4.69 -7.60 63.62
N ARG B 1000 5.27 -8.63 64.25
CA ARG B 1000 4.46 -9.35 65.23
C ARG B 1000 4.21 -8.54 66.50
N GLY B 1001 4.95 -7.46 66.72
CA GLY B 1001 4.70 -6.56 67.84
C GLY B 1001 3.64 -5.52 67.60
N LEU B 1002 2.90 -5.60 66.52
CA LEU B 1002 1.94 -4.56 66.14
C LEU B 1002 0.65 -5.19 65.61
N PRO B 1003 -0.45 -4.46 65.66
CA PRO B 1003 -1.69 -4.95 65.08
C PRO B 1003 -1.64 -4.90 63.56
N LEU B 1004 -2.62 -5.54 62.94
CA LEU B 1004 -2.82 -5.47 61.51
C LEU B 1004 -4.14 -4.75 61.23
N PHE B 1005 -4.13 -3.86 60.24
CA PHE B 1005 -5.35 -3.17 59.89
C PHE B 1005 -6.39 -4.19 59.42
N PRO B 1006 -7.65 -3.80 59.39
CA PRO B 1006 -8.63 -4.63 58.69
C PRO B 1006 -8.46 -4.48 57.19
N LEU B 1007 -9.30 -5.14 56.39
CA LEU B 1007 -9.29 -4.97 54.94
C LEU B 1007 -10.45 -4.08 54.54
N VAL B 1008 -10.25 -3.33 53.45
CA VAL B 1008 -11.29 -2.39 53.05
C VAL B 1008 -12.53 -3.15 52.60
N LYS B 1009 -13.70 -2.60 52.93
CA LYS B 1009 -14.95 -3.24 52.50
C LYS B 1009 -15.22 -2.90 51.03
N PRO B 1010 -15.59 -3.88 50.21
CA PRO B 1010 -15.86 -3.57 48.81
C PRO B 1010 -17.10 -2.69 48.67
N HIS B 1011 -17.12 -1.89 47.61
CA HIS B 1011 -18.21 -0.95 47.35
C HIS B 1011 -19.50 -1.68 46.98
N ALA C 1 -10.28 -12.75 -48.62
CA ALA C 1 -9.12 -12.74 -47.71
C ALA C 1 -8.74 -14.16 -47.19
N ALA C 2 -7.44 -14.38 -46.93
CA ALA C 2 -6.97 -15.59 -46.27
C ALA C 2 -7.21 -15.51 -44.76
N ALA C 3 -7.10 -16.65 -44.09
CA ALA C 3 -7.40 -16.78 -42.66
C ALA C 3 -7.00 -15.54 -41.85
N ALA D 1 14.65 -8.19 19.11
CA ALA D 1 14.00 -6.89 18.93
C ALA D 1 14.70 -6.01 17.86
N ALA D 2 13.90 -5.22 17.14
CA ALA D 2 14.42 -4.19 16.25
C ALA D 2 14.82 -2.95 17.06
N ALA D 3 15.61 -2.08 16.41
CA ALA D 3 16.19 -0.89 17.07
C ALA D 3 15.27 -0.24 18.10
C20 J18 E . -19.40 -22.09 -37.88
C21 J18 E . -20.17 -23.21 -38.25
C22 J18 E . -21.33 -23.60 -37.53
C23 J18 E . -21.81 -22.87 -36.45
C24 J18 E . -22.02 -24.76 -37.95
C25 J18 E . -23.18 -25.21 -37.32
C26 J18 E . -21.57 -25.50 -39.03
C27 J18 E . -20.43 -25.12 -39.72
C28 J18 E . -19.72 -23.98 -39.32
C29 J18 E . -18.17 -22.23 -37.23
C11 J18 E . -9.59 -18.54 -39.12
C01 J18 E . -17.93 -17.46 -34.65
C02 J18 E . -17.95 -17.57 -36.17
C03 J18 E . -17.69 -15.43 -37.26
C04 J18 E . -16.95 -14.40 -38.17
C05 J18 E . -16.11 -15.12 -39.18
C06 J18 E . -14.87 -15.51 -38.38
C07 J18 E . -12.10 -17.61 -39.93
C08 J18 E . -11.07 -17.74 -40.88
C09 J18 E . -11.21 -17.43 -42.25
C10 J18 E . -9.82 -18.21 -40.45
C12 J18 E . -10.60 -18.40 -38.20
C13 J18 E . -11.84 -17.94 -38.60
C14 J18 E . -15.21 -17.96 -38.22
C15 J18 E . -16.71 -17.73 -37.82
C16 J18 E . -17.08 -18.72 -36.72
C17 J18 E . -17.83 -19.86 -37.11
C18 J18 E . -19.06 -19.72 -37.77
C19 J18 E . -19.83 -20.80 -38.16
C30 J18 E . -17.39 -21.14 -36.84
F01 J18 E . -10.09 -17.79 -42.95
F02 J18 E . -12.25 -18.07 -42.78
F03 J18 E . -11.38 -16.12 -42.41
N01 J18 E . -16.98 -16.67 -36.79
N02 J18 E . -14.35 -16.84 -38.72
O01 J18 E . -17.99 -18.75 -34.04
O02 J18 E . -13.88 -15.63 -40.92
O03 J18 E . -14.66 -18.03 -41.00
S01 J18 E . -13.84 -17.00 -40.23
H24 J18 E . -21.55 -21.83 -36.57
H25 J18 E . -21.36 -23.25 -35.52
H23 J18 E . -22.89 -22.97 -36.39
H26 J18 E . -23.16 -24.94 -36.26
H27 J18 E . -23.24 -26.30 -37.41
H28 J18 E . -24.06 -24.76 -37.79
H29 J18 E . -22.12 -26.38 -39.34
H3A J18 E . -20.08 -25.71 -40.56
H3B J18 E . -18.83 -23.68 -39.86
H3C J18 E . -17.82 -23.24 -37.01
H11 J18 E . -8.61 -18.91 -38.82
H01 J18 E . -18.76 -16.84 -34.31
H02 J18 E . -16.99 -16.99 -34.35
H03 J18 E . -18.91 -17.58 -36.69
H05 J18 E . -18.46 -15.90 -37.87
H04 J18 E . -18.15 -14.89 -36.44
H07 J18 E . -17.73 -13.81 -38.64
H06 J18 E . -16.29 -13.74 -37.61
H09 J18 E . -16.71 -15.97 -39.51
H08 J18 E . -15.79 -14.52 -40.03
H1B J18 E . -15.19 -15.77 -37.38
H1A J18 E . -14.19 -14.66 -38.35
H10 J18 E . -9.02 -18.32 -41.18
H12 J18 E . -10.42 -18.66 -37.16
H13 J18 E . -12.63 -17.83 -37.86
H14 J18 E . -14.73 -18.05 -37.25
H31 J18 E . -15.07 -18.90 -38.76
H15 J18 E . -17.48 -17.69 -38.60
H16 J18 E . -16.22 -18.87 -36.06
H18 J18 E . -19.42 -18.71 -37.99
H19 J18 E . -20.79 -20.64 -38.66
H30 J18 E . -16.44 -21.30 -36.32
H32 J18 E . -17.21 -19.30 -34.35
H33 J18 E . -16.18 -16.55 -36.20
N1 EPE F . -7.26 15.38 -28.98
C2 EPE F . -6.53 16.64 -28.83
C3 EPE F . -5.07 16.31 -28.58
N4 EPE F . -4.89 15.31 -27.53
C5 EPE F . -5.87 14.25 -27.34
C6 EPE F . -7.29 14.69 -27.69
C7 EPE F . -3.62 15.24 -26.81
C8 EPE F . -3.11 13.82 -26.53
O8 EPE F . -3.50 13.36 -25.25
C9 EPE F . -8.64 15.50 -29.50
C10 EPE F . -9.36 16.77 -29.03
S EPE F . -11.12 16.75 -29.49
O1S EPE F . -11.35 17.55 -30.70
O2S EPE F . -11.89 17.34 -28.39
O3S EPE F . -11.59 15.39 -29.72
H21 EPE F . -6.63 17.25 -29.73
H22 EPE F . -6.94 17.21 -27.99
H31 EPE F . -4.53 17.22 -28.31
H32 EPE F . -4.62 15.93 -29.51
H51 EPE F . -5.84 13.92 -26.30
H52 EPE F . -5.59 13.40 -27.97
H61 EPE F . -7.94 13.82 -27.74
H62 EPE F . -7.66 15.36 -26.92
H71 EPE F . -2.86 15.77 -27.40
H72 EPE F . -3.72 15.77 -25.87
H81 EPE F . -3.50 13.14 -27.29
H82 EPE F . -2.02 13.81 -26.61
HO8 EPE F . -4.02 14.06 -24.81
H91 EPE F . -8.61 15.50 -30.59
H92 EPE F . -9.21 14.64 -29.18
H101 EPE F . -9.28 16.85 -27.95
H102 EPE F . -8.88 17.65 -29.47
C20 J18 G . 28.52 0.35 23.49
C21 J18 G . 29.80 0.05 23.04
C22 J18 G . 30.96 0.48 23.73
C23 J18 G . 30.86 1.19 24.94
C24 J18 G . 32.21 0.18 23.21
C25 J18 G . 33.40 0.56 23.83
C26 J18 G . 32.33 -0.53 22.02
C27 J18 G . 31.18 -0.95 21.33
C28 J18 G . 29.93 -0.65 21.84
C29 J18 G . 27.85 1.43 22.92
C11 J18 G . 19.29 1.88 18.72
C01 J18 G . 24.38 2.68 26.90
C02 J18 G . 24.41 1.32 26.21
C03 J18 G . 22.63 -0.22 26.92
C04 J18 G . 21.32 -1.06 26.71
C05 J18 G . 21.17 -1.39 25.25
C06 J18 G . 20.61 -0.09 24.66
C07 J18 G . 20.08 0.16 20.76
C08 J18 G . 19.33 -0.34 19.67
C09 J18 G . 18.90 -1.66 19.52
C10 J18 G . 18.93 0.54 18.67
C12 J18 G . 20.05 2.35 19.78
C13 J18 G . 20.44 1.50 20.78
C14 J18 G . 22.58 0.67 23.35
C15 J18 G . 23.52 0.35 24.60
C16 J18 G . 24.59 1.43 24.71
C17 J18 G . 25.91 1.08 24.29
C18 J18 G . 26.59 -0.01 24.85
C19 J18 G . 27.87 -0.38 24.46
C30 J18 G . 26.57 1.80 23.32
F01 J18 G . 17.57 -1.68 19.55
F02 J18 G . 19.26 -2.12 18.33
F03 J18 G . 19.39 -2.42 20.45
N01 J18 G . 23.05 0.84 25.93
N02 J18 G . 21.13 0.25 23.32
O01 J18 G . 25.38 3.55 26.34
O02 J18 G . 19.73 -1.82 22.76
O03 J18 G . 21.99 -1.50 21.67
S01 J18 G . 20.73 -0.82 22.17
H24 J18 G . 29.95 0.89 25.47
H25 J18 G . 30.81 2.27 24.73
H23 J18 G . 31.72 0.97 25.57
H26 J18 G . 33.24 1.48 24.39
H27 J18 G . 34.17 0.72 23.09
H28 J18 G . 33.71 -0.22 24.52
H29 J18 G . 33.30 -0.77 21.62
H3A J18 G . 31.28 -1.50 20.39
H3B J18 G . 29.05 -0.96 21.31
H3C J18 G . 28.36 2.01 22.15
H11 J18 G . 18.97 2.55 17.92
H01 J18 G . 24.55 2.57 27.97
H02 J18 G . 23.41 3.14 26.72
H03 J18 G . 25.06 0.53 26.60
H05 J18 G . 23.48 -0.89 26.79
H04 J18 G . 22.63 0.17 27.93
H07 J18 G . 21.44 -1.95 27.31
H06 J18 G . 20.42 -0.52 27.00
H09 J18 G . 22.17 -1.64 24.89
H08 J18 G . 20.47 -2.19 25.03
H1B J18 G . 21.09 0.75 25.18
H1A J18 G . 19.54 -0.05 24.84
H10 J18 G . 18.33 0.17 17.84
H12 J18 G . 20.32 3.41 19.81
H13 J18 G . 21.04 1.88 21.60
H14 J18 G . 22.39 1.73 23.48
H31 J18 G . 23.08 0.53 22.41
H15 J18 G . 23.95 -0.65 24.71
H16 J18 G . 24.20 2.39 24.37
H18 J18 G . 26.09 -0.59 25.62
H19 J18 G . 28.36 -1.23 24.92
H30 J18 G . 26.08 2.65 22.84
H32 J18 G . 25.21 3.67 25.35
H33 J18 G . 22.44 1.62 25.79
N1 EPE H . -6.15 2.23 44.78
C2 EPE H . -6.22 3.47 45.57
C3 EPE H . -6.24 4.67 44.64
N4 EPE H . -7.23 4.47 43.61
C5 EPE H . -8.14 3.34 43.77
C6 EPE H . -7.41 2.02 44.05
C7 EPE H . -7.19 5.23 42.37
C8 EPE H . -7.77 6.65 42.49
O8 EPE H . -6.75 7.59 42.80
C9 EPE H . -5.94 1.08 45.68
C10 EPE H . -4.46 0.95 46.08
S EPE H . -4.16 -0.36 47.33
O1S EPE H . -4.15 0.27 48.65
O2S EPE H . -2.86 -1.00 47.08
O3S EPE H . -5.21 -1.36 47.31
H21 EPE H . -7.13 3.47 46.18
H22 EPE H . -5.36 3.54 46.24
H31 EPE H . -5.26 4.80 44.18
H32 EPE H . -6.46 5.57 45.20
H51 EPE H . -8.74 3.24 42.87
H52 EPE H . -8.82 3.55 44.60
H61 EPE H . -8.06 1.37 44.63
H62 EPE H . -7.20 1.53 43.10
H71 EPE H . -6.15 5.31 42.03
H72 EPE H . -7.73 4.70 41.59
H81 EPE H . -8.24 6.93 41.55
H82 EPE H . -8.52 6.66 43.26
HO8 EPE H . -5.89 7.13 42.88
H91 EPE H . -6.54 1.21 46.57
H92 EPE H . -6.26 0.18 45.18
H101 EPE H . -3.87 0.72 45.19
H102 EPE H . -4.11 1.90 46.47
#